data_9ED3
#
_entry.id   9ED3
#
_cell.length_a   1.00
_cell.length_b   1.00
_cell.length_c   1.00
_cell.angle_alpha   90.00
_cell.angle_beta   90.00
_cell.angle_gamma   90.00
#
_symmetry.space_group_name_H-M   'P 1'
#
loop_
_entity.id
_entity.type
_entity.pdbx_description
1 polymer 'DNA repair protein RAD51'
2 polymer "DNA (5'-D(P*TP*TP*TP*TP*TP*TP*TP*TP*TP*TP*TP*TP*TP*TP*TP*TP*TP*TP*TP*TP*TP*TP*TP*T)-3')"
3 non-polymer "ADENOSINE-5'-DIPHOSPHATE"
4 non-polymer 'ALUMINUM FLUORIDE'
5 non-polymer 'MAGNESIUM ION'
#
loop_
_entity_poly.entity_id
_entity_poly.type
_entity_poly.pdbx_seq_one_letter_code
_entity_poly.pdbx_strand_id
1 'polypeptide(L)'
;MSQVQEQHISESQLQYGNGSLMSTVPADLSQSVVDGNGNGSSEDIEATNGSGDGGGLQEQAEAQGEMEDEAYDEAALGSF
VPIEKLQVNGITMADVKKLRESGLHTAEAVAYAPRKDLLEIKGISEAKADKLLNEAARLVPMGFVTAADFHMRRSELICL
TTGSKNLDTLLGGGVETGSITELFGEFRTGKSQLCHTLAVTCQIPLDIGGGEGKCLYIDTEGTFRPVRLVSIAQRFGLDP
DDALNNVAYARAYNADHQLRLLDAAAQMMSESRFSLIVVDSVMALYRTDFSGRGELSARQMHLAKFMRALQRLADQFGVA
VVVTNQVVAQVDGGMAFNPDPKKPIGGNIMAHSSTTRLGFKKGKGCQRLCKVVDSPCLPEAECVFAIYEDGVGDPREEDE
;
A,C,D,E,F,B
2 'polydeoxyribonucleotide'
;(DT)(DT)(DT)(DT)(DT)(DT)(DT)(DT)(DT)(DT)(DT)(DT)(DT)(DT)(DT)(DT)(DT)(DT)(DT)(DT)
(DT)(DT)(DT)(DT)
;
K
#
# COMPACT_ATOMS: atom_id res chain seq x y z
N SER A 79 -18.03 -0.32 -68.53
CA SER A 79 -17.90 -1.33 -67.49
C SER A 79 -19.26 -1.95 -67.17
N PHE A 80 -20.33 -1.21 -67.47
CA PHE A 80 -21.69 -1.64 -67.18
C PHE A 80 -22.60 -1.15 -68.31
N VAL A 81 -23.88 -1.52 -68.21
CA VAL A 81 -24.85 -1.27 -69.26
C VAL A 81 -25.58 0.03 -68.92
N PRO A 82 -25.37 1.11 -69.67
CA PRO A 82 -26.08 2.36 -69.39
C PRO A 82 -27.58 2.18 -69.50
N ILE A 83 -28.31 2.90 -68.66
CA ILE A 83 -29.76 2.71 -68.58
C ILE A 83 -30.43 3.08 -69.91
N GLU A 84 -29.92 4.12 -70.57
CA GLU A 84 -30.54 4.60 -71.80
C GLU A 84 -30.60 3.53 -72.89
N LYS A 85 -30.00 2.36 -72.67
CA LYS A 85 -30.05 1.27 -73.63
C LYS A 85 -31.33 0.46 -73.54
N LEU A 86 -32.21 0.76 -72.59
CA LEU A 86 -33.44 -0.01 -72.40
C LEU A 86 -34.64 0.62 -73.09
N GLN A 87 -34.45 1.70 -73.84
CA GLN A 87 -35.55 2.38 -74.51
C GLN A 87 -35.87 1.63 -75.80
N VAL A 88 -36.94 0.82 -75.76
CA VAL A 88 -37.33 0.00 -76.91
C VAL A 88 -38.85 0.10 -77.09
N ASN A 89 -39.38 -0.71 -78.01
CA ASN A 89 -40.80 -0.67 -78.33
C ASN A 89 -41.65 -0.67 -77.08
N GLY A 90 -42.41 0.41 -76.88
CA GLY A 90 -43.29 0.56 -75.75
C GLY A 90 -42.72 1.35 -74.59
N ILE A 91 -41.41 1.57 -74.54
CA ILE A 91 -40.75 2.26 -73.46
C ILE A 91 -40.20 3.58 -74.00
N THR A 92 -40.58 4.68 -73.35
CA THR A 92 -40.25 6.02 -73.82
C THR A 92 -39.23 6.68 -72.88
N MET A 93 -38.86 7.91 -73.24
CA MET A 93 -37.91 8.66 -72.41
C MET A 93 -38.45 8.91 -71.01
N ALA A 94 -39.76 9.19 -70.91
CA ALA A 94 -40.33 9.55 -69.62
C ALA A 94 -40.17 8.42 -68.60
N ASP A 95 -40.39 7.17 -69.02
CA ASP A 95 -40.28 6.05 -68.09
C ASP A 95 -38.85 5.94 -67.56
N VAL A 96 -37.85 6.06 -68.43
CA VAL A 96 -36.48 5.98 -67.97
C VAL A 96 -36.13 7.16 -67.07
N LYS A 97 -36.69 8.34 -67.36
CA LYS A 97 -36.49 9.48 -66.47
C LYS A 97 -37.07 9.21 -65.09
N LYS A 98 -38.26 8.61 -65.04
CA LYS A 98 -38.86 8.26 -63.74
C LYS A 98 -37.99 7.26 -62.99
N LEU A 99 -37.47 6.25 -63.70
CA LEU A 99 -36.59 5.28 -63.07
C LEU A 99 -35.33 5.96 -62.53
N ARG A 100 -34.76 6.88 -63.30
CA ARG A 100 -33.59 7.62 -62.84
C ARG A 100 -33.90 8.42 -61.59
N GLU A 101 -35.07 9.08 -61.56
CA GLU A 101 -35.43 9.88 -60.39
C GLU A 101 -35.65 9.01 -59.17
N SER A 102 -36.23 7.82 -59.35
CA SER A 102 -36.52 6.96 -58.22
C SER A 102 -35.25 6.42 -57.55
N GLY A 103 -34.10 6.60 -58.18
CA GLY A 103 -32.85 6.09 -57.65
C GLY A 103 -32.21 5.00 -58.50
N LEU A 104 -32.79 4.64 -59.64
CA LEU A 104 -32.23 3.64 -60.54
C LEU A 104 -31.48 4.34 -61.65
N HIS A 105 -30.15 4.20 -61.65
CA HIS A 105 -29.29 4.85 -62.62
C HIS A 105 -28.50 3.88 -63.48
N THR A 106 -28.94 2.62 -63.57
CA THR A 106 -28.23 1.61 -64.34
C THR A 106 -29.23 0.54 -64.77
N ALA A 107 -28.86 -0.24 -65.79
CA ALA A 107 -29.65 -1.41 -66.15
C ALA A 107 -29.58 -2.47 -65.07
N GLU A 108 -28.43 -2.61 -64.40
CA GLU A 108 -28.32 -3.53 -63.28
C GLU A 108 -29.24 -3.12 -62.14
N ALA A 109 -29.33 -1.82 -61.85
CA ALA A 109 -30.23 -1.35 -60.81
C ALA A 109 -31.67 -1.75 -61.11
N VAL A 110 -32.09 -1.61 -62.37
CA VAL A 110 -33.44 -2.04 -62.75
C VAL A 110 -33.57 -3.55 -62.59
N ALA A 111 -32.55 -4.30 -63.01
CA ALA A 111 -32.60 -5.75 -62.91
C ALA A 111 -32.42 -6.25 -61.48
N TYR A 112 -31.91 -5.42 -60.58
CA TYR A 112 -31.71 -5.82 -59.19
C TYR A 112 -32.94 -5.61 -58.32
N ALA A 113 -34.02 -5.07 -58.86
CA ALA A 113 -35.11 -4.86 -57.92
C ALA A 113 -36.26 -5.82 -58.20
N PRO A 114 -36.98 -6.33 -57.16
CA PRO A 114 -38.13 -7.22 -57.37
C PRO A 114 -39.37 -6.45 -57.85
N ARG A 115 -40.23 -7.09 -58.65
CA ARG A 115 -41.43 -6.42 -59.21
C ARG A 115 -42.06 -5.52 -58.15
N LYS A 116 -42.29 -6.08 -56.96
CA LYS A 116 -42.93 -5.31 -55.87
C LYS A 116 -42.27 -3.94 -55.77
N ASP A 117 -40.94 -3.89 -55.82
CA ASP A 117 -40.26 -2.61 -55.62
C ASP A 117 -40.51 -1.64 -56.76
N LEU A 118 -40.64 -2.13 -58.00
CA LEU A 118 -40.88 -1.24 -59.13
C LEU A 118 -42.36 -0.89 -59.22
N LEU A 119 -42.96 -0.52 -58.10
CA LEU A 119 -44.34 -0.08 -58.06
C LEU A 119 -44.53 1.24 -57.33
N GLU A 120 -43.74 1.49 -56.29
CA GLU A 120 -43.85 2.75 -55.55
C GLU A 120 -43.59 3.95 -56.43
N ILE A 121 -42.89 3.77 -57.56
CA ILE A 121 -42.71 4.87 -58.49
C ILE A 121 -44.06 5.32 -59.03
N LYS A 122 -44.15 6.59 -59.40
CA LYS A 122 -45.38 7.17 -59.93
C LYS A 122 -45.30 7.20 -61.46
N GLY A 123 -46.05 6.32 -62.11
CA GLY A 123 -46.05 6.28 -63.56
C GLY A 123 -46.12 4.87 -64.13
N ILE A 124 -45.72 3.88 -63.34
CA ILE A 124 -45.78 2.48 -63.74
C ILE A 124 -46.70 1.75 -62.76
N SER A 125 -47.70 1.06 -63.30
CA SER A 125 -48.56 0.19 -62.50
C SER A 125 -48.42 -1.27 -62.93
N GLU A 126 -48.66 -1.57 -64.19
CA GLU A 126 -48.48 -2.90 -64.74
C GLU A 126 -48.51 -2.80 -66.26
N ALA A 127 -48.16 -3.90 -66.91
CA ALA A 127 -48.03 -3.92 -68.37
C ALA A 127 -46.78 -3.16 -68.77
N LYS A 128 -46.10 -2.57 -67.79
CA LYS A 128 -44.83 -1.88 -67.97
C LYS A 128 -43.71 -2.51 -67.15
N ALA A 129 -43.97 -2.83 -65.89
CA ALA A 129 -42.95 -3.46 -65.06
C ALA A 129 -42.55 -4.82 -65.62
N ASP A 130 -43.53 -5.58 -66.15
CA ASP A 130 -43.20 -6.87 -66.73
C ASP A 130 -42.32 -6.72 -67.97
N LYS A 131 -42.62 -5.74 -68.82
CA LYS A 131 -41.79 -5.50 -70.00
C LYS A 131 -40.39 -5.02 -69.61
N LEU A 132 -40.30 -4.16 -68.58
CA LEU A 132 -39.00 -3.73 -68.09
C LEU A 132 -38.20 -4.91 -67.55
N LEU A 133 -38.85 -5.81 -66.84
CA LEU A 133 -38.16 -6.98 -66.31
C LEU A 133 -37.70 -7.91 -67.44
N ASN A 134 -38.55 -8.09 -68.46
CA ASN A 134 -38.13 -8.87 -69.63
C ASN A 134 -36.94 -8.22 -70.31
N GLU A 135 -37.02 -6.91 -70.53
CA GLU A 135 -35.84 -6.12 -70.82
C GLU A 135 -34.96 -6.08 -69.56
N ALA A 136 -33.76 -5.52 -69.71
CA ALA A 136 -32.82 -5.39 -68.60
C ALA A 136 -32.34 -6.73 -68.07
N ALA A 137 -32.83 -7.84 -68.63
CA ALA A 137 -32.36 -9.18 -68.27
C ALA A 137 -31.63 -9.87 -69.41
N ARG A 138 -31.96 -9.53 -70.67
CA ARG A 138 -31.17 -10.02 -71.79
C ARG A 138 -29.81 -9.34 -71.86
N LEU A 139 -29.70 -8.14 -71.30
CA LEU A 139 -28.43 -7.44 -71.23
C LEU A 139 -27.63 -7.75 -69.96
N VAL A 140 -28.22 -8.48 -69.01
CA VAL A 140 -27.55 -8.82 -67.76
C VAL A 140 -27.82 -10.29 -67.47
N PRO A 141 -26.80 -11.14 -67.36
CA PRO A 141 -27.05 -12.55 -67.06
C PRO A 141 -27.53 -12.76 -65.63
N MET A 142 -28.51 -13.66 -65.48
CA MET A 142 -29.04 -14.04 -64.16
C MET A 142 -29.36 -15.53 -64.22
N GLY A 143 -28.39 -16.36 -63.87
CA GLY A 143 -28.55 -17.79 -64.00
C GLY A 143 -27.26 -18.52 -63.70
N PHE A 144 -27.19 -19.78 -64.14
CA PHE A 144 -26.11 -20.67 -63.76
C PHE A 144 -24.89 -20.51 -64.64
N VAL A 145 -23.72 -20.68 -64.03
CA VAL A 145 -22.43 -20.69 -64.70
C VAL A 145 -21.62 -21.84 -64.12
N THR A 146 -20.36 -21.92 -64.53
CA THR A 146 -19.45 -22.90 -63.98
C THR A 146 -18.66 -22.31 -62.82
N ALA A 147 -17.87 -23.16 -62.16
CA ALA A 147 -16.92 -22.67 -61.17
C ALA A 147 -15.70 -22.05 -61.84
N ALA A 148 -15.23 -22.65 -62.93
CA ALA A 148 -14.02 -22.17 -63.60
C ALA A 148 -14.24 -20.80 -64.22
N ASP A 149 -15.43 -20.55 -64.77
CA ASP A 149 -15.71 -19.23 -65.35
C ASP A 149 -15.68 -18.14 -64.30
N PHE A 150 -16.34 -18.37 -63.17
CA PHE A 150 -16.31 -17.40 -62.08
C PHE A 150 -14.89 -17.23 -61.56
N HIS A 151 -14.12 -18.31 -61.50
CA HIS A 151 -12.73 -18.21 -61.08
C HIS A 151 -11.94 -17.30 -62.02
N MET A 152 -12.09 -17.51 -63.33
CA MET A 152 -11.37 -16.70 -64.30
C MET A 152 -11.77 -15.23 -64.19
N ARG A 153 -13.06 -14.96 -64.02
CA ARG A 153 -13.50 -13.57 -63.94
C ARG A 153 -13.06 -12.91 -62.63
N ARG A 154 -13.03 -13.66 -61.53
CA ARG A 154 -12.60 -13.11 -60.26
C ARG A 154 -11.08 -12.98 -60.17
N SER A 155 -10.34 -13.69 -61.01
CA SER A 155 -8.89 -13.52 -61.05
C SER A 155 -8.49 -12.15 -61.55
N GLU A 156 -9.34 -11.48 -62.32
CA GLU A 156 -9.08 -10.12 -62.77
C GLU A 156 -9.68 -9.08 -61.82
N LEU A 157 -9.37 -9.23 -60.53
CA LEU A 157 -9.83 -8.31 -59.50
C LEU A 157 -8.65 -7.53 -58.98
N ILE A 158 -8.75 -6.20 -59.01
CA ILE A 158 -7.68 -5.34 -58.56
C ILE A 158 -7.70 -5.24 -57.05
N CYS A 159 -6.52 -5.11 -56.45
CA CYS A 159 -6.38 -4.99 -55.00
C CYS A 159 -5.60 -3.72 -54.67
N LEU A 160 -6.14 -2.90 -53.78
CA LEU A 160 -5.42 -1.72 -53.35
C LEU A 160 -4.28 -2.10 -52.41
N THR A 161 -3.25 -1.26 -52.38
CA THR A 161 -2.10 -1.47 -51.51
C THR A 161 -2.21 -0.58 -50.29
N THR A 162 -1.96 -1.17 -49.11
CA THR A 162 -2.05 -0.42 -47.86
C THR A 162 -0.89 0.54 -47.68
N GLY A 163 0.31 0.12 -48.08
CA GLY A 163 1.52 0.89 -47.88
C GLY A 163 2.50 0.29 -46.90
N SER A 164 2.09 -0.74 -46.16
CA SER A 164 2.97 -1.43 -45.23
C SER A 164 3.05 -2.89 -45.63
N LYS A 165 4.29 -3.38 -45.80
CA LYS A 165 4.48 -4.71 -46.38
C LYS A 165 3.90 -5.79 -45.49
N ASN A 166 4.02 -5.64 -44.17
CA ASN A 166 3.39 -6.60 -43.27
C ASN A 166 1.88 -6.62 -43.46
N LEU A 167 1.26 -5.43 -43.57
CA LEU A 167 -0.17 -5.37 -43.79
C LEU A 167 -0.55 -5.96 -45.15
N ASP A 168 0.21 -5.65 -46.20
CA ASP A 168 -0.10 -6.18 -47.52
C ASP A 168 -0.03 -7.70 -47.54
N THR A 169 1.02 -8.26 -46.92
CA THR A 169 1.13 -9.70 -46.84
C THR A 169 -0.01 -10.31 -46.02
N LEU A 170 -0.37 -9.65 -44.92
CA LEU A 170 -1.39 -10.20 -44.03
C LEU A 170 -2.72 -10.37 -44.74
N LEU A 171 -3.10 -9.39 -45.57
CA LEU A 171 -4.38 -9.39 -46.26
C LEU A 171 -4.34 -10.11 -47.60
N GLY A 172 -3.23 -10.76 -47.94
CA GLY A 172 -3.13 -11.51 -49.17
C GLY A 172 -2.85 -10.70 -50.41
N GLY A 173 -2.45 -9.43 -50.26
CA GLY A 173 -2.18 -8.61 -51.41
C GLY A 173 -2.62 -7.16 -51.26
N GLY A 174 -3.52 -6.90 -50.32
CA GLY A 174 -4.04 -5.57 -50.06
C GLY A 174 -5.54 -5.59 -49.92
N VAL A 175 -6.14 -4.41 -49.93
CA VAL A 175 -7.59 -4.28 -49.83
C VAL A 175 -8.22 -4.62 -51.17
N GLU A 176 -9.18 -5.54 -51.16
CA GLU A 176 -9.78 -6.03 -52.38
C GLU A 176 -11.01 -5.21 -52.76
N THR A 177 -11.47 -5.40 -53.98
CA THR A 177 -12.59 -4.67 -54.55
C THR A 177 -13.81 -5.58 -54.68
N GLY A 178 -14.99 -4.98 -54.57
CA GLY A 178 -16.22 -5.74 -54.63
C GLY A 178 -16.65 -6.38 -53.33
N SER A 179 -16.23 -5.82 -52.19
CA SER A 179 -16.56 -6.37 -50.88
C SER A 179 -16.62 -5.23 -49.88
N ILE A 180 -16.65 -5.58 -48.59
CA ILE A 180 -16.71 -4.60 -47.51
C ILE A 180 -15.71 -4.99 -46.43
N THR A 181 -14.94 -4.01 -45.97
CA THR A 181 -13.98 -4.18 -44.90
C THR A 181 -14.42 -3.34 -43.71
N GLU A 182 -14.29 -3.90 -42.50
CA GLU A 182 -14.67 -3.23 -41.26
C GLU A 182 -13.52 -3.30 -40.28
N LEU A 183 -13.09 -2.14 -39.79
CA LEU A 183 -12.00 -2.03 -38.84
C LEU A 183 -12.57 -1.55 -37.51
N PHE A 184 -12.18 -2.21 -36.42
CA PHE A 184 -12.66 -1.79 -35.12
C PHE A 184 -11.53 -1.80 -34.10
N GLY A 185 -11.69 -0.94 -33.09
CA GLY A 185 -10.74 -0.83 -32.01
C GLY A 185 -11.11 0.32 -31.09
N GLU A 186 -10.31 0.47 -30.05
CA GLU A 186 -10.50 1.55 -29.09
C GLU A 186 -9.97 2.86 -29.68
N PHE A 187 -9.92 3.91 -28.87
CA PHE A 187 -9.56 5.23 -29.38
C PHE A 187 -8.08 5.27 -29.79
N ARG A 188 -7.79 6.11 -30.78
CA ARG A 188 -6.44 6.38 -31.28
C ARG A 188 -5.67 5.11 -31.61
N THR A 189 -6.32 4.21 -32.37
CA THR A 189 -5.67 3.00 -32.83
C THR A 189 -5.29 3.03 -34.31
N GLY A 190 -5.59 4.10 -35.03
CA GLY A 190 -5.06 4.31 -36.36
C GLY A 190 -5.96 4.02 -37.54
N LYS A 191 -7.28 3.90 -37.34
CA LYS A 191 -8.17 3.55 -38.45
C LYS A 191 -8.34 4.70 -39.43
N SER A 192 -8.49 5.92 -38.91
CA SER A 192 -8.70 7.08 -39.77
C SER A 192 -7.47 7.36 -40.62
N GLN A 193 -6.27 7.21 -40.05
CA GLN A 193 -5.05 7.43 -40.83
C GLN A 193 -4.96 6.44 -41.98
N LEU A 194 -5.30 5.17 -41.73
CA LEU A 194 -5.34 4.17 -42.80
C LEU A 194 -6.35 4.55 -43.86
N CYS A 195 -7.51 5.08 -43.46
CA CYS A 195 -8.48 5.54 -44.45
C CYS A 195 -7.91 6.65 -45.32
N HIS A 196 -7.21 7.61 -44.71
CA HIS A 196 -6.58 8.68 -45.49
C HIS A 196 -5.56 8.12 -46.48
N THR A 197 -4.73 7.18 -46.01
CA THR A 197 -3.70 6.61 -46.87
C THR A 197 -4.31 5.86 -48.05
N LEU A 198 -5.37 5.09 -47.81
CA LEU A 198 -6.06 4.42 -48.92
C LEU A 198 -6.66 5.43 -49.89
N ALA A 199 -7.24 6.51 -49.35
CA ALA A 199 -7.80 7.54 -50.23
C ALA A 199 -6.74 8.09 -51.18
N VAL A 200 -5.55 8.29 -50.83
CA VAL A 200 -4.55 8.88 -51.76
C VAL A 200 -3.95 7.76 -52.60
N THR A 201 -3.88 6.51 -51.99
CA THR A 201 -3.25 5.44 -52.77
C THR A 201 -4.14 4.91 -53.89
N CYS A 202 -5.44 5.16 -53.85
CA CYS A 202 -6.28 4.61 -54.91
C CYS A 202 -6.01 5.25 -56.27
N GLN A 203 -5.27 6.34 -56.32
CA GLN A 203 -5.04 7.11 -57.54
C GLN A 203 -3.71 6.81 -58.23
N ILE A 204 -2.90 5.90 -57.68
CA ILE A 204 -1.59 5.61 -58.25
C ILE A 204 -1.75 4.66 -59.44
N PRO A 205 -0.82 4.66 -60.39
CA PRO A 205 -0.91 3.72 -61.51
C PRO A 205 -0.93 2.27 -61.04
N LEU A 206 -1.64 1.44 -61.81
CA LEU A 206 -2.00 0.10 -61.36
C LEU A 206 -0.80 -0.82 -61.16
N ASP A 207 0.29 -0.60 -61.90
CA ASP A 207 1.39 -1.56 -61.86
C ASP A 207 2.09 -1.62 -60.51
N ILE A 208 1.82 -0.67 -59.61
CA ILE A 208 2.33 -0.72 -58.25
C ILE A 208 1.21 -0.88 -57.23
N GLY A 209 -0.01 -1.24 -57.67
CA GLY A 209 -1.12 -1.42 -56.76
C GLY A 209 -2.03 -0.21 -56.62
N GLY A 210 -2.57 0.27 -57.74
CA GLY A 210 -3.51 1.38 -57.72
C GLY A 210 -4.82 1.06 -58.42
N GLY A 211 -5.63 2.07 -58.66
CA GLY A 211 -6.86 1.88 -59.42
C GLY A 211 -7.13 2.96 -60.45
N GLU A 212 -6.41 4.08 -60.36
CA GLU A 212 -6.53 5.19 -61.31
C GLU A 212 -7.92 5.84 -61.24
N GLY A 213 -8.32 6.22 -60.03
CA GLY A 213 -9.66 6.79 -59.84
C GLY A 213 -9.77 7.88 -58.80
N LYS A 214 -10.99 8.22 -58.42
CA LYS A 214 -11.29 9.30 -57.48
C LYS A 214 -11.64 8.72 -56.10
N CYS A 215 -12.08 9.59 -55.19
CA CYS A 215 -12.45 9.19 -53.84
C CYS A 215 -13.80 9.78 -53.45
N LEU A 216 -14.59 8.99 -52.72
CA LEU A 216 -15.86 9.42 -52.14
C LEU A 216 -15.75 9.28 -50.63
N TYR A 217 -15.83 10.39 -49.90
CA TYR A 217 -15.62 10.42 -48.46
C TYR A 217 -16.91 10.87 -47.79
N ILE A 218 -17.42 10.07 -46.87
CA ILE A 218 -18.61 10.39 -46.08
C ILE A 218 -18.22 10.37 -44.61
N ASP A 219 -18.41 11.49 -43.93
CA ASP A 219 -17.89 11.70 -42.59
C ASP A 219 -19.04 11.97 -41.62
N THR A 220 -19.07 11.24 -40.51
CA THR A 220 -20.08 11.40 -39.47
C THR A 220 -19.55 11.97 -38.17
N GLU A 221 -18.27 11.80 -37.87
CA GLU A 221 -17.69 12.30 -36.63
C GLU A 221 -17.08 13.68 -36.75
N GLY A 222 -16.50 14.02 -37.91
CA GLY A 222 -15.94 15.33 -38.12
C GLY A 222 -14.46 15.41 -37.84
N THR A 223 -13.69 14.49 -38.41
CA THR A 223 -12.25 14.38 -38.21
C THR A 223 -11.51 14.22 -39.53
N PHE A 224 -11.95 14.96 -40.56
CA PHE A 224 -11.32 14.92 -41.87
C PHE A 224 -10.31 16.06 -41.98
N ARG A 225 -9.10 15.72 -42.41
CA ARG A 225 -8.02 16.70 -42.54
C ARG A 225 -7.36 16.57 -43.91
N PRO A 226 -7.51 17.54 -44.80
CA PRO A 226 -6.79 17.47 -46.08
C PRO A 226 -5.28 17.46 -45.94
N VAL A 227 -4.72 18.05 -44.88
CA VAL A 227 -3.27 18.22 -44.80
C VAL A 227 -2.57 16.86 -44.79
N ARG A 228 -3.18 15.86 -44.16
CA ARG A 228 -2.58 14.53 -44.18
C ARG A 228 -2.51 14.00 -45.61
N LEU A 229 -3.54 14.26 -46.42
CA LEU A 229 -3.50 13.87 -47.83
C LEU A 229 -2.40 14.62 -48.57
N VAL A 230 -2.28 15.92 -48.31
CA VAL A 230 -1.22 16.70 -48.96
C VAL A 230 0.14 16.10 -48.65
N SER A 231 0.34 15.67 -47.41
CA SER A 231 1.64 15.11 -47.03
C SER A 231 1.84 13.69 -47.55
N ILE A 232 0.75 12.93 -47.72
CA ILE A 232 0.88 11.55 -48.20
C ILE A 232 0.94 11.45 -49.73
N ALA A 233 0.57 12.52 -50.44
CA ALA A 233 0.70 12.50 -51.89
C ALA A 233 2.15 12.56 -52.33
N GLN A 234 3.00 13.23 -51.54
CA GLN A 234 4.39 13.39 -51.94
C GLN A 234 5.12 12.05 -51.99
N ARG A 235 4.90 11.18 -50.99
CA ARG A 235 5.67 9.95 -50.90
C ARG A 235 5.46 9.03 -52.09
N PHE A 236 4.39 9.23 -52.86
CA PHE A 236 4.07 8.38 -54.00
C PHE A 236 4.26 9.09 -55.34
N GLY A 237 4.91 10.24 -55.35
CA GLY A 237 5.22 10.93 -56.59
C GLY A 237 4.09 11.66 -57.25
N LEU A 238 2.91 11.73 -56.62
CA LEU A 238 1.75 12.36 -57.22
C LEU A 238 1.79 13.86 -57.03
N ASP A 239 1.10 14.56 -57.93
CA ASP A 239 0.94 16.01 -57.82
C ASP A 239 0.03 16.35 -56.64
N PRO A 240 0.35 17.38 -55.87
CA PRO A 240 -0.52 17.75 -54.73
C PRO A 240 -1.87 18.30 -55.17
N ASP A 241 -1.88 19.27 -56.08
CA ASP A 241 -3.15 19.87 -56.49
C ASP A 241 -4.06 18.83 -57.15
N ASP A 242 -3.49 17.98 -58.01
CA ASP A 242 -4.30 16.94 -58.63
C ASP A 242 -4.64 15.82 -57.65
N ALA A 243 -3.82 15.65 -56.61
CA ALA A 243 -4.16 14.69 -55.57
C ALA A 243 -5.35 15.16 -54.75
N LEU A 244 -5.49 16.46 -54.55
CA LEU A 244 -6.63 17.02 -53.84
C LEU A 244 -7.79 17.41 -54.76
N ASN A 245 -7.62 17.28 -56.08
CA ASN A 245 -8.70 17.61 -57.01
C ASN A 245 -9.59 16.43 -57.33
N ASN A 246 -9.26 15.23 -56.87
CA ASN A 246 -9.97 14.00 -57.21
C ASN A 246 -10.60 13.37 -55.98
N VAL A 247 -11.25 14.18 -55.15
CA VAL A 247 -11.83 13.72 -53.90
C VAL A 247 -13.11 14.51 -53.62
N ALA A 248 -14.23 13.81 -53.53
CA ALA A 248 -15.51 14.40 -53.16
C ALA A 248 -15.80 14.10 -51.70
N TYR A 249 -16.29 15.11 -50.97
CA TYR A 249 -16.43 15.06 -49.53
C TYR A 249 -17.86 15.41 -49.13
N ALA A 250 -18.41 14.67 -48.18
CA ALA A 250 -19.74 14.95 -47.65
C ALA A 250 -19.76 14.68 -46.15
N ARG A 251 -20.58 15.45 -45.43
CA ARG A 251 -20.76 15.31 -44.00
C ARG A 251 -22.19 14.89 -43.70
N ALA A 252 -22.35 13.85 -42.87
CA ALA A 252 -23.64 13.34 -42.48
C ALA A 252 -24.01 13.84 -41.09
N TYR A 253 -25.28 14.20 -40.90
CA TYR A 253 -25.72 14.78 -39.64
C TYR A 253 -26.77 13.94 -38.90
N ASN A 254 -27.37 12.93 -39.53
CA ASN A 254 -28.21 11.96 -38.84
C ASN A 254 -28.42 10.80 -39.79
N ALA A 255 -29.14 9.78 -39.30
CA ALA A 255 -29.27 8.52 -40.04
C ALA A 255 -30.04 8.69 -41.34
N ASP A 256 -31.12 9.47 -41.33
CA ASP A 256 -31.87 9.72 -42.55
C ASP A 256 -30.95 10.27 -43.64
N HIS A 257 -30.22 11.34 -43.34
CA HIS A 257 -29.32 11.93 -44.31
C HIS A 257 -28.22 10.95 -44.70
N GLN A 258 -27.74 10.16 -43.74
CA GLN A 258 -26.71 9.18 -44.02
C GLN A 258 -27.17 8.22 -45.12
N LEU A 259 -28.40 7.72 -45.03
CA LEU A 259 -28.89 6.84 -46.07
C LEU A 259 -29.26 7.60 -47.35
N ARG A 260 -29.63 8.87 -47.24
CA ARG A 260 -29.97 9.65 -48.42
C ARG A 260 -28.75 9.90 -49.32
N LEU A 261 -27.56 10.07 -48.73
CA LEU A 261 -26.40 10.41 -49.53
C LEU A 261 -26.06 9.36 -50.59
N LEU A 262 -26.54 8.11 -50.43
CA LEU A 262 -26.12 7.03 -51.31
C LEU A 262 -26.69 7.17 -52.72
N ASP A 263 -27.91 7.69 -52.86
CA ASP A 263 -28.47 7.90 -54.19
C ASP A 263 -27.61 8.88 -54.99
N ALA A 264 -27.24 9.99 -54.36
CA ALA A 264 -26.36 10.94 -55.01
C ALA A 264 -25.01 10.29 -55.34
N ALA A 265 -24.48 9.49 -54.41
CA ALA A 265 -23.22 8.83 -54.68
C ALA A 265 -23.29 7.98 -55.95
N ALA A 266 -24.31 7.14 -56.06
CA ALA A 266 -24.42 6.26 -57.22
C ALA A 266 -24.64 7.05 -58.50
N GLN A 267 -25.49 8.08 -58.45
CA GLN A 267 -25.72 8.88 -59.65
C GLN A 267 -24.43 9.54 -60.13
N MET A 268 -23.65 10.11 -59.21
CA MET A 268 -22.39 10.71 -59.61
C MET A 268 -21.41 9.68 -60.14
N MET A 269 -21.33 8.51 -59.51
CA MET A 269 -20.40 7.49 -59.97
C MET A 269 -20.79 6.93 -61.33
N SER A 270 -22.05 7.08 -61.74
CA SER A 270 -22.46 6.63 -63.07
C SER A 270 -22.04 7.58 -64.18
N GLU A 271 -21.11 8.50 -63.91
CA GLU A 271 -20.61 9.45 -64.91
C GLU A 271 -19.09 9.50 -64.96
N SER A 272 -18.40 8.65 -64.21
CA SER A 272 -16.95 8.70 -64.11
C SER A 272 -16.44 7.33 -63.67
N ARG A 273 -15.17 7.26 -63.29
CA ARG A 273 -14.56 6.03 -62.81
C ARG A 273 -14.16 6.22 -61.35
N PHE A 274 -14.67 5.34 -60.49
CA PHE A 274 -14.44 5.41 -59.05
C PHE A 274 -13.85 4.10 -58.57
N SER A 275 -13.03 4.18 -57.53
CA SER A 275 -12.48 2.96 -56.96
C SER A 275 -12.44 2.96 -55.43
N LEU A 276 -13.13 3.88 -54.75
CA LEU A 276 -13.12 3.87 -53.29
C LEU A 276 -14.34 4.61 -52.75
N ILE A 277 -15.01 3.99 -51.78
CA ILE A 277 -16.05 4.63 -50.99
C ILE A 277 -15.75 4.40 -49.51
N VAL A 278 -15.80 5.46 -48.73
CA VAL A 278 -15.43 5.43 -47.31
C VAL A 278 -16.60 5.96 -46.49
N VAL A 279 -17.01 5.21 -45.47
CA VAL A 279 -17.97 5.66 -44.47
C VAL A 279 -17.29 5.58 -43.11
N ASP A 280 -17.21 6.72 -42.42
CA ASP A 280 -16.36 6.84 -41.23
C ASP A 280 -17.02 7.83 -40.28
N SER A 281 -17.68 7.33 -39.24
CA SER A 281 -17.91 5.93 -38.88
C SER A 281 -19.39 5.58 -39.01
N VAL A 282 -19.69 4.28 -38.95
CA VAL A 282 -20.99 3.81 -39.39
C VAL A 282 -22.04 3.80 -38.28
N MET A 283 -21.64 3.70 -37.01
CA MET A 283 -22.59 3.54 -35.92
C MET A 283 -22.63 4.72 -34.95
N ALA A 284 -21.87 5.78 -35.19
CA ALA A 284 -21.81 6.87 -34.23
C ALA A 284 -23.16 7.57 -34.08
N LEU A 285 -23.89 7.73 -35.19
CA LEU A 285 -25.15 8.47 -35.17
C LEU A 285 -26.35 7.61 -34.80
N TYR A 286 -26.21 6.29 -34.79
CA TYR A 286 -27.35 5.44 -34.44
C TYR A 286 -27.54 5.29 -32.95
N ARG A 287 -26.49 5.49 -32.14
CA ARG A 287 -26.58 5.25 -30.70
C ARG A 287 -27.59 6.18 -30.04
N THR A 288 -27.60 7.46 -30.40
CA THR A 288 -28.46 8.44 -29.76
C THR A 288 -29.75 8.70 -30.50
N ASP A 289 -29.89 8.22 -31.73
CA ASP A 289 -31.15 8.39 -32.47
C ASP A 289 -32.21 7.39 -32.03
N PHE A 290 -31.81 6.18 -31.64
CA PHE A 290 -32.72 5.16 -31.13
C PHE A 290 -32.20 4.75 -29.76
N SER A 291 -32.62 5.48 -28.72
CA SER A 291 -32.04 5.37 -27.39
C SER A 291 -32.96 4.58 -26.48
N GLY A 292 -32.43 3.48 -25.94
CA GLY A 292 -33.12 2.70 -24.90
C GLY A 292 -33.99 1.61 -25.46
N ARG A 293 -34.13 0.54 -24.68
CA ARG A 293 -35.03 -0.55 -25.05
C ARG A 293 -36.42 -0.03 -25.35
N GLY A 294 -37.18 -0.80 -26.13
CA GLY A 294 -38.43 -0.35 -26.68
C GLY A 294 -38.28 0.32 -28.02
N GLU A 295 -37.19 1.07 -28.23
CA GLU A 295 -36.82 1.57 -29.54
C GLU A 295 -35.86 0.66 -30.27
N LEU A 296 -35.38 -0.40 -29.61
CA LEU A 296 -34.63 -1.43 -30.30
C LEU A 296 -35.56 -2.19 -31.26
N SER A 297 -34.95 -2.91 -32.20
CA SER A 297 -35.61 -3.68 -33.24
C SER A 297 -36.10 -2.79 -34.39
N ALA A 298 -36.05 -1.47 -34.27
CA ALA A 298 -36.20 -0.56 -35.40
C ALA A 298 -34.87 0.01 -35.86
N ARG A 299 -34.01 0.33 -34.89
CA ARG A 299 -32.62 0.65 -35.18
C ARG A 299 -31.97 -0.42 -36.03
N GLN A 300 -32.21 -1.69 -35.71
CA GLN A 300 -31.58 -2.77 -36.44
C GLN A 300 -32.11 -2.88 -37.85
N MET A 301 -33.41 -2.65 -38.05
CA MET A 301 -33.95 -2.65 -39.41
C MET A 301 -33.33 -1.53 -40.25
N HIS A 302 -33.21 -0.33 -39.69
CA HIS A 302 -32.59 0.76 -40.44
C HIS A 302 -31.16 0.40 -40.83
N LEU A 303 -30.40 -0.14 -39.87
CA LEU A 303 -29.01 -0.49 -40.16
C LEU A 303 -28.91 -1.55 -41.24
N ALA A 304 -29.80 -2.55 -41.20
CA ALA A 304 -29.77 -3.61 -42.21
C ALA A 304 -30.06 -3.05 -43.60
N LYS A 305 -31.02 -2.13 -43.70
CA LYS A 305 -31.29 -1.51 -45.00
C LYS A 305 -30.07 -0.75 -45.51
N PHE A 306 -29.40 -0.01 -44.63
CA PHE A 306 -28.21 0.72 -45.05
C PHE A 306 -27.15 -0.22 -45.60
N MET A 307 -26.89 -1.32 -44.88
CA MET A 307 -25.85 -2.25 -45.32
C MET A 307 -26.21 -2.90 -46.66
N ARG A 308 -27.49 -3.24 -46.85
CA ARG A 308 -27.90 -3.81 -48.14
C ARG A 308 -27.65 -2.82 -49.27
N ALA A 309 -27.97 -1.54 -49.06
CA ALA A 309 -27.72 -0.55 -50.10
C ALA A 309 -26.23 -0.45 -50.43
N LEU A 310 -25.38 -0.46 -49.41
CA LEU A 310 -23.94 -0.41 -49.64
C LEU A 310 -23.47 -1.58 -50.49
N GLN A 311 -23.94 -2.79 -50.15
CA GLN A 311 -23.53 -3.97 -50.91
C GLN A 311 -23.99 -3.87 -52.37
N ARG A 312 -25.20 -3.38 -52.59
CA ARG A 312 -25.69 -3.23 -53.97
C ARG A 312 -24.80 -2.27 -54.75
N LEU A 313 -24.43 -1.14 -54.13
CA LEU A 313 -23.50 -0.23 -54.80
C LEU A 313 -22.21 -0.95 -55.20
N ALA A 314 -21.61 -1.66 -54.24
CA ALA A 314 -20.33 -2.30 -54.50
C ALA A 314 -20.43 -3.30 -55.65
N ASP A 315 -21.53 -4.06 -55.71
CA ASP A 315 -21.67 -5.01 -56.81
C ASP A 315 -21.97 -4.31 -58.14
N GLN A 316 -22.70 -3.21 -58.10
CA GLN A 316 -23.02 -2.50 -59.33
C GLN A 316 -21.77 -1.96 -60.01
N PHE A 317 -20.92 -1.26 -59.25
CA PHE A 317 -19.82 -0.53 -59.88
C PHE A 317 -18.46 -1.20 -59.73
N GLY A 318 -18.38 -2.32 -59.03
CA GLY A 318 -17.11 -3.00 -58.87
C GLY A 318 -16.06 -2.16 -58.15
N VAL A 319 -16.42 -1.58 -57.02
CA VAL A 319 -15.52 -0.71 -56.26
C VAL A 319 -15.23 -1.33 -54.90
N ALA A 320 -14.43 -0.63 -54.09
CA ALA A 320 -14.14 -1.04 -52.72
C ALA A 320 -14.83 -0.11 -51.73
N VAL A 321 -15.19 -0.67 -50.57
CA VAL A 321 -15.92 0.05 -49.53
C VAL A 321 -15.23 -0.18 -48.19
N VAL A 322 -15.09 0.88 -47.41
CA VAL A 322 -14.45 0.82 -46.09
C VAL A 322 -15.36 1.47 -45.06
N VAL A 323 -15.42 0.88 -43.86
CA VAL A 323 -16.27 1.35 -42.77
C VAL A 323 -15.57 1.09 -41.45
N THR A 324 -15.78 1.97 -40.48
CA THR A 324 -15.13 1.91 -39.16
C THR A 324 -16.17 1.72 -38.06
N ASN A 325 -15.69 1.36 -36.86
CA ASN A 325 -16.59 0.97 -35.77
C ASN A 325 -15.97 1.31 -34.40
N GLN A 326 -16.83 1.33 -33.38
CA GLN A 326 -16.48 1.62 -31.98
C GLN A 326 -16.62 0.37 -31.12
N VAL A 327 -16.34 0.52 -29.81
CA VAL A 327 -16.36 -0.59 -28.86
C VAL A 327 -17.03 -0.19 -27.55
N VAL A 328 -17.48 -1.21 -26.81
CA VAL A 328 -17.99 -1.05 -25.44
C VAL A 328 -17.44 -2.17 -24.56
N ALA A 329 -17.54 -1.94 -23.25
CA ALA A 329 -17.07 -2.88 -22.23
C ALA A 329 -18.12 -3.93 -21.89
N GLN A 330 -17.65 -5.09 -21.45
CA GLN A 330 -18.51 -6.18 -21.01
C GLN A 330 -18.56 -6.18 -19.49
N VAL A 331 -19.76 -5.99 -18.93
CA VAL A 331 -19.91 -5.86 -17.49
C VAL A 331 -20.51 -7.12 -16.88
N PRO A 341 -11.93 -7.91 -23.32
CA PRO A 341 -12.76 -7.17 -22.37
C PRO A 341 -13.56 -6.05 -23.03
N LYS A 342 -13.46 -5.93 -24.36
CA LYS A 342 -14.22 -4.95 -25.11
C LYS A 342 -14.68 -5.59 -26.42
N LYS A 343 -15.85 -5.16 -26.89
CA LYS A 343 -16.40 -5.72 -28.11
C LYS A 343 -17.06 -4.63 -28.94
N PRO A 344 -17.13 -4.81 -30.26
CA PRO A 344 -17.75 -3.80 -31.12
C PRO A 344 -19.26 -3.74 -30.97
N ILE A 345 -19.80 -2.56 -31.23
CA ILE A 345 -21.24 -2.33 -31.15
C ILE A 345 -21.88 -2.62 -32.50
N GLY A 346 -23.19 -2.82 -32.49
CA GLY A 346 -23.92 -3.10 -33.71
C GLY A 346 -24.81 -4.31 -33.65
N GLY A 347 -24.41 -5.34 -32.89
CA GLY A 347 -25.22 -6.53 -32.76
C GLY A 347 -24.87 -7.62 -33.74
N ASN A 348 -25.86 -8.41 -34.13
CA ASN A 348 -25.64 -9.51 -35.07
C ASN A 348 -25.84 -9.12 -36.52
N ILE A 349 -26.69 -8.12 -36.78
CA ILE A 349 -26.82 -7.59 -38.13
C ILE A 349 -25.46 -7.13 -38.65
N MET A 350 -24.75 -6.35 -37.85
CA MET A 350 -23.42 -5.88 -38.23
C MET A 350 -22.47 -7.05 -38.45
N ALA A 351 -22.47 -8.03 -37.54
CA ALA A 351 -21.51 -9.12 -37.63
C ALA A 351 -21.72 -9.94 -38.89
N HIS A 352 -22.98 -10.24 -39.24
CA HIS A 352 -23.24 -11.06 -40.41
C HIS A 352 -23.12 -10.27 -41.72
N SER A 353 -23.42 -8.97 -41.71
CA SER A 353 -23.46 -8.21 -42.96
C SER A 353 -22.07 -7.92 -43.51
N SER A 354 -21.11 -7.61 -42.65
CA SER A 354 -19.77 -7.24 -43.09
C SER A 354 -19.06 -8.45 -43.71
N THR A 355 -18.07 -8.16 -44.55
CA THR A 355 -17.34 -9.19 -45.28
C THR A 355 -16.00 -9.54 -44.65
N THR A 356 -15.18 -8.53 -44.33
CA THR A 356 -13.93 -8.75 -43.60
C THR A 356 -13.93 -7.91 -42.34
N ARG A 357 -13.37 -8.45 -41.26
CA ARG A 357 -13.32 -7.76 -39.97
C ARG A 357 -11.90 -7.79 -39.42
N LEU A 358 -11.41 -6.63 -39.01
CA LEU A 358 -10.05 -6.48 -38.49
C LEU A 358 -10.08 -5.72 -37.18
N GLY A 359 -9.24 -6.15 -36.23
CA GLY A 359 -9.16 -5.53 -34.92
C GLY A 359 -7.79 -4.92 -34.71
N PHE A 360 -7.79 -3.67 -34.23
CA PHE A 360 -6.56 -2.90 -34.04
C PHE A 360 -6.28 -2.70 -32.56
N LYS A 361 -5.00 -2.72 -32.20
CA LYS A 361 -4.57 -2.57 -30.81
C LYS A 361 -3.41 -1.60 -30.73
N LYS A 362 -3.28 -0.97 -29.56
CA LYS A 362 -2.20 -0.03 -29.30
C LYS A 362 -0.92 -0.77 -28.93
N GLY A 363 0.21 -0.24 -29.42
CA GLY A 363 1.51 -0.81 -29.10
C GLY A 363 2.41 0.18 -28.37
N LYS A 364 3.70 0.08 -28.63
CA LYS A 364 4.68 0.94 -27.96
C LYS A 364 5.06 2.10 -28.87
N GLY A 365 5.14 3.30 -28.30
CA GLY A 365 5.50 4.48 -29.05
C GLY A 365 4.52 4.78 -30.16
N CYS A 366 4.92 4.54 -31.41
CA CYS A 366 4.08 4.76 -32.58
C CYS A 366 3.77 3.47 -33.31
N GLN A 367 3.81 2.33 -32.63
CA GLN A 367 3.51 1.05 -33.22
C GLN A 367 2.08 0.63 -32.89
N ARG A 368 1.48 -0.14 -33.80
CA ARG A 368 0.13 -0.66 -33.62
C ARG A 368 0.10 -2.11 -34.08
N LEU A 369 -0.87 -2.85 -33.56
CA LEU A 369 -1.04 -4.26 -33.86
C LEU A 369 -2.36 -4.49 -34.58
N CYS A 370 -2.36 -5.46 -35.49
CA CYS A 370 -3.55 -5.78 -36.29
C CYS A 370 -3.81 -7.27 -36.25
N LYS A 371 -5.08 -7.65 -36.26
CA LYS A 371 -5.45 -9.05 -36.26
C LYS A 371 -6.73 -9.26 -37.07
N VAL A 372 -6.66 -10.24 -37.99
CA VAL A 372 -7.85 -10.63 -38.76
C VAL A 372 -8.79 -11.42 -37.86
N VAL A 373 -10.06 -11.04 -37.87
CA VAL A 373 -11.05 -11.71 -37.03
C VAL A 373 -12.04 -12.54 -37.84
N ASP A 374 -12.35 -12.15 -39.08
CA ASP A 374 -13.31 -12.87 -39.88
C ASP A 374 -12.96 -12.72 -41.36
N SER A 375 -12.90 -13.84 -42.07
CA SER A 375 -12.61 -13.85 -43.49
C SER A 375 -12.90 -15.24 -44.06
N PRO A 376 -13.47 -15.33 -45.26
CA PRO A 376 -13.83 -16.65 -45.80
C PRO A 376 -12.67 -17.42 -46.43
N CYS A 377 -11.57 -16.76 -46.79
CA CYS A 377 -10.46 -17.43 -47.46
C CYS A 377 -9.13 -16.93 -46.91
N LEU A 378 -9.04 -16.73 -45.60
CA LEU A 378 -7.82 -16.25 -44.98
C LEU A 378 -7.62 -16.96 -43.65
N PRO A 379 -6.38 -17.13 -43.22
CA PRO A 379 -6.13 -17.64 -41.86
C PRO A 379 -6.33 -16.55 -40.82
N GLU A 380 -6.04 -16.84 -39.56
CA GLU A 380 -6.09 -15.84 -38.49
C GLU A 380 -4.69 -15.65 -37.93
N ALA A 381 -4.13 -14.46 -38.15
CA ALA A 381 -2.77 -14.14 -37.72
C ALA A 381 -2.75 -12.73 -37.16
N GLU A 382 -1.58 -12.32 -36.68
CA GLU A 382 -1.40 -10.97 -36.14
C GLU A 382 -0.15 -10.35 -36.75
N CYS A 383 -0.19 -9.03 -36.90
CA CYS A 383 0.89 -8.31 -37.57
C CYS A 383 1.11 -6.97 -36.87
N VAL A 384 2.25 -6.35 -37.18
CA VAL A 384 2.67 -5.10 -36.56
C VAL A 384 2.88 -4.06 -37.65
N PHE A 385 2.38 -2.85 -37.44
CA PHE A 385 2.64 -1.75 -38.36
C PHE A 385 2.90 -0.50 -37.53
N ALA A 386 3.14 0.62 -38.22
CA ALA A 386 3.46 1.85 -37.52
C ALA A 386 2.95 3.04 -38.30
N ILE A 387 2.77 4.15 -37.59
CA ILE A 387 2.27 5.40 -38.15
C ILE A 387 3.43 6.39 -38.21
N TYR A 388 3.56 7.08 -39.34
CA TYR A 388 4.61 8.07 -39.52
C TYR A 388 4.03 9.27 -40.25
N GLU A 389 4.82 10.34 -40.36
CA GLU A 389 4.33 11.56 -40.98
C GLU A 389 3.92 11.36 -42.44
N ASP A 390 4.38 10.29 -43.08
CA ASP A 390 3.99 10.01 -44.45
C ASP A 390 2.88 8.96 -44.55
N GLY A 391 2.55 8.27 -43.47
CA GLY A 391 1.43 7.34 -43.50
C GLY A 391 1.65 6.05 -42.74
N VAL A 392 0.96 4.99 -43.17
CA VAL A 392 1.09 3.68 -42.56
C VAL A 392 2.28 2.97 -43.19
N GLY A 393 3.20 2.49 -42.35
CA GLY A 393 4.39 1.83 -42.83
C GLY A 393 4.75 0.63 -41.98
N ASP A 394 5.81 -0.06 -42.41
CA ASP A 394 6.34 -1.18 -41.66
C ASP A 394 7.03 -0.67 -40.41
N PRO A 395 7.19 -1.53 -39.40
CA PRO A 395 7.82 -1.07 -38.16
C PRO A 395 9.29 -0.72 -38.38
N ARG A 396 9.52 0.41 -39.04
CA ARG A 396 10.86 0.86 -39.38
C ARG A 396 11.56 -0.15 -40.29
N SER B 79 -32.41 32.98 6.29
CA SER B 79 -31.55 32.93 5.11
C SER B 79 -32.00 31.83 4.16
N PHE B 80 -33.01 31.09 4.57
CA PHE B 80 -33.55 29.99 3.78
C PHE B 80 -35.07 30.11 3.70
N VAL B 81 -35.63 29.64 2.60
CA VAL B 81 -37.08 29.67 2.41
C VAL B 81 -37.68 28.44 3.10
N PRO B 82 -38.66 28.61 3.99
CA PRO B 82 -39.26 27.45 4.65
C PRO B 82 -39.99 26.55 3.67
N ILE B 83 -40.05 25.26 4.02
CA ILE B 83 -40.71 24.27 3.17
C ILE B 83 -42.23 24.39 3.23
N GLU B 84 -42.77 25.05 4.26
CA GLU B 84 -44.23 25.20 4.36
C GLU B 84 -44.80 26.00 3.20
N LYS B 85 -43.98 26.81 2.52
CA LYS B 85 -44.45 27.52 1.34
C LYS B 85 -44.73 26.61 0.16
N LEU B 86 -44.34 25.33 0.23
CA LEU B 86 -44.58 24.42 -0.87
C LEU B 86 -46.05 24.02 -1.01
N GLN B 87 -46.90 24.37 -0.05
CA GLN B 87 -48.34 24.09 -0.14
C GLN B 87 -49.05 25.38 -0.53
N VAL B 88 -49.45 25.48 -1.79
CA VAL B 88 -50.13 26.67 -2.29
C VAL B 88 -51.44 26.28 -2.97
N ASN B 89 -51.37 25.40 -3.97
CA ASN B 89 -52.56 24.98 -4.70
C ASN B 89 -52.36 23.55 -5.17
N GLY B 90 -53.12 22.61 -4.60
CA GLY B 90 -52.99 21.21 -4.91
C GLY B 90 -52.12 20.42 -3.96
N ILE B 91 -51.38 21.09 -3.07
CA ILE B 91 -50.51 20.44 -2.11
C ILE B 91 -51.11 20.62 -0.72
N THR B 92 -51.21 19.53 0.04
CA THR B 92 -51.78 19.54 1.37
C THR B 92 -50.71 19.34 2.43
N MET B 93 -51.08 19.65 3.67
CA MET B 93 -50.14 19.54 4.79
C MET B 93 -49.60 18.12 4.94
N ALA B 94 -50.40 17.12 4.57
CA ALA B 94 -49.95 15.73 4.70
C ALA B 94 -48.73 15.48 3.82
N ASP B 95 -48.70 16.06 2.62
CA ASP B 95 -47.56 15.88 1.74
C ASP B 95 -46.28 16.47 2.35
N VAL B 96 -46.38 17.68 2.92
CA VAL B 96 -45.21 18.29 3.55
C VAL B 96 -44.77 17.47 4.75
N LYS B 97 -45.72 16.91 5.50
CA LYS B 97 -45.37 16.03 6.61
C LYS B 97 -44.62 14.79 6.12
N LYS B 98 -45.08 14.19 5.03
CA LYS B 98 -44.39 13.04 4.45
C LYS B 98 -42.97 13.42 4.02
N LEU B 99 -42.82 14.58 3.37
CA LEU B 99 -41.49 15.03 2.96
C LEU B 99 -40.59 15.20 4.18
N ARG B 100 -41.10 15.82 5.23
CA ARG B 100 -40.30 16.03 6.44
C ARG B 100 -39.87 14.70 7.04
N GLU B 101 -40.78 13.72 7.07
CA GLU B 101 -40.36 12.38 7.51
C GLU B 101 -39.30 11.80 6.58
N SER B 102 -39.32 12.19 5.29
CA SER B 102 -38.31 11.70 4.37
C SER B 102 -36.94 12.29 4.66
N GLY B 103 -36.89 13.57 5.04
CA GLY B 103 -35.61 14.20 5.34
C GLY B 103 -35.38 15.51 4.63
N LEU B 104 -36.43 16.12 4.10
CA LEU B 104 -36.36 17.44 3.48
C LEU B 104 -36.98 18.46 4.43
N HIS B 105 -36.23 19.54 4.71
CA HIS B 105 -36.66 20.52 5.71
C HIS B 105 -36.64 21.95 5.18
N THR B 106 -36.45 22.15 3.88
CA THR B 106 -36.39 23.49 3.32
C THR B 106 -36.73 23.39 1.83
N ALA B 107 -37.11 24.54 1.25
CA ALA B 107 -37.47 24.56 -0.17
C ALA B 107 -36.27 24.25 -1.06
N GLU B 108 -35.07 24.69 -0.66
CA GLU B 108 -33.87 24.40 -1.43
C GLU B 108 -33.65 22.89 -1.54
N ALA B 109 -33.88 22.15 -0.46
CA ALA B 109 -33.72 20.71 -0.50
C ALA B 109 -34.66 20.07 -1.52
N VAL B 110 -35.75 20.72 -1.88
CA VAL B 110 -36.64 20.21 -2.92
C VAL B 110 -36.18 20.68 -4.30
N ALA B 111 -35.69 21.92 -4.40
CA ALA B 111 -35.24 22.42 -5.69
C ALA B 111 -34.02 21.64 -6.20
N TYR B 112 -33.11 21.26 -5.30
CA TYR B 112 -31.88 20.57 -5.69
C TYR B 112 -32.06 19.08 -5.88
N ALA B 113 -33.26 18.54 -5.68
CA ALA B 113 -33.35 17.08 -5.72
C ALA B 113 -33.84 16.61 -7.09
N PRO B 114 -33.29 15.50 -7.60
CA PRO B 114 -33.76 14.98 -8.88
C PRO B 114 -35.13 14.35 -8.77
N ARG B 115 -35.78 14.17 -9.92
CA ARG B 115 -37.15 13.67 -9.94
C ARG B 115 -37.25 12.24 -9.42
N LYS B 116 -36.30 11.38 -9.79
CA LYS B 116 -36.37 10.00 -9.34
C LYS B 116 -36.11 9.86 -7.84
N ASP B 117 -35.53 10.88 -7.22
CA ASP B 117 -35.47 10.91 -5.76
C ASP B 117 -36.82 11.26 -5.16
N LEU B 118 -37.53 12.22 -5.76
CA LEU B 118 -38.85 12.58 -5.25
C LEU B 118 -39.83 11.43 -5.40
N LEU B 119 -39.79 10.71 -6.52
CA LEU B 119 -40.71 9.59 -6.71
C LEU B 119 -40.19 8.35 -6.00
N GLU B 120 -39.83 8.50 -4.73
CA GLU B 120 -39.35 7.37 -3.93
C GLU B 120 -39.95 7.37 -2.52
N ILE B 121 -40.74 8.36 -2.16
CA ILE B 121 -41.38 8.41 -0.86
C ILE B 121 -42.80 7.88 -1.00
N LYS B 122 -43.11 6.81 -0.29
CA LYS B 122 -44.44 6.23 -0.37
C LYS B 122 -45.49 7.26 0.04
N GLY B 123 -46.53 7.39 -0.77
CA GLY B 123 -47.52 8.43 -0.62
C GLY B 123 -47.36 9.58 -1.60
N ILE B 124 -46.22 9.67 -2.27
CA ILE B 124 -45.98 10.68 -3.29
C ILE B 124 -46.15 10.01 -4.65
N SER B 125 -46.97 10.60 -5.51
CA SER B 125 -47.27 10.06 -6.82
C SER B 125 -46.86 11.05 -7.90
N GLU B 126 -46.75 10.54 -9.13
CA GLU B 126 -46.45 11.41 -10.25
C GLU B 126 -47.52 12.48 -10.38
N ALA B 127 -47.21 13.50 -11.19
CA ALA B 127 -48.09 14.63 -11.39
C ALA B 127 -48.11 15.52 -10.16
N LYS B 128 -47.48 15.07 -9.08
CA LYS B 128 -47.24 15.90 -7.91
C LYS B 128 -45.78 16.27 -7.73
N ALA B 129 -44.85 15.37 -8.07
CA ALA B 129 -43.44 15.74 -8.09
C ALA B 129 -43.19 16.82 -9.13
N ASP B 130 -43.85 16.73 -10.29
CA ASP B 130 -43.71 17.77 -11.30
C ASP B 130 -44.19 19.12 -10.76
N LYS B 131 -45.33 19.13 -10.07
CA LYS B 131 -45.83 20.37 -9.49
C LYS B 131 -44.87 20.91 -8.43
N LEU B 132 -44.34 20.03 -7.59
CA LEU B 132 -43.41 20.47 -6.55
C LEU B 132 -42.17 21.10 -7.16
N LEU B 133 -41.60 20.47 -8.19
CA LEU B 133 -40.42 21.04 -8.84
C LEU B 133 -40.74 22.37 -9.52
N ASN B 134 -41.89 22.44 -10.19
CA ASN B 134 -42.27 23.69 -10.86
C ASN B 134 -42.43 24.81 -9.84
N GLU B 135 -43.01 24.52 -8.68
CA GLU B 135 -43.16 25.55 -7.65
C GLU B 135 -41.82 25.93 -7.03
N ALA B 136 -40.98 24.93 -6.72
CA ALA B 136 -39.70 25.21 -6.10
C ALA B 136 -38.82 26.07 -7.00
N ALA B 137 -38.84 25.80 -8.30
CA ALA B 137 -38.05 26.61 -9.23
C ALA B 137 -38.45 28.08 -9.19
N ARG B 138 -39.67 28.39 -8.76
CA ARG B 138 -40.12 29.77 -8.70
C ARG B 138 -39.53 30.53 -7.52
N LEU B 139 -39.29 29.84 -6.40
CA LEU B 139 -38.84 30.47 -5.17
C LEU B 139 -37.33 30.43 -4.98
N VAL B 140 -36.65 29.51 -5.65
CA VAL B 140 -35.20 29.37 -5.58
C VAL B 140 -34.65 29.55 -6.99
N PRO B 141 -33.86 30.60 -7.25
CA PRO B 141 -33.45 30.90 -8.63
C PRO B 141 -32.38 29.94 -9.13
N MET B 142 -32.60 29.39 -10.33
CA MET B 142 -31.66 28.46 -10.96
C MET B 142 -31.57 28.80 -12.45
N GLY B 143 -30.64 29.69 -12.80
CA GLY B 143 -30.47 30.13 -14.17
C GLY B 143 -29.08 30.64 -14.44
N PHE B 144 -28.96 31.65 -15.29
CA PHE B 144 -27.69 32.22 -15.72
C PHE B 144 -27.60 33.66 -15.23
N VAL B 145 -26.40 34.08 -14.82
CA VAL B 145 -26.13 35.48 -14.45
C VAL B 145 -24.73 35.85 -14.91
N THR B 146 -24.40 37.12 -14.72
CA THR B 146 -23.11 37.67 -15.11
C THR B 146 -22.14 37.62 -13.94
N ALA B 147 -20.85 37.51 -14.26
CA ALA B 147 -19.82 37.30 -13.24
C ALA B 147 -19.72 38.46 -12.25
N ALA B 148 -20.18 39.65 -12.63
CA ALA B 148 -20.15 40.77 -11.69
C ALA B 148 -21.09 40.53 -10.50
N ASP B 149 -22.27 39.98 -10.76
CA ASP B 149 -23.21 39.67 -9.68
C ASP B 149 -22.61 38.65 -8.72
N PHE B 150 -22.00 37.60 -9.27
CA PHE B 150 -21.34 36.59 -8.43
C PHE B 150 -20.21 37.22 -7.63
N HIS B 151 -19.44 38.11 -8.25
CA HIS B 151 -18.33 38.74 -7.54
C HIS B 151 -18.82 39.54 -6.35
N MET B 152 -19.89 40.33 -6.53
CA MET B 152 -20.44 41.07 -5.41
C MET B 152 -20.93 40.14 -4.30
N ARG B 153 -21.71 39.13 -4.68
CA ARG B 153 -22.30 38.25 -3.67
C ARG B 153 -21.22 37.54 -2.86
N ARG B 154 -20.16 37.05 -3.52
CA ARG B 154 -19.08 36.43 -2.77
C ARG B 154 -18.24 37.46 -2.02
N SER B 155 -18.23 38.72 -2.46
CA SER B 155 -17.55 39.75 -1.70
C SER B 155 -18.22 39.93 -0.33
N GLU B 156 -19.54 39.82 -0.28
CA GLU B 156 -20.22 39.86 1.01
C GLU B 156 -20.29 38.45 1.60
N LEU B 157 -19.23 38.05 2.31
CA LEU B 157 -19.18 36.74 2.95
C LEU B 157 -18.33 36.84 4.21
N ILE B 158 -18.52 35.86 5.10
CA ILE B 158 -18.00 35.92 6.47
C ILE B 158 -16.86 34.93 6.67
N CYS B 159 -15.92 35.31 7.52
CA CYS B 159 -14.76 34.50 7.86
C CYS B 159 -14.65 34.35 9.38
N LEU B 160 -14.09 33.21 9.82
CA LEU B 160 -14.00 32.87 11.23
C LEU B 160 -12.54 32.87 11.68
N THR B 161 -12.25 33.59 12.75
CA THR B 161 -10.88 33.75 13.23
C THR B 161 -10.43 32.51 14.00
N THR B 162 -9.18 32.11 13.78
CA THR B 162 -8.63 30.91 14.40
C THR B 162 -7.84 31.20 15.68
N GLY B 163 -7.73 32.46 16.09
CA GLY B 163 -6.96 32.82 17.26
C GLY B 163 -5.49 33.09 17.01
N SER B 164 -4.99 32.79 15.82
CA SER B 164 -3.60 33.01 15.46
C SER B 164 -3.55 33.96 14.27
N LYS B 165 -2.72 35.01 14.38
CA LYS B 165 -2.64 35.99 13.31
C LYS B 165 -1.85 35.45 12.12
N ASN B 166 -0.85 34.59 12.38
CA ASN B 166 -0.12 33.98 11.29
C ASN B 166 -1.05 33.20 10.37
N LEU B 167 -1.87 32.33 10.94
CA LEU B 167 -2.78 31.51 10.14
C LEU B 167 -3.80 32.37 9.41
N ASP B 168 -4.33 33.40 10.08
CA ASP B 168 -5.28 34.29 9.42
C ASP B 168 -4.66 34.96 8.20
N THR B 169 -3.43 35.45 8.33
CA THR B 169 -2.75 36.05 7.19
C THR B 169 -2.50 35.01 6.09
N LEU B 170 -2.12 33.80 6.48
CA LEU B 170 -1.84 32.77 5.47
C LEU B 170 -3.09 32.42 4.67
N LEU B 171 -4.24 32.34 5.32
CA LEU B 171 -5.46 31.87 4.67
C LEU B 171 -6.26 32.97 4.00
N GLY B 172 -5.87 34.22 4.14
CA GLY B 172 -6.68 35.31 3.65
C GLY B 172 -7.95 35.52 4.45
N GLY B 173 -7.81 35.93 5.70
CA GLY B 173 -8.95 36.07 6.59
C GLY B 173 -9.19 34.91 7.54
N GLY B 174 -9.42 33.71 6.99
CA GLY B 174 -9.64 32.55 7.81
C GLY B 174 -10.65 31.62 7.16
N VAL B 175 -11.03 30.57 7.91
CA VAL B 175 -11.98 29.59 7.41
C VAL B 175 -13.27 30.30 7.02
N GLU B 176 -13.76 30.02 5.81
CA GLU B 176 -14.91 30.73 5.26
C GLU B 176 -16.12 29.80 5.15
N THR B 177 -17.30 30.41 5.30
CA THR B 177 -18.56 29.67 5.31
C THR B 177 -19.01 29.36 3.89
N GLY B 178 -19.36 28.09 3.65
CA GLY B 178 -19.89 27.70 2.36
C GLY B 178 -19.15 26.57 1.69
N SER B 179 -17.92 26.28 2.13
CA SER B 179 -17.11 25.25 1.48
C SER B 179 -16.56 24.26 2.51
N ILE B 180 -15.65 23.39 2.06
CA ILE B 180 -15.08 22.34 2.90
C ILE B 180 -13.57 22.55 3.02
N THR B 181 -13.09 22.60 4.26
CA THR B 181 -11.68 22.71 4.59
C THR B 181 -11.26 21.47 5.35
N GLU B 182 -10.14 20.86 4.94
CA GLU B 182 -9.66 19.64 5.56
C GLU B 182 -8.29 19.89 6.20
N LEU B 183 -8.07 19.23 7.33
CA LEU B 183 -6.84 19.31 8.11
C LEU B 183 -6.24 17.92 8.21
N PHE B 184 -4.97 17.76 7.86
CA PHE B 184 -4.35 16.44 7.98
C PHE B 184 -2.95 16.57 8.56
N GLY B 185 -2.52 15.48 9.18
CA GLY B 185 -1.24 15.42 9.88
C GLY B 185 -1.17 14.16 10.70
N GLU B 186 -0.07 14.05 11.45
CA GLU B 186 0.17 12.91 12.32
C GLU B 186 -0.25 13.24 13.75
N PHE B 187 -0.02 12.29 14.66
CA PHE B 187 -0.58 12.37 16.00
C PHE B 187 -0.01 13.55 16.78
N ARG B 188 -0.86 14.12 17.63
CA ARG B 188 -0.56 15.26 18.51
C ARG B 188 0.01 16.47 17.77
N THR B 189 -0.42 16.69 16.52
CA THR B 189 -0.01 17.89 15.80
C THR B 189 -1.00 19.03 15.93
N GLY B 190 -2.15 18.82 16.55
CA GLY B 190 -3.02 19.92 16.94
C GLY B 190 -4.30 20.13 16.17
N LYS B 191 -4.86 19.08 15.58
CA LYS B 191 -6.13 19.21 14.87
C LYS B 191 -7.29 19.44 15.82
N SER B 192 -7.35 18.64 16.89
CA SER B 192 -8.46 18.68 17.83
C SER B 192 -8.45 19.95 18.65
N GLN B 193 -7.26 20.50 18.94
CA GLN B 193 -7.18 21.76 19.66
C GLN B 193 -7.72 22.93 18.83
N LEU B 194 -7.46 22.91 17.53
CA LEU B 194 -8.04 23.94 16.67
C LEU B 194 -9.55 23.77 16.54
N CYS B 195 -10.04 22.53 16.48
CA CYS B 195 -11.49 22.33 16.50
C CYS B 195 -12.12 22.88 17.78
N HIS B 196 -11.48 22.62 18.92
CA HIS B 196 -11.99 23.14 20.20
C HIS B 196 -11.95 24.67 20.24
N THR B 197 -10.91 25.27 19.66
CA THR B 197 -10.85 26.73 19.60
C THR B 197 -11.96 27.30 18.71
N LEU B 198 -12.20 26.67 17.56
CA LEU B 198 -13.20 27.17 16.63
C LEU B 198 -14.60 27.07 17.22
N ALA B 199 -14.85 26.01 18.01
CA ALA B 199 -16.15 25.84 18.65
C ALA B 199 -16.49 26.98 19.59
N VAL B 200 -15.50 27.76 20.02
CA VAL B 200 -15.75 28.93 20.85
C VAL B 200 -15.72 30.21 20.03
N THR B 201 -14.78 30.34 19.09
CA THR B 201 -14.74 31.57 18.29
C THR B 201 -15.95 31.69 17.37
N CYS B 202 -16.67 30.59 17.12
CA CYS B 202 -17.89 30.66 16.31
C CYS B 202 -19.08 31.22 17.07
N GLN B 203 -18.91 31.67 18.31
CA GLN B 203 -20.02 32.21 19.09
C GLN B 203 -19.86 33.67 19.47
N ILE B 204 -18.79 34.34 19.03
CA ILE B 204 -18.57 35.73 19.44
C ILE B 204 -19.00 36.69 18.32
N PRO B 205 -19.08 37.99 18.60
CA PRO B 205 -19.64 38.94 17.63
C PRO B 205 -18.88 38.93 16.32
N LEU B 206 -19.48 39.60 15.33
CA LEU B 206 -18.91 39.65 13.98
C LEU B 206 -17.74 40.61 13.88
N ASP B 207 -17.72 41.67 14.69
CA ASP B 207 -16.70 42.69 14.55
C ASP B 207 -15.32 42.21 14.96
N ILE B 208 -15.20 41.04 15.56
CA ILE B 208 -13.90 40.54 16.00
C ILE B 208 -13.64 39.15 15.43
N GLY B 209 -14.22 38.87 14.26
CA GLY B 209 -13.98 37.60 13.60
C GLY B 209 -14.79 36.43 14.12
N GLY B 210 -16.02 36.68 14.58
CA GLY B 210 -16.88 35.65 15.11
C GLY B 210 -18.05 35.35 14.19
N GLY B 211 -18.74 34.26 14.52
CA GLY B 211 -19.86 33.79 13.72
C GLY B 211 -21.23 34.22 14.21
N GLU B 212 -21.41 34.30 15.52
CA GLU B 212 -22.71 34.58 16.12
C GLU B 212 -23.70 33.44 15.84
N GLY B 213 -23.23 32.21 15.98
CA GLY B 213 -24.05 31.04 15.75
C GLY B 213 -23.90 30.02 16.87
N LYS B 214 -23.97 28.75 16.50
CA LYS B 214 -23.81 27.63 17.42
C LYS B 214 -23.00 26.55 16.73
N CYS B 215 -22.49 25.62 17.51
CA CYS B 215 -21.62 24.57 16.99
C CYS B 215 -22.32 23.22 17.05
N LEU B 216 -22.13 22.44 15.99
CA LEU B 216 -22.48 21.03 15.99
C LEU B 216 -21.18 20.23 15.95
N TYR B 217 -21.05 19.27 16.87
CA TYR B 217 -19.82 18.49 17.02
C TYR B 217 -20.18 17.01 16.91
N ILE B 218 -19.57 16.34 15.93
CA ILE B 218 -19.71 14.89 15.79
C ILE B 218 -18.36 14.27 16.07
N ASP B 219 -18.34 13.36 17.05
CA ASP B 219 -17.12 12.74 17.54
C ASP B 219 -17.19 11.25 17.27
N THR B 220 -16.21 10.72 16.54
CA THR B 220 -16.11 9.29 16.30
C THR B 220 -14.92 8.68 17.02
N GLU B 221 -14.17 9.46 17.80
CA GLU B 221 -13.01 8.98 18.52
C GLU B 221 -13.19 8.93 20.02
N GLY B 222 -13.96 9.84 20.60
CA GLY B 222 -14.12 9.90 22.04
C GLY B 222 -13.09 10.77 22.72
N THR B 223 -12.79 11.94 22.15
CA THR B 223 -11.77 12.83 22.70
C THR B 223 -12.31 14.22 22.97
N PHE B 224 -13.62 14.37 23.13
CA PHE B 224 -14.22 15.68 23.40
C PHE B 224 -14.14 15.98 24.90
N ARG B 225 -13.56 17.13 25.25
CA ARG B 225 -13.29 17.49 26.64
C ARG B 225 -13.82 18.90 26.93
N PRO B 226 -14.87 19.06 27.74
CA PRO B 226 -15.43 20.39 27.99
C PRO B 226 -14.58 21.30 28.89
N VAL B 227 -13.59 20.77 29.61
CA VAL B 227 -12.74 21.63 30.44
C VAL B 227 -11.94 22.59 29.56
N ARG B 228 -11.42 22.09 28.44
CA ARG B 228 -10.78 22.96 27.47
C ARG B 228 -11.75 24.04 27.00
N LEU B 229 -13.02 23.69 26.80
CA LEU B 229 -14.01 24.67 26.40
C LEU B 229 -14.14 25.77 27.43
N VAL B 230 -14.16 25.41 28.71
CA VAL B 230 -14.29 26.42 29.76
C VAL B 230 -13.08 27.35 29.78
N SER B 231 -11.87 26.78 29.68
CA SER B 231 -10.68 27.61 29.68
C SER B 231 -10.66 28.59 28.52
N ILE B 232 -10.91 28.08 27.31
CA ILE B 232 -10.88 28.93 26.11
C ILE B 232 -11.98 29.98 26.19
N ALA B 233 -13.16 29.60 26.69
CA ALA B 233 -14.24 30.57 26.83
C ALA B 233 -13.85 31.71 27.76
N GLN B 234 -13.20 31.38 28.89
CA GLN B 234 -12.72 32.46 29.75
C GLN B 234 -11.72 33.34 29.03
N ARG B 235 -10.86 32.74 28.19
CA ARG B 235 -9.93 33.55 27.42
C ARG B 235 -10.66 34.57 26.54
N PHE B 236 -11.70 34.12 25.84
CA PHE B 236 -12.40 34.97 24.89
C PHE B 236 -13.56 35.74 25.50
N GLY B 237 -13.61 35.83 26.83
CA GLY B 237 -14.59 36.70 27.48
C GLY B 237 -16.04 36.29 27.33
N LEU B 238 -16.34 35.01 27.48
CA LEU B 238 -17.70 34.50 27.44
C LEU B 238 -18.17 34.14 28.84
N ASP B 239 -19.39 33.60 28.92
CA ASP B 239 -19.91 33.07 30.17
C ASP B 239 -19.91 31.55 30.10
N PRO B 240 -19.15 30.86 30.95
CA PRO B 240 -18.98 29.40 30.75
C PRO B 240 -20.28 28.61 30.70
N ASP B 241 -21.29 28.99 31.49
CA ASP B 241 -22.56 28.30 31.43
C ASP B 241 -23.18 28.39 30.05
N ASP B 242 -23.29 29.61 29.52
CA ASP B 242 -23.85 29.79 28.19
C ASP B 242 -23.00 29.09 27.14
N ALA B 243 -21.68 29.22 27.24
CA ALA B 243 -20.81 28.55 26.28
C ALA B 243 -21.06 27.05 26.26
N LEU B 244 -21.35 26.47 27.43
CA LEU B 244 -21.62 25.04 27.48
C LEU B 244 -23.02 24.70 26.96
N ASN B 245 -23.97 25.63 27.07
CA ASN B 245 -25.33 25.38 26.57
C ASN B 245 -25.47 25.58 25.07
N ASN B 246 -24.50 26.18 24.40
CA ASN B 246 -24.61 26.52 22.98
C ASN B 246 -23.80 25.61 22.07
N VAL B 247 -23.35 24.46 22.56
CA VAL B 247 -22.67 23.47 21.74
C VAL B 247 -23.49 22.20 21.78
N ALA B 248 -23.75 21.61 20.60
CA ALA B 248 -24.43 20.32 20.54
C ALA B 248 -23.40 19.25 20.25
N TYR B 249 -23.49 18.14 20.97
CA TYR B 249 -22.48 17.10 20.95
C TYR B 249 -23.11 15.75 20.65
N ALA B 250 -22.45 14.97 19.80
CA ALA B 250 -22.91 13.61 19.58
C ALA B 250 -21.71 12.68 19.34
N ARG B 251 -21.89 11.43 19.72
CA ARG B 251 -20.90 10.37 19.57
C ARG B 251 -21.49 9.29 18.66
N ALA B 252 -20.70 8.85 17.69
CA ALA B 252 -21.14 7.86 16.71
C ALA B 252 -20.41 6.55 16.91
N TYR B 253 -21.11 5.46 16.66
CA TYR B 253 -20.59 4.12 16.90
C TYR B 253 -20.35 3.30 15.63
N ASN B 254 -20.88 3.74 14.49
CA ASN B 254 -20.56 3.12 13.21
C ASN B 254 -20.89 4.11 12.11
N ALA B 255 -20.65 3.71 10.86
CA ALA B 255 -20.76 4.63 9.72
C ALA B 255 -22.21 4.94 9.35
N ASP B 256 -23.13 3.98 9.52
CA ASP B 256 -24.55 4.24 9.27
C ASP B 256 -25.12 5.19 10.31
N HIS B 257 -24.72 5.04 11.57
CA HIS B 257 -25.10 5.99 12.61
C HIS B 257 -24.58 7.39 12.28
N GLN B 258 -23.35 7.46 11.77
CA GLN B 258 -22.77 8.73 11.35
C GLN B 258 -23.59 9.38 10.23
N LEU B 259 -23.98 8.60 9.22
CA LEU B 259 -24.81 9.13 8.15
C LEU B 259 -26.18 9.55 8.66
N ARG B 260 -26.73 8.78 9.61
CA ARG B 260 -28.07 9.06 10.12
C ARG B 260 -28.12 10.32 10.97
N LEU B 261 -27.02 10.70 11.62
CA LEU B 261 -27.04 11.90 12.43
C LEU B 261 -27.23 13.18 11.61
N LEU B 262 -26.99 13.13 10.29
CA LEU B 262 -27.13 14.34 9.49
C LEU B 262 -28.60 14.73 9.29
N ASP B 263 -29.52 13.76 9.35
CA ASP B 263 -30.95 14.10 9.31
C ASP B 263 -31.37 14.90 10.53
N ALA B 264 -30.93 14.47 11.71
CA ALA B 264 -31.21 15.24 12.93
C ALA B 264 -30.52 16.60 12.87
N ALA B 265 -29.32 16.67 12.30
CA ALA B 265 -28.67 17.96 12.12
C ALA B 265 -29.52 18.88 11.25
N ALA B 266 -30.06 18.36 10.15
CA ALA B 266 -30.90 19.15 9.27
C ALA B 266 -32.15 19.62 9.99
N GLN B 267 -32.75 18.75 10.80
CA GLN B 267 -33.93 19.13 11.58
C GLN B 267 -33.58 20.23 12.57
N MET B 268 -32.42 20.15 13.20
CA MET B 268 -32.04 21.13 14.22
C MET B 268 -31.73 22.50 13.60
N MET B 269 -31.01 22.53 12.48
CA MET B 269 -30.60 23.82 11.91
C MET B 269 -31.76 24.63 11.36
N SER B 270 -32.92 24.00 11.15
CA SER B 270 -34.09 24.69 10.63
C SER B 270 -34.98 25.25 11.72
N GLU B 271 -34.56 25.16 12.98
CA GLU B 271 -35.29 25.72 14.12
C GLU B 271 -34.53 26.81 14.84
N SER B 272 -33.20 26.80 14.82
CA SER B 272 -32.38 27.85 15.40
C SER B 272 -31.12 28.02 14.57
N ARG B 273 -30.49 29.18 14.69
CA ARG B 273 -29.36 29.53 13.84
C ARG B 273 -28.07 28.86 14.31
N PHE B 274 -27.39 28.20 13.38
CA PHE B 274 -26.07 27.62 13.58
C PHE B 274 -25.08 28.27 12.63
N SER B 275 -23.78 28.07 12.89
CA SER B 275 -22.76 28.62 12.01
C SER B 275 -21.54 27.72 11.80
N LEU B 276 -21.52 26.49 12.30
CA LEU B 276 -20.31 25.68 12.22
C LEU B 276 -20.62 24.22 12.48
N ILE B 277 -20.07 23.35 11.63
CA ILE B 277 -20.16 21.90 11.78
C ILE B 277 -18.76 21.33 11.83
N VAL B 278 -18.53 20.41 12.77
CA VAL B 278 -17.25 19.75 12.93
C VAL B 278 -17.46 18.24 12.89
N VAL B 279 -16.68 17.56 12.05
CA VAL B 279 -16.61 16.10 12.05
C VAL B 279 -15.18 15.72 12.41
N ASP B 280 -15.03 15.00 13.52
CA ASP B 280 -13.71 14.70 14.07
C ASP B 280 -13.71 13.27 14.59
N SER B 281 -13.20 12.34 13.79
CA SER B 281 -12.66 12.52 12.45
C SER B 281 -13.57 11.85 11.41
N VAL B 282 -13.32 12.11 10.12
CA VAL B 282 -14.24 11.69 9.08
C VAL B 282 -14.01 10.26 8.56
N MET B 283 -12.80 9.72 8.71
CA MET B 283 -12.47 8.43 8.10
C MET B 283 -12.19 7.34 9.14
N ALA B 284 -12.40 7.61 10.43
CA ALA B 284 -11.93 6.70 11.48
C ALA B 284 -12.76 5.41 11.52
N LEU B 285 -14.09 5.50 11.41
CA LEU B 285 -14.91 4.30 11.45
C LEU B 285 -14.96 3.58 10.10
N TYR B 286 -14.73 4.29 8.99
CA TYR B 286 -14.69 3.64 7.69
C TYR B 286 -13.56 2.63 7.60
N ARG B 287 -12.48 2.86 8.34
CA ARG B 287 -11.31 1.98 8.26
C ARG B 287 -11.66 0.55 8.62
N THR B 288 -12.42 0.35 9.69
CA THR B 288 -12.70 -0.99 10.20
C THR B 288 -14.07 -1.54 9.80
N ASP B 289 -15.01 -0.69 9.41
CA ASP B 289 -16.31 -1.18 8.97
C ASP B 289 -16.21 -1.93 7.64
N PHE B 290 -15.33 -1.49 6.74
CA PHE B 290 -15.03 -2.17 5.50
C PHE B 290 -13.57 -2.61 5.52
N SER B 291 -13.31 -3.88 5.25
CA SER B 291 -11.97 -4.44 5.40
C SER B 291 -11.54 -5.12 4.11
N GLY B 292 -10.44 -4.66 3.53
CA GLY B 292 -9.78 -5.36 2.44
C GLY B 292 -10.15 -4.84 1.06
N ARG B 293 -9.56 -5.51 0.07
CA ARG B 293 -9.76 -5.17 -1.33
C ARG B 293 -11.20 -5.31 -1.75
N GLY B 294 -11.81 -6.45 -1.45
CA GLY B 294 -13.13 -6.79 -1.96
C GLY B 294 -14.23 -5.86 -1.53
N GLU B 295 -13.96 -4.97 -0.57
CA GLU B 295 -14.96 -4.02 -0.10
C GLU B 295 -14.57 -2.57 -0.35
N LEU B 296 -13.56 -2.33 -1.20
CA LEU B 296 -13.10 -0.97 -1.42
C LEU B 296 -14.15 -0.13 -2.14
N SER B 297 -14.70 -0.64 -3.24
CA SER B 297 -15.68 0.13 -4.00
C SER B 297 -16.85 0.57 -3.13
N ALA B 298 -17.48 -0.39 -2.44
CA ALA B 298 -18.61 -0.05 -1.58
C ALA B 298 -18.21 0.94 -0.50
N ARG B 299 -16.96 0.91 -0.05
CA ARG B 299 -16.49 1.94 0.87
C ARG B 299 -16.49 3.31 0.20
N GLN B 300 -15.84 3.42 -0.96
CA GLN B 300 -15.67 4.71 -1.58
C GLN B 300 -16.99 5.29 -2.06
N MET B 301 -17.96 4.44 -2.39
CA MET B 301 -19.29 4.91 -2.72
C MET B 301 -19.97 5.51 -1.49
N HIS B 302 -19.94 4.79 -0.35
CA HIS B 302 -20.58 5.28 0.85
C HIS B 302 -20.02 6.65 1.23
N LEU B 303 -18.70 6.75 1.32
CA LEU B 303 -18.06 8.02 1.62
C LEU B 303 -18.53 9.11 0.68
N ALA B 304 -18.63 8.80 -0.62
CA ALA B 304 -19.06 9.81 -1.57
C ALA B 304 -20.39 10.41 -1.15
N LYS B 305 -21.37 9.55 -0.86
CA LYS B 305 -22.67 10.05 -0.41
C LYS B 305 -22.49 11.00 0.76
N PHE B 306 -21.75 10.58 1.79
CA PHE B 306 -21.54 11.42 2.95
C PHE B 306 -21.01 12.78 2.54
N MET B 307 -19.96 12.80 1.71
CA MET B 307 -19.38 14.08 1.33
C MET B 307 -20.41 14.94 0.63
N ARG B 308 -21.18 14.34 -0.29
CA ARG B 308 -22.17 15.13 -1.01
C ARG B 308 -23.16 15.75 -0.04
N ALA B 309 -23.61 14.98 0.96
CA ALA B 309 -24.56 15.50 1.92
C ALA B 309 -23.99 16.72 2.62
N LEU B 310 -22.71 16.66 3.02
CA LEU B 310 -22.12 17.80 3.69
C LEU B 310 -22.19 19.04 2.82
N GLN B 311 -21.85 18.91 1.54
CA GLN B 311 -21.90 20.05 0.66
C GLN B 311 -23.30 20.65 0.63
N ARG B 312 -24.32 19.79 0.60
CA ARG B 312 -25.68 20.29 0.52
C ARG B 312 -26.00 21.17 1.73
N LEU B 313 -25.56 20.77 2.91
CA LEU B 313 -25.83 21.60 4.09
C LEU B 313 -25.21 22.97 3.93
N ALA B 314 -23.96 23.02 3.45
CA ALA B 314 -23.31 24.32 3.25
C ALA B 314 -24.01 25.13 2.19
N ASP B 315 -24.67 24.47 1.23
CA ASP B 315 -25.46 25.19 0.25
C ASP B 315 -26.74 25.76 0.85
N GLN B 316 -27.34 25.02 1.79
CA GLN B 316 -28.68 25.30 2.26
C GLN B 316 -28.71 26.36 3.35
N PHE B 317 -27.93 26.17 4.41
CA PHE B 317 -27.93 27.06 5.56
C PHE B 317 -26.75 28.02 5.58
N GLY B 318 -25.75 27.79 4.74
CA GLY B 318 -24.58 28.67 4.69
C GLY B 318 -23.64 28.61 5.87
N VAL B 319 -23.31 27.41 6.34
CA VAL B 319 -22.45 27.24 7.49
C VAL B 319 -21.07 26.81 7.02
N ALA B 320 -20.08 26.97 7.89
CA ALA B 320 -18.75 26.44 7.63
C ALA B 320 -18.66 24.99 8.07
N VAL B 321 -17.86 24.24 7.33
CA VAL B 321 -17.65 22.81 7.56
C VAL B 321 -16.17 22.60 7.81
N VAL B 322 -15.84 21.84 8.86
CA VAL B 322 -14.47 21.42 9.11
C VAL B 322 -14.46 19.94 9.44
N VAL B 323 -13.56 19.20 8.79
CA VAL B 323 -13.44 17.76 8.98
C VAL B 323 -11.98 17.42 9.20
N THR B 324 -11.74 16.34 9.94
CA THR B 324 -10.38 15.94 10.29
C THR B 324 -10.01 14.63 9.61
N ASN B 325 -8.71 14.42 9.42
CA ASN B 325 -8.20 13.26 8.70
C ASN B 325 -6.88 12.77 9.29
N GLN B 326 -6.60 11.49 9.08
CA GLN B 326 -5.38 10.83 9.55
C GLN B 326 -4.40 10.66 8.38
N VAL B 327 -3.25 10.01 8.65
CA VAL B 327 -2.23 9.80 7.64
C VAL B 327 -1.74 8.35 7.67
N VAL B 328 -0.97 7.99 6.64
CA VAL B 328 -0.41 6.67 6.47
C VAL B 328 0.96 6.82 5.80
N ALA B 329 1.73 5.72 5.77
CA ALA B 329 3.08 5.72 5.25
C ALA B 329 3.12 5.24 3.81
N GLN B 330 3.99 5.86 3.00
CA GLN B 330 4.24 5.41 1.62
C GLN B 330 5.32 4.33 1.66
N VAL B 331 4.90 3.08 1.57
CA VAL B 331 5.83 1.97 1.71
C VAL B 331 6.49 1.64 0.38
N PRO B 341 6.96 11.36 2.92
CA PRO B 341 6.90 9.93 3.25
C PRO B 341 5.58 9.53 3.92
N LYS B 342 4.71 10.51 4.18
CA LYS B 342 3.40 10.28 4.77
C LYS B 342 2.35 10.99 3.93
N LYS B 343 1.19 10.36 3.78
CA LYS B 343 0.12 10.91 2.96
C LYS B 343 -1.23 10.68 3.61
N PRO B 344 -2.20 11.56 3.34
CA PRO B 344 -3.53 11.39 3.92
C PRO B 344 -4.29 10.21 3.32
N ILE B 345 -5.27 9.71 4.09
CA ILE B 345 -6.10 8.60 3.68
C ILE B 345 -7.41 9.14 3.11
N GLY B 346 -8.04 8.35 2.23
CA GLY B 346 -9.28 8.78 1.61
C GLY B 346 -9.31 8.65 0.10
N GLY B 347 -8.16 8.74 -0.56
CA GLY B 347 -8.08 8.54 -1.99
C GLY B 347 -8.47 9.75 -2.83
N ASN B 348 -8.82 9.45 -4.08
CA ASN B 348 -9.17 10.48 -5.05
C ASN B 348 -10.52 11.11 -4.75
N ILE B 349 -11.46 10.35 -4.18
CA ILE B 349 -12.73 10.91 -3.73
C ILE B 349 -12.48 12.02 -2.72
N MET B 350 -11.67 11.73 -1.71
CA MET B 350 -11.32 12.72 -0.70
C MET B 350 -10.57 13.89 -1.30
N ALA B 351 -9.61 13.63 -2.21
CA ALA B 351 -8.79 14.69 -2.76
C ALA B 351 -9.59 15.64 -3.65
N HIS B 352 -10.53 15.11 -4.44
CA HIS B 352 -11.32 15.95 -5.33
C HIS B 352 -12.52 16.60 -4.65
N SER B 353 -12.95 16.09 -3.49
CA SER B 353 -14.15 16.63 -2.85
C SER B 353 -13.88 17.81 -1.93
N SER B 354 -12.66 17.98 -1.45
CA SER B 354 -12.32 19.07 -0.52
C SER B 354 -11.93 20.33 -1.28
N THR B 355 -12.41 21.47 -0.81
CA THR B 355 -12.06 22.73 -1.45
C THR B 355 -10.72 23.28 -0.97
N THR B 356 -10.38 23.10 0.31
CA THR B 356 -9.07 23.51 0.81
C THR B 356 -8.44 22.40 1.64
N ARG B 357 -7.10 22.30 1.57
CA ARG B 357 -6.36 21.30 2.33
C ARG B 357 -5.17 21.93 3.04
N LEU B 358 -5.04 21.64 4.34
CA LEU B 358 -3.93 22.11 5.17
C LEU B 358 -3.19 20.94 5.79
N GLY B 359 -1.87 21.05 5.85
CA GLY B 359 -1.02 20.03 6.44
C GLY B 359 -0.29 20.56 7.66
N PHE B 360 -0.26 19.74 8.72
CA PHE B 360 0.28 20.12 10.02
C PHE B 360 1.54 19.32 10.34
N LYS B 361 2.51 19.97 10.97
CA LYS B 361 3.76 19.32 11.33
C LYS B 361 4.23 19.78 12.70
N LYS B 362 5.03 18.92 13.35
CA LYS B 362 5.47 19.12 14.73
C LYS B 362 6.74 19.95 14.78
N GLY B 363 6.75 20.97 15.64
CA GLY B 363 7.88 21.87 15.72
C GLY B 363 8.78 21.68 16.92
N LYS B 364 9.01 22.75 17.68
CA LYS B 364 9.94 22.74 18.82
C LYS B 364 9.21 23.20 20.06
N GLY B 365 8.99 22.29 21.00
CA GLY B 365 8.26 22.59 22.21
C GLY B 365 6.76 22.52 21.99
N CYS B 366 6.09 23.67 22.11
CA CYS B 366 4.66 23.78 21.88
C CYS B 366 4.37 24.52 20.56
N GLN B 367 5.19 24.30 19.55
CA GLN B 367 5.11 25.00 18.28
C GLN B 367 4.83 24.03 17.14
N ARG B 368 4.08 24.50 16.15
CA ARG B 368 3.65 23.68 15.02
C ARG B 368 3.75 24.49 13.73
N LEU B 369 3.93 23.76 12.62
CA LEU B 369 4.11 24.34 11.29
C LEU B 369 2.93 23.98 10.39
N CYS B 370 2.40 24.98 9.68
CA CYS B 370 1.23 24.80 8.82
C CYS B 370 1.56 25.14 7.37
N LYS B 371 1.10 24.27 6.45
CA LYS B 371 1.35 24.44 5.02
C LYS B 371 0.08 24.25 4.19
N VAL B 372 -0.12 25.16 3.23
CA VAL B 372 -1.27 25.10 2.33
C VAL B 372 -0.96 24.16 1.18
N VAL B 373 -1.79 23.14 1.00
CA VAL B 373 -1.52 22.11 -0.01
C VAL B 373 -2.45 22.21 -1.22
N ASP B 374 -3.61 22.84 -1.10
CA ASP B 374 -4.53 22.99 -2.22
C ASP B 374 -5.43 24.19 -1.97
N SER B 375 -5.72 24.93 -3.04
CA SER B 375 -6.70 26.00 -3.02
C SER B 375 -6.89 26.57 -4.42
N PRO B 376 -8.08 27.06 -4.77
CA PRO B 376 -8.30 27.61 -6.11
C PRO B 376 -7.91 29.07 -6.26
N CYS B 377 -7.49 29.75 -5.19
CA CYS B 377 -7.11 31.15 -5.29
C CYS B 377 -5.89 31.52 -4.47
N LEU B 378 -5.24 30.59 -3.78
CA LEU B 378 -4.15 30.92 -2.89
C LEU B 378 -2.90 30.12 -3.23
N PRO B 379 -1.73 30.74 -3.16
CA PRO B 379 -0.48 30.04 -3.46
C PRO B 379 0.04 29.27 -2.25
N GLU B 380 1.02 28.42 -2.52
CA GLU B 380 1.68 27.66 -1.46
C GLU B 380 2.48 28.59 -0.55
N ALA B 381 2.56 28.23 0.72
CA ALA B 381 3.28 29.00 1.72
C ALA B 381 3.32 28.18 3.00
N GLU B 382 3.85 28.77 4.07
CA GLU B 382 3.99 28.09 5.34
C GLU B 382 3.96 29.12 6.47
N CYS B 383 3.69 28.65 7.68
CA CYS B 383 3.71 29.52 8.86
C CYS B 383 3.84 28.67 10.12
N VAL B 384 3.85 29.36 11.27
CA VAL B 384 4.10 28.76 12.58
C VAL B 384 3.07 29.27 13.59
N PHE B 385 2.57 28.37 14.45
CA PHE B 385 1.63 28.72 15.52
C PHE B 385 1.95 27.88 16.76
N ALA B 386 1.20 28.10 17.85
CA ALA B 386 1.49 27.45 19.12
C ALA B 386 0.21 27.07 19.87
N ILE B 387 0.34 26.09 20.76
CA ILE B 387 -0.74 25.57 21.60
C ILE B 387 -0.48 25.96 23.05
N TYR B 388 -1.42 26.69 23.66
CA TYR B 388 -1.28 27.18 25.02
C TYR B 388 -2.41 26.63 25.90
N GLU B 389 -2.49 27.13 27.12
CA GLU B 389 -3.52 26.68 28.05
C GLU B 389 -4.89 27.16 27.64
N ASP B 390 -4.97 28.29 26.93
CA ASP B 390 -6.24 28.88 26.53
C ASP B 390 -6.56 28.69 25.05
N GLY B 391 -5.85 27.80 24.37
CA GLY B 391 -6.19 27.52 22.98
C GLY B 391 -5.04 27.59 22.01
N VAL B 392 -5.31 28.09 20.81
CA VAL B 392 -4.31 28.25 19.78
C VAL B 392 -3.91 29.72 19.71
N GLY B 393 -2.65 29.97 19.40
CA GLY B 393 -2.16 31.34 19.37
C GLY B 393 -0.84 31.45 18.64
N ASP B 394 -0.24 32.64 18.73
CA ASP B 394 1.02 33.02 18.12
C ASP B 394 2.19 32.67 19.04
N PRO B 395 3.30 32.20 18.48
CA PRO B 395 4.46 31.83 19.30
C PRO B 395 5.24 33.05 19.75
N ARG B 396 5.06 33.41 21.02
CA ARG B 396 5.84 34.48 21.67
C ARG B 396 6.12 35.68 20.76
N SER C 79 -25.98 -0.22 36.10
CA SER C 79 -24.80 0.08 35.33
C SER C 79 -25.06 -0.03 33.83
N PHE C 80 -25.66 -1.15 33.43
CA PHE C 80 -25.96 -1.42 32.03
C PHE C 80 -27.37 -1.97 31.94
N VAL C 81 -27.88 -2.05 30.71
CA VAL C 81 -29.21 -2.59 30.43
C VAL C 81 -29.05 -4.07 30.08
N PRO C 82 -29.65 -4.99 30.84
CA PRO C 82 -29.50 -6.41 30.50
C PRO C 82 -30.03 -6.71 29.11
N ILE C 83 -29.67 -7.90 28.62
CA ILE C 83 -30.04 -8.28 27.26
C ILE C 83 -31.40 -8.98 27.19
N GLU C 84 -32.02 -9.28 28.33
CA GLU C 84 -33.33 -9.91 28.35
C GLU C 84 -34.46 -8.89 28.28
N LYS C 85 -34.16 -7.60 28.35
CA LYS C 85 -35.21 -6.60 28.20
C LYS C 85 -35.66 -6.44 26.76
N LEU C 86 -35.07 -7.17 25.82
CA LEU C 86 -35.41 -7.08 24.41
C LEU C 86 -36.40 -8.14 23.98
N GLN C 87 -36.90 -8.97 24.89
CA GLN C 87 -37.87 -10.03 24.54
C GLN C 87 -39.27 -9.44 24.55
N VAL C 88 -39.60 -8.74 23.47
CA VAL C 88 -40.93 -8.16 23.30
C VAL C 88 -41.20 -7.98 21.81
N ASN C 89 -42.49 -7.92 21.44
CA ASN C 89 -42.93 -7.70 20.07
C ASN C 89 -42.47 -8.83 19.14
N GLY C 90 -42.50 -10.05 19.64
CA GLY C 90 -42.24 -11.22 18.82
C GLY C 90 -40.85 -11.81 18.96
N ILE C 91 -39.94 -11.16 19.69
CA ILE C 91 -38.60 -11.69 19.89
C ILE C 91 -38.65 -12.76 20.97
N THR C 92 -38.12 -13.94 20.64
CA THR C 92 -38.23 -15.11 21.50
C THR C 92 -36.92 -15.35 22.26
N MET C 93 -36.86 -16.47 22.99
CA MET C 93 -35.67 -16.85 23.73
C MET C 93 -34.58 -17.40 22.82
N ALA C 94 -34.96 -18.06 21.72
CA ALA C 94 -33.96 -18.56 20.79
C ALA C 94 -33.16 -17.42 20.17
N ASP C 95 -33.81 -16.29 19.89
CA ASP C 95 -33.10 -15.14 19.35
C ASP C 95 -32.04 -14.64 20.32
N VAL C 96 -32.42 -14.46 21.59
CA VAL C 96 -31.47 -13.96 22.57
C VAL C 96 -30.34 -14.97 22.78
N LYS C 97 -30.65 -16.26 22.74
CA LYS C 97 -29.61 -17.27 22.86
C LYS C 97 -28.62 -17.18 21.69
N LYS C 98 -29.14 -17.01 20.48
CA LYS C 98 -28.26 -16.90 19.31
C LYS C 98 -27.39 -15.65 19.41
N LEU C 99 -27.96 -14.54 19.89
CA LEU C 99 -27.16 -13.34 20.08
C LEU C 99 -26.08 -13.56 21.13
N ARG C 100 -26.40 -14.25 22.22
CA ARG C 100 -25.41 -14.54 23.24
C ARG C 100 -24.28 -15.38 22.68
N GLU C 101 -24.60 -16.40 21.88
CA GLU C 101 -23.56 -17.24 21.31
C GLU C 101 -22.68 -16.47 20.35
N SER C 102 -23.22 -15.44 19.71
CA SER C 102 -22.41 -14.65 18.78
C SER C 102 -21.36 -13.82 19.50
N GLY C 103 -21.70 -13.27 20.66
CA GLY C 103 -20.76 -12.47 21.40
C GLY C 103 -21.40 -11.27 22.08
N LEU C 104 -22.66 -11.01 21.78
CA LEU C 104 -23.39 -9.89 22.37
C LEU C 104 -24.02 -10.33 23.68
N HIS C 105 -23.77 -9.54 24.73
CA HIS C 105 -24.19 -9.91 26.07
C HIS C 105 -25.02 -8.86 26.78
N THR C 106 -25.14 -7.66 26.23
CA THR C 106 -26.00 -6.61 26.77
C THR C 106 -26.79 -5.98 25.64
N ALA C 107 -27.66 -5.03 25.98
CA ALA C 107 -28.37 -4.27 24.96
C ALA C 107 -27.49 -3.21 24.32
N GLU C 108 -26.46 -2.75 25.04
CA GLU C 108 -25.51 -1.79 24.47
C GLU C 108 -24.79 -2.38 23.26
N ALA C 109 -24.34 -3.62 23.37
CA ALA C 109 -23.66 -4.26 22.26
C ALA C 109 -24.56 -4.37 21.04
N VAL C 110 -25.84 -4.68 21.26
CA VAL C 110 -26.78 -4.74 20.14
C VAL C 110 -26.93 -3.36 19.50
N ALA C 111 -27.07 -2.33 20.33
CA ALA C 111 -27.27 -0.98 19.78
C ALA C 111 -26.02 -0.48 19.06
N TYR C 112 -24.83 -0.99 19.39
CA TYR C 112 -23.60 -0.51 18.78
C TYR C 112 -23.28 -1.20 17.46
N ALA C 113 -23.96 -2.24 17.11
CA ALA C 113 -23.58 -2.95 15.91
C ALA C 113 -24.33 -2.43 14.69
N PRO C 114 -23.72 -2.53 13.51
CA PRO C 114 -24.41 -2.16 12.28
C PRO C 114 -25.22 -3.33 11.70
N ARG C 115 -26.02 -3.01 10.68
CA ARG C 115 -26.97 -3.97 10.14
C ARG C 115 -26.27 -5.19 9.53
N LYS C 116 -25.17 -4.97 8.81
CA LYS C 116 -24.49 -6.08 8.15
C LYS C 116 -23.97 -7.10 9.15
N ASP C 117 -23.46 -6.63 10.29
CA ASP C 117 -22.94 -7.55 11.29
C ASP C 117 -24.02 -8.49 11.80
N LEU C 118 -25.21 -7.96 12.09
CA LEU C 118 -26.31 -8.82 12.50
C LEU C 118 -26.72 -9.75 11.36
N LEU C 119 -26.80 -9.23 10.14
CA LEU C 119 -27.16 -10.07 9.00
C LEU C 119 -26.21 -11.25 8.86
N GLU C 120 -24.95 -11.08 9.25
CA GLU C 120 -24.00 -12.18 9.17
C GLU C 120 -24.27 -13.27 10.20
N ILE C 121 -25.19 -13.05 11.14
CA ILE C 121 -25.50 -14.05 12.15
C ILE C 121 -26.52 -15.05 11.60
N LYS C 122 -26.21 -16.34 11.72
CA LYS C 122 -27.10 -17.37 11.21
C LYS C 122 -28.45 -17.30 11.90
N GLY C 123 -29.53 -17.32 11.11
CA GLY C 123 -30.87 -17.32 11.62
C GLY C 123 -31.50 -15.96 11.82
N ILE C 124 -30.73 -14.88 11.65
CA ILE C 124 -31.24 -13.53 11.87
C ILE C 124 -31.46 -12.90 10.49
N SER C 125 -32.69 -12.94 10.00
CA SER C 125 -33.03 -12.41 8.69
C SER C 125 -33.48 -10.96 8.85
N GLU C 126 -33.99 -10.37 7.77
CA GLU C 126 -34.49 -9.01 7.84
C GLU C 126 -35.84 -9.00 8.56
N ALA C 127 -36.26 -7.80 8.95
CA ALA C 127 -37.51 -7.58 9.66
C ALA C 127 -37.44 -8.14 11.08
N LYS C 128 -36.41 -8.96 11.36
CA LYS C 128 -36.02 -9.21 12.74
C LYS C 128 -34.94 -8.22 13.16
N ALA C 129 -34.01 -7.94 12.24
CA ALA C 129 -32.94 -6.99 12.52
C ALA C 129 -33.49 -5.59 12.75
N ASP C 130 -34.49 -5.18 11.96
CA ASP C 130 -35.08 -3.86 12.17
C ASP C 130 -35.76 -3.76 13.52
N LYS C 131 -36.50 -4.80 13.91
CA LYS C 131 -37.13 -4.79 15.22
C LYS C 131 -36.09 -4.78 16.34
N LEU C 132 -35.07 -5.62 16.23
CA LEU C 132 -34.03 -5.64 17.26
C LEU C 132 -33.38 -4.27 17.39
N LEU C 133 -33.03 -3.65 16.27
CA LEU C 133 -32.36 -2.36 16.32
C LEU C 133 -33.26 -1.28 16.89
N ASN C 134 -34.54 -1.27 16.49
CA ASN C 134 -35.46 -0.24 16.99
C ASN C 134 -35.68 -0.40 18.49
N GLU C 135 -35.87 -1.63 18.97
CA GLU C 135 -36.05 -1.83 20.41
C GLU C 135 -34.80 -1.45 21.19
N ALA C 136 -33.62 -1.86 20.71
CA ALA C 136 -32.38 -1.50 21.39
C ALA C 136 -32.20 0.01 21.44
N ALA C 137 -32.48 0.69 20.34
CA ALA C 137 -32.39 2.15 20.34
C ALA C 137 -33.44 2.78 21.24
N ARG C 138 -34.57 2.10 21.46
CA ARG C 138 -35.55 2.57 22.42
C ARG C 138 -35.01 2.48 23.85
N LEU C 139 -34.30 1.40 24.16
CA LEU C 139 -33.76 1.24 25.51
C LEU C 139 -32.45 2.00 25.73
N VAL C 140 -31.77 2.44 24.68
CA VAL C 140 -30.49 3.12 24.79
C VAL C 140 -30.50 4.37 23.90
N PRO C 141 -29.99 5.50 24.39
CA PRO C 141 -30.06 6.74 23.59
C PRO C 141 -28.86 6.95 22.69
N MET C 142 -29.14 7.38 21.45
CA MET C 142 -28.10 7.73 20.48
C MET C 142 -28.57 8.96 19.71
N GLY C 143 -28.27 10.14 20.25
CA GLY C 143 -28.70 11.40 19.67
C GLY C 143 -27.87 12.56 20.16
N PHE C 144 -28.50 13.71 20.39
CA PHE C 144 -27.80 14.93 20.80
C PHE C 144 -28.15 15.30 22.22
N VAL C 145 -27.15 15.80 22.95
CA VAL C 145 -27.34 16.39 24.28
C VAL C 145 -26.35 17.54 24.40
N THR C 146 -26.73 18.56 25.16
CA THR C 146 -25.86 19.72 25.33
C THR C 146 -24.51 19.28 25.88
N ALA C 147 -23.55 20.20 25.86
CA ALA C 147 -22.25 19.93 26.45
C ALA C 147 -22.29 19.92 27.97
N ALA C 148 -23.27 20.63 28.56
CA ALA C 148 -23.38 20.67 30.01
C ALA C 148 -23.79 19.31 30.58
N ASP C 149 -24.64 18.57 29.87
CA ASP C 149 -24.98 17.21 30.30
C ASP C 149 -23.75 16.33 30.32
N PHE C 150 -22.94 16.39 29.27
CA PHE C 150 -21.73 15.59 29.22
C PHE C 150 -20.77 15.99 30.33
N HIS C 151 -20.69 17.29 30.63
CA HIS C 151 -19.85 17.73 31.75
C HIS C 151 -20.33 17.14 33.07
N MET C 152 -21.64 17.17 33.30
CA MET C 152 -22.19 16.63 34.53
C MET C 152 -21.92 15.13 34.64
N ARG C 153 -22.08 14.40 33.53
CA ARG C 153 -21.83 12.97 33.57
C ARG C 153 -20.34 12.65 33.70
N ARG C 154 -19.47 13.55 33.23
CA ARG C 154 -18.04 13.30 33.33
C ARG C 154 -17.50 13.65 34.71
N SER C 155 -18.14 14.55 35.43
CA SER C 155 -17.59 14.87 36.75
C SER C 155 -17.84 13.77 37.77
N GLU C 156 -18.30 12.58 37.39
CA GLU C 156 -18.50 11.49 38.34
C GLU C 156 -17.68 10.24 38.02
N LEU C 157 -16.81 10.28 37.01
CA LEU C 157 -15.97 9.14 36.70
C LEU C 157 -14.92 8.94 37.78
N ILE C 158 -14.57 7.68 38.00
CA ILE C 158 -13.66 7.26 39.07
C ILE C 158 -12.24 7.18 38.53
N CYS C 159 -11.28 7.66 39.32
CA CYS C 159 -9.86 7.57 39.00
C CYS C 159 -9.17 6.64 39.98
N LEU C 160 -8.31 5.78 39.45
CA LEU C 160 -7.54 4.86 40.28
C LEU C 160 -6.23 5.53 40.71
N THR C 161 -5.72 5.12 41.87
CA THR C 161 -4.49 5.66 42.42
C THR C 161 -3.32 4.73 42.14
N THR C 162 -2.18 5.32 41.77
CA THR C 162 -0.99 4.57 41.40
C THR C 162 -0.16 4.10 42.58
N GLY C 163 -0.31 4.73 43.75
CA GLY C 163 0.53 4.49 44.88
C GLY C 163 1.59 5.54 45.12
N SER C 164 1.77 6.49 44.20
CA SER C 164 2.77 7.53 44.28
C SER C 164 2.09 8.88 44.05
N LYS C 165 2.46 9.87 44.86
CA LYS C 165 1.81 11.19 44.78
C LYS C 165 2.28 11.98 43.57
N ASN C 166 3.55 11.86 43.19
CA ASN C 166 4.03 12.56 42.00
C ASN C 166 3.32 12.08 40.74
N LEU C 167 3.16 10.76 40.60
CA LEU C 167 2.46 10.21 39.45
C LEU C 167 0.97 10.56 39.46
N ASP C 168 0.35 10.60 40.66
CA ASP C 168 -1.05 11.03 40.72
C ASP C 168 -1.20 12.49 40.30
N THR C 169 -0.30 13.36 40.77
CA THR C 169 -0.37 14.76 40.38
C THR C 169 -0.12 14.95 38.89
N LEU C 170 0.78 14.15 38.32
CA LEU C 170 1.10 14.28 36.90
C LEU C 170 -0.11 13.99 36.01
N LEU C 171 -0.87 12.96 36.34
CA LEU C 171 -2.03 12.55 35.55
C LEU C 171 -3.33 13.20 36.01
N GLY C 172 -3.27 14.13 36.97
CA GLY C 172 -4.46 14.80 37.43
C GLY C 172 -5.35 13.99 38.34
N GLY C 173 -4.82 12.95 38.97
CA GLY C 173 -5.59 12.16 39.91
C GLY C 173 -5.36 10.67 39.84
N GLY C 174 -4.99 10.15 38.67
CA GLY C 174 -4.74 8.74 38.49
C GLY C 174 -5.21 8.29 37.14
N VAL C 175 -5.32 6.97 36.98
CA VAL C 175 -5.79 6.36 35.74
C VAL C 175 -7.31 6.43 35.69
N GLU C 176 -7.84 7.00 34.62
CA GLU C 176 -9.28 7.25 34.51
C GLU C 176 -9.99 6.11 33.80
N THR C 177 -11.30 6.02 34.06
CA THR C 177 -12.15 4.96 33.54
C THR C 177 -12.86 5.40 32.28
N GLY C 178 -12.93 4.50 31.31
CA GLY C 178 -13.57 4.79 30.04
C GLY C 178 -12.64 5.15 28.90
N SER C 179 -11.33 5.10 29.10
CA SER C 179 -10.35 5.44 28.06
C SER C 179 -9.28 4.37 27.97
N ILE C 180 -8.21 4.63 27.21
CA ILE C 180 -7.10 3.72 27.07
C ILE C 180 -5.80 4.45 27.38
N THR C 181 -4.96 3.85 28.23
CA THR C 181 -3.67 4.36 28.62
C THR C 181 -2.59 3.42 28.12
N GLU C 182 -1.53 3.98 27.53
CA GLU C 182 -0.43 3.20 26.98
C GLU C 182 0.89 3.65 27.60
N LEU C 183 1.74 2.67 27.90
CA LEU C 183 3.03 2.92 28.55
C LEU C 183 4.12 2.27 27.71
N PHE C 184 5.15 3.05 27.35
CA PHE C 184 6.23 2.49 26.55
C PHE C 184 7.59 2.92 27.08
N GLY C 185 8.58 2.09 26.77
CA GLY C 185 9.94 2.32 27.20
C GLY C 185 10.79 1.10 26.88
N GLU C 186 12.06 1.19 27.25
CA GLU C 186 13.01 0.11 27.04
C GLU C 186 12.93 -0.89 28.21
N PHE C 187 13.87 -1.82 28.28
CA PHE C 187 13.77 -2.91 29.23
C PHE C 187 14.05 -2.45 30.66
N ARG C 188 13.33 -3.04 31.62
CA ARG C 188 13.50 -2.84 33.05
C ARG C 188 13.16 -1.42 33.51
N THR C 189 12.27 -0.72 32.79
CA THR C 189 11.90 0.63 33.17
C THR C 189 10.64 0.69 34.04
N GLY C 190 10.10 -0.45 34.46
CA GLY C 190 9.05 -0.49 35.45
C GLY C 190 7.63 -0.49 34.93
N LYS C 191 7.38 -1.05 33.75
CA LYS C 191 6.05 -1.01 33.15
C LYS C 191 5.09 -2.03 33.77
N SER C 192 5.57 -3.18 34.21
CA SER C 192 4.71 -4.21 34.74
C SER C 192 4.58 -4.18 36.27
N GLN C 193 5.52 -3.57 36.98
CA GLN C 193 5.35 -3.35 38.42
C GLN C 193 4.17 -2.43 38.70
N LEU C 194 3.99 -1.39 37.89
CA LEU C 194 2.85 -0.49 38.04
C LEU C 194 1.53 -1.21 37.79
N CYS C 195 1.49 -2.09 36.80
CA CYS C 195 0.30 -2.89 36.57
C CYS C 195 -0.01 -3.80 37.76
N HIS C 196 1.03 -4.39 38.34
CA HIS C 196 0.83 -5.20 39.54
C HIS C 196 0.25 -4.36 40.68
N THR C 197 0.73 -3.14 40.84
CA THR C 197 0.19 -2.28 41.90
C THR C 197 -1.27 -1.90 41.65
N LEU C 198 -1.62 -1.60 40.40
CA LEU C 198 -3.02 -1.28 40.09
C LEU C 198 -3.93 -2.49 40.22
N ALA C 199 -3.40 -3.70 40.05
CA ALA C 199 -4.21 -4.90 40.26
C ALA C 199 -4.64 -5.06 41.72
N VAL C 200 -3.99 -4.39 42.66
CA VAL C 200 -4.42 -4.40 44.04
C VAL C 200 -5.14 -3.12 44.44
N THR C 201 -4.80 -1.98 43.83
CA THR C 201 -5.44 -0.72 44.19
C THR C 201 -6.85 -0.58 43.64
N CYS C 202 -7.27 -1.47 42.73
CA CYS C 202 -8.62 -1.37 42.16
C CYS C 202 -9.69 -2.00 43.04
N GLN C 203 -9.31 -2.58 44.19
CA GLN C 203 -10.24 -3.30 45.05
C GLN C 203 -10.55 -2.59 46.37
N ILE C 204 -9.73 -1.65 46.80
CA ILE C 204 -9.89 -1.01 48.10
C ILE C 204 -11.06 -0.02 48.04
N PRO C 205 -11.60 0.40 49.18
CA PRO C 205 -12.75 1.30 49.17
C PRO C 205 -12.48 2.61 48.45
N LEU C 206 -13.56 3.23 47.97
CA LEU C 206 -13.46 4.48 47.20
C LEU C 206 -12.99 5.66 48.04
N ASP C 207 -12.93 5.52 49.36
CA ASP C 207 -12.44 6.61 50.20
C ASP C 207 -10.98 6.91 49.92
N ILE C 208 -10.16 5.87 49.75
CA ILE C 208 -8.73 6.03 49.60
C ILE C 208 -8.28 5.88 48.15
N GLY C 209 -9.22 5.88 47.21
CA GLY C 209 -8.86 5.95 45.80
C GLY C 209 -8.95 4.64 45.05
N GLY C 210 -9.95 3.82 45.37
CA GLY C 210 -10.17 2.56 44.70
C GLY C 210 -11.40 2.57 43.82
N GLY C 211 -11.90 1.37 43.52
CA GLY C 211 -13.13 1.23 42.76
C GLY C 211 -13.97 0.06 43.21
N GLU C 212 -13.57 -0.61 44.30
CA GLU C 212 -14.32 -1.73 44.88
C GLU C 212 -14.76 -2.74 43.82
N GLY C 213 -13.76 -3.35 43.17
CA GLY C 213 -14.07 -4.28 42.10
C GLY C 213 -13.07 -5.41 41.95
N LYS C 214 -13.14 -6.12 40.83
CA LYS C 214 -12.23 -7.22 40.54
C LYS C 214 -11.25 -6.80 39.44
N CYS C 215 -10.39 -7.74 39.03
CA CYS C 215 -9.38 -7.46 38.03
C CYS C 215 -9.26 -8.61 37.06
N LEU C 216 -9.04 -8.27 35.79
CA LEU C 216 -8.85 -9.22 34.70
C LEU C 216 -7.47 -8.99 34.09
N TYR C 217 -6.67 -10.05 33.98
CA TYR C 217 -5.28 -9.95 33.56
C TYR C 217 -5.04 -10.85 32.37
N ILE C 218 -4.53 -10.27 31.28
CA ILE C 218 -4.16 -11.01 30.07
C ILE C 218 -2.66 -10.84 29.86
N ASP C 219 -1.95 -11.96 29.77
CA ASP C 219 -0.49 -11.96 29.74
C ASP C 219 0.00 -12.65 28.47
N THR C 220 0.80 -11.95 27.68
CA THR C 220 1.36 -12.50 26.45
C THR C 220 2.87 -12.74 26.54
N GLU C 221 3.51 -12.40 27.66
CA GLU C 221 4.95 -12.55 27.81
C GLU C 221 5.36 -13.59 28.83
N GLY C 222 4.60 -13.77 29.90
CA GLY C 222 4.97 -14.71 30.95
C GLY C 222 5.78 -14.06 32.05
N THR C 223 5.26 -12.96 32.61
CA THR C 223 5.98 -12.20 33.63
C THR C 223 5.08 -11.87 34.83
N PHE C 224 4.05 -12.67 35.07
CA PHE C 224 3.07 -12.43 36.12
C PHE C 224 3.47 -13.19 37.38
N ARG C 225 3.49 -12.50 38.53
CA ARG C 225 3.88 -13.12 39.79
C ARG C 225 2.96 -12.70 40.94
N PRO C 226 2.30 -13.64 41.62
CA PRO C 226 1.43 -13.28 42.76
C PRO C 226 2.19 -12.91 44.03
N VAL C 227 3.47 -13.29 44.14
CA VAL C 227 4.24 -13.01 45.35
C VAL C 227 4.39 -11.51 45.56
N ARG C 228 4.36 -10.72 44.48
CA ARG C 228 4.35 -9.27 44.64
C ARG C 228 2.99 -8.78 45.11
N LEU C 229 1.92 -9.45 44.67
CA LEU C 229 0.57 -9.07 45.08
C LEU C 229 0.39 -9.25 46.58
N VAL C 230 0.96 -10.31 47.15
CA VAL C 230 0.81 -10.52 48.59
C VAL C 230 1.41 -9.35 49.36
N SER C 231 2.59 -8.90 48.96
CA SER C 231 3.24 -7.80 49.67
C SER C 231 2.46 -6.49 49.50
N ILE C 232 2.00 -6.19 48.28
CA ILE C 232 1.25 -4.96 48.08
C ILE C 232 -0.04 -4.99 48.91
N ALA C 233 -0.74 -6.12 48.91
CA ALA C 233 -1.93 -6.27 49.74
C ALA C 233 -1.61 -6.00 51.21
N GLN C 234 -0.55 -6.61 51.72
CA GLN C 234 -0.17 -6.36 53.10
C GLN C 234 0.04 -4.87 53.35
N ARG C 235 0.60 -4.16 52.37
CA ARG C 235 0.80 -2.73 52.56
C ARG C 235 -0.52 -1.97 52.65
N PHE C 236 -1.51 -2.38 51.85
CA PHE C 236 -2.74 -1.59 51.73
C PHE C 236 -3.85 -2.00 52.70
N GLY C 237 -3.57 -2.93 53.63
CA GLY C 237 -4.51 -3.25 54.68
C GLY C 237 -5.49 -4.37 54.40
N LEU C 238 -5.40 -5.01 53.24
CA LEU C 238 -6.33 -6.07 52.87
C LEU C 238 -5.81 -7.42 53.34
N ASP C 239 -6.70 -8.42 53.30
CA ASP C 239 -6.34 -9.80 53.61
C ASP C 239 -5.78 -10.49 52.37
N PRO C 240 -4.73 -11.30 52.50
CA PRO C 240 -4.13 -11.92 51.30
C PRO C 240 -5.08 -12.81 50.52
N ASP C 241 -5.89 -13.62 51.21
CA ASP C 241 -6.74 -14.58 50.51
C ASP C 241 -7.75 -13.88 49.61
N ASP C 242 -8.42 -12.85 50.15
CA ASP C 242 -9.40 -12.12 49.34
C ASP C 242 -8.72 -11.37 48.20
N ALA C 243 -7.56 -10.77 48.48
CA ALA C 243 -6.86 -10.03 47.44
C ALA C 243 -6.50 -10.93 46.26
N LEU C 244 -6.04 -12.15 46.54
CA LEU C 244 -5.74 -13.08 45.46
C LEU C 244 -6.97 -13.79 44.90
N ASN C 245 -8.09 -13.75 45.61
CA ASN C 245 -9.32 -14.36 45.11
C ASN C 245 -10.16 -13.42 44.26
N ASN C 246 -9.83 -12.13 44.24
CA ASN C 246 -10.56 -11.19 43.39
C ASN C 246 -9.79 -10.81 42.12
N VAL C 247 -8.98 -11.73 41.59
CA VAL C 247 -8.20 -11.48 40.37
C VAL C 247 -8.28 -12.71 39.47
N ALA C 248 -8.56 -12.49 38.19
CA ALA C 248 -8.65 -13.55 37.19
C ALA C 248 -7.54 -13.41 36.17
N TYR C 249 -6.93 -14.53 35.77
CA TYR C 249 -5.70 -14.53 35.01
C TYR C 249 -5.81 -15.42 33.78
N ALA C 250 -5.23 -14.97 32.66
CA ALA C 250 -5.17 -15.78 31.45
C ALA C 250 -3.89 -15.46 30.68
N ARG C 251 -3.39 -16.44 29.96
CA ARG C 251 -2.20 -16.33 29.13
C ARG C 251 -2.54 -16.59 27.67
N ALA C 252 -1.96 -15.80 26.77
CA ALA C 252 -2.21 -15.88 25.34
C ALA C 252 -0.99 -16.45 24.60
N TYR C 253 -1.25 -17.23 23.55
CA TYR C 253 -0.21 -17.96 22.85
C TYR C 253 -0.03 -17.57 21.39
N ASN C 254 -1.00 -16.92 20.77
CA ASN C 254 -0.82 -16.33 19.45
C ASN C 254 -1.78 -15.15 19.33
N ALA C 255 -1.88 -14.57 18.13
CA ALA C 255 -2.68 -13.36 17.95
C ALA C 255 -4.15 -13.63 17.62
N ASP C 256 -4.55 -14.89 17.44
CA ASP C 256 -5.97 -15.24 17.34
C ASP C 256 -6.58 -15.55 18.70
N HIS C 257 -5.83 -16.27 19.54
CA HIS C 257 -6.23 -16.50 20.93
C HIS C 257 -6.44 -15.18 21.67
N GLN C 258 -5.59 -14.19 21.37
CA GLN C 258 -5.68 -12.89 22.02
C GLN C 258 -7.03 -12.22 21.77
N LEU C 259 -7.51 -12.27 20.53
CA LEU C 259 -8.81 -11.70 20.21
C LEU C 259 -9.96 -12.59 20.68
N ARG C 260 -9.74 -13.90 20.74
CA ARG C 260 -10.78 -14.80 21.24
C ARG C 260 -11.07 -14.60 22.72
N LEU C 261 -10.06 -14.24 23.52
CA LEU C 261 -10.29 -14.10 24.95
C LEU C 261 -11.25 -12.96 25.32
N LEU C 262 -11.46 -12.00 24.42
CA LEU C 262 -12.28 -10.84 24.75
C LEU C 262 -13.76 -11.19 24.87
N ASP C 263 -14.26 -12.14 24.07
CA ASP C 263 -15.65 -12.57 24.25
C ASP C 263 -15.87 -13.19 25.62
N ALA C 264 -14.95 -14.05 26.04
CA ALA C 264 -15.07 -14.65 27.37
C ALA C 264 -15.01 -13.58 28.45
N ALA C 265 -14.16 -12.56 28.27
CA ALA C 265 -14.13 -11.47 29.22
C ALA C 265 -15.47 -10.75 29.31
N ALA C 266 -16.07 -10.46 28.14
CA ALA C 266 -17.35 -9.75 28.14
C ALA C 266 -18.45 -10.57 28.79
N GLN C 267 -18.46 -11.88 28.56
CA GLN C 267 -19.46 -12.72 29.22
C GLN C 267 -19.24 -12.77 30.73
N MET C 268 -17.98 -12.80 31.18
CA MET C 268 -17.71 -12.82 32.61
C MET C 268 -18.08 -11.51 33.29
N MET C 269 -17.96 -10.38 32.59
CA MET C 269 -18.14 -9.08 33.22
C MET C 269 -19.59 -8.75 33.53
N SER C 270 -20.55 -9.45 32.93
CA SER C 270 -21.97 -9.15 33.11
C SER C 270 -22.62 -9.96 34.21
N GLU C 271 -21.86 -10.78 34.94
CA GLU C 271 -22.37 -11.54 36.07
C GLU C 271 -21.86 -11.03 37.41
N SER C 272 -20.95 -10.05 37.41
CA SER C 272 -20.38 -9.48 38.62
C SER C 272 -19.86 -8.09 38.27
N ARG C 273 -19.04 -7.51 39.14
CA ARG C 273 -18.58 -6.15 38.99
C ARG C 273 -17.05 -6.12 38.85
N PHE C 274 -16.57 -5.41 37.83
CA PHE C 274 -15.15 -5.29 37.53
C PHE C 274 -14.76 -3.82 37.49
N SER C 275 -13.45 -3.57 37.57
CA SER C 275 -12.92 -2.22 37.45
C SER C 275 -11.78 -2.05 36.45
N LEU C 276 -11.01 -3.10 36.16
CA LEU C 276 -9.76 -2.92 35.43
C LEU C 276 -9.53 -4.09 34.47
N ILE C 277 -8.89 -3.76 33.34
CA ILE C 277 -8.40 -4.73 32.36
C ILE C 277 -6.96 -4.35 32.00
N VAL C 278 -6.09 -5.37 31.91
CA VAL C 278 -4.68 -5.19 31.63
C VAL C 278 -4.31 -6.05 30.43
N VAL C 279 -3.54 -5.49 29.49
CA VAL C 279 -2.94 -6.23 28.38
C VAL C 279 -1.45 -5.91 28.34
N ASP C 280 -0.63 -6.95 28.52
CA ASP C 280 0.80 -6.82 28.80
C ASP C 280 1.54 -7.93 28.05
N SER C 281 1.99 -7.64 26.83
CA SER C 281 1.85 -6.40 26.07
C SER C 281 1.11 -6.65 24.76
N VAL C 282 0.85 -5.59 24.00
CA VAL C 282 -0.03 -5.68 22.84
C VAL C 282 0.70 -6.23 21.62
N MET C 283 1.86 -5.68 21.30
CA MET C 283 2.51 -5.93 20.01
C MET C 283 3.53 -7.06 20.06
N ALA C 284 3.69 -7.73 21.19
CA ALA C 284 4.73 -8.75 21.32
C ALA C 284 4.53 -9.93 20.38
N LEU C 285 3.29 -10.40 20.21
CA LEU C 285 3.04 -11.54 19.33
C LEU C 285 2.78 -11.15 17.89
N TYR C 286 2.33 -9.92 17.63
CA TYR C 286 2.14 -9.47 16.25
C TYR C 286 3.45 -9.39 15.49
N ARG C 287 4.56 -9.18 16.20
CA ARG C 287 5.84 -8.95 15.55
C ARG C 287 6.29 -10.17 14.73
N THR C 288 6.13 -11.37 15.28
CA THR C 288 6.63 -12.57 14.63
C THR C 288 5.59 -13.29 13.78
N ASP C 289 4.29 -13.04 14.00
CA ASP C 289 3.26 -13.73 13.24
C ASP C 289 3.12 -13.18 11.83
N PHE C 290 3.47 -11.92 11.61
CA PHE C 290 3.50 -11.31 10.28
C PHE C 290 4.92 -10.82 10.05
N SER C 291 5.65 -11.49 9.16
CA SER C 291 7.08 -11.26 8.99
C SER C 291 7.36 -10.51 7.69
N GLY C 292 7.98 -9.34 7.81
CA GLY C 292 8.50 -8.62 6.66
C GLY C 292 7.47 -7.92 5.80
N ARG C 293 7.96 -7.10 4.87
CA ARG C 293 7.08 -6.45 3.90
C ARG C 293 6.39 -7.51 3.04
N GLY C 294 5.17 -7.22 2.63
CA GLY C 294 4.30 -8.20 2.02
C GLY C 294 3.28 -8.79 2.97
N GLU C 295 3.42 -8.52 4.28
CA GLU C 295 2.43 -8.87 5.27
C GLU C 295 2.05 -7.69 6.15
N LEU C 296 2.51 -6.49 5.81
CA LEU C 296 2.29 -5.32 6.66
C LEU C 296 0.80 -4.95 6.74
N SER C 297 0.09 -5.01 5.61
CA SER C 297 -1.30 -4.57 5.57
C SER C 297 -2.19 -5.45 6.44
N ALA C 298 -2.05 -6.77 6.32
CA ALA C 298 -2.86 -7.68 7.12
C ALA C 298 -2.58 -7.50 8.62
N ARG C 299 -1.31 -7.31 8.97
CA ARG C 299 -0.93 -7.07 10.35
C ARG C 299 -1.63 -5.84 10.91
N GLN C 300 -1.58 -4.73 10.16
CA GLN C 300 -2.16 -3.49 10.65
C GLN C 300 -3.68 -3.59 10.76
N MET C 301 -4.33 -4.29 9.82
CA MET C 301 -5.78 -4.48 9.92
C MET C 301 -6.17 -5.28 11.16
N HIS C 302 -5.46 -6.39 11.43
CA HIS C 302 -5.75 -7.17 12.62
C HIS C 302 -5.58 -6.34 13.88
N LEU C 303 -4.52 -5.55 13.96
CA LEU C 303 -4.30 -4.71 15.14
C LEU C 303 -5.44 -3.70 15.32
N ALA C 304 -5.90 -3.10 14.22
CA ALA C 304 -7.00 -2.14 14.31
C ALA C 304 -8.27 -2.80 14.84
N LYS C 305 -8.55 -4.02 14.39
CA LYS C 305 -9.72 -4.73 14.91
C LYS C 305 -9.61 -4.93 16.43
N PHE C 306 -8.45 -5.38 16.90
CA PHE C 306 -8.27 -5.61 18.33
C PHE C 306 -8.49 -4.33 19.14
N MET C 307 -7.93 -3.21 18.67
CA MET C 307 -8.09 -1.96 19.42
C MET C 307 -9.55 -1.52 19.47
N ARG C 308 -10.27 -1.68 18.37
CA ARG C 308 -11.69 -1.31 18.37
C ARG C 308 -12.48 -2.16 19.37
N ALA C 309 -12.19 -3.46 19.43
CA ALA C 309 -12.88 -4.31 20.41
C ALA C 309 -12.61 -3.87 21.85
N LEU C 310 -11.36 -3.51 22.16
CA LEU C 310 -11.06 -3.03 23.51
C LEU C 310 -11.84 -1.76 23.84
N GLN C 311 -11.90 -0.82 22.89
CA GLN C 311 -12.63 0.42 23.15
C GLN C 311 -14.12 0.14 23.37
N ARG C 312 -14.69 -0.80 22.61
CA ARG C 312 -16.09 -1.14 22.82
C ARG C 312 -16.33 -1.73 24.21
N LEU C 313 -15.44 -2.59 24.68
CA LEU C 313 -15.55 -3.10 26.05
C LEU C 313 -15.57 -1.95 27.06
N ALA C 314 -14.66 -1.00 26.89
CA ALA C 314 -14.60 0.14 27.82
C ALA C 314 -15.88 0.95 27.81
N ASP C 315 -16.49 1.12 26.64
CA ASP C 315 -17.76 1.86 26.59
C ASP C 315 -18.91 1.06 27.21
N GLN C 316 -18.92 -0.26 26.98
CA GLN C 316 -20.00 -1.09 27.50
C GLN C 316 -20.04 -1.09 29.01
N PHE C 317 -18.90 -1.37 29.66
CA PHE C 317 -18.93 -1.69 31.08
C PHE C 317 -18.40 -0.60 32.00
N GLY C 318 -17.85 0.49 31.47
CA GLY C 318 -17.31 1.55 32.30
C GLY C 318 -16.10 1.19 33.13
N VAL C 319 -15.12 0.51 32.53
CA VAL C 319 -13.93 0.03 33.22
C VAL C 319 -12.71 0.83 32.77
N ALA C 320 -11.57 0.57 33.38
CA ALA C 320 -10.29 1.11 32.92
C ALA C 320 -9.51 0.07 32.14
N VAL C 321 -8.75 0.52 31.14
CA VAL C 321 -7.97 -0.37 30.28
C VAL C 321 -6.53 0.14 30.24
N VAL C 322 -5.57 -0.77 30.44
CA VAL C 322 -4.15 -0.44 30.42
C VAL C 322 -3.43 -1.44 29.52
N VAL C 323 -2.51 -0.94 28.68
CA VAL C 323 -1.75 -1.78 27.75
C VAL C 323 -0.29 -1.35 27.74
N THR C 324 0.61 -2.28 27.43
CA THR C 324 2.04 -1.98 27.37
C THR C 324 2.63 -2.19 25.97
N ASN C 325 3.77 -1.56 25.72
CA ASN C 325 4.40 -1.52 24.39
C ASN C 325 5.92 -1.49 24.50
N GLN C 326 6.60 -1.85 23.40
CA GLN C 326 8.05 -1.93 23.27
C GLN C 326 8.59 -0.81 22.36
N VAL C 327 9.92 -0.78 22.18
CA VAL C 327 10.59 0.27 21.41
C VAL C 327 11.57 -0.36 20.42
N VAL C 328 12.06 0.50 19.51
CA VAL C 328 12.98 0.12 18.43
C VAL C 328 13.88 1.31 18.12
N ALA C 329 15.00 1.03 17.45
CA ALA C 329 16.01 2.05 17.15
C ALA C 329 15.80 2.68 15.78
N GLN C 330 16.14 3.97 15.68
CA GLN C 330 16.02 4.75 14.45
C GLN C 330 17.36 4.71 13.71
N VAL C 331 17.48 3.81 12.75
CA VAL C 331 18.74 3.60 12.05
C VAL C 331 18.89 4.61 10.91
N PRO C 341 16.28 8.76 20.35
CA PRO C 341 16.97 7.76 19.54
C PRO C 341 16.18 6.46 19.39
N LYS C 342 15.10 6.33 20.14
CA LYS C 342 14.24 5.15 20.08
C LYS C 342 12.79 5.58 19.99
N LYS C 343 11.99 4.74 19.35
CA LYS C 343 10.57 5.04 19.15
C LYS C 343 9.74 3.79 19.38
N PRO C 344 8.48 3.94 19.80
CA PRO C 344 7.60 2.78 19.96
C PRO C 344 7.21 2.16 18.62
N ILE C 345 6.87 0.88 18.67
CA ILE C 345 6.48 0.13 17.49
C ILE C 345 4.96 0.14 17.36
N GLY C 346 4.48 -0.21 16.17
CA GLY C 346 3.05 -0.28 15.90
C GLY C 346 2.54 0.70 14.85
N GLY C 347 3.37 1.57 14.29
CA GLY C 347 2.95 2.40 13.17
C GLY C 347 1.99 3.50 13.56
N ASN C 348 1.14 3.88 12.60
CA ASN C 348 0.18 4.95 12.79
C ASN C 348 -1.14 4.49 13.39
N ILE C 349 -1.50 3.22 13.20
CA ILE C 349 -2.68 2.66 13.85
C ILE C 349 -2.56 2.80 15.36
N MET C 350 -1.43 2.35 15.91
CA MET C 350 -1.20 2.44 17.35
C MET C 350 -1.18 3.87 17.84
N ALA C 351 -0.51 4.76 17.11
CA ALA C 351 -0.39 6.14 17.54
C ALA C 351 -1.74 6.86 17.57
N HIS C 352 -2.59 6.59 16.57
CA HIS C 352 -3.88 7.25 16.51
C HIS C 352 -4.95 6.58 17.38
N SER C 353 -4.74 5.32 17.80
CA SER C 353 -5.76 4.60 18.55
C SER C 353 -5.74 4.85 20.06
N SER C 354 -4.58 5.08 20.66
CA SER C 354 -4.48 5.27 22.10
C SER C 354 -4.99 6.64 22.52
N THR C 355 -5.51 6.72 23.74
CA THR C 355 -5.98 8.00 24.27
C THR C 355 -4.89 8.74 25.05
N THR C 356 -4.15 8.03 25.91
CA THR C 356 -3.05 8.62 26.64
C THR C 356 -1.78 7.80 26.40
N ARG C 357 -0.64 8.48 26.30
CA ARG C 357 0.65 7.83 26.07
C ARG C 357 1.70 8.36 27.03
N LEU C 358 2.41 7.45 27.70
CA LEU C 358 3.45 7.79 28.66
C LEU C 358 4.75 7.05 28.31
N GLY C 359 5.87 7.74 28.49
CA GLY C 359 7.18 7.16 28.23
C GLY C 359 8.03 7.10 29.48
N PHE C 360 8.71 5.97 29.67
CA PHE C 360 9.48 5.69 30.87
C PHE C 360 10.98 5.65 30.57
N LYS C 361 11.79 6.15 31.49
CA LYS C 361 13.23 6.19 31.35
C LYS C 361 13.90 5.74 32.65
N LYS C 362 15.11 5.20 32.50
CA LYS C 362 15.89 4.74 33.64
C LYS C 362 16.60 5.89 34.34
N GLY C 363 16.64 5.84 35.66
CA GLY C 363 17.30 6.85 36.45
C GLY C 363 18.41 6.29 37.33
N LYS C 364 18.69 6.96 38.44
CA LYS C 364 19.76 6.55 39.34
C LYS C 364 19.23 5.64 40.44
N GLY C 365 19.87 4.48 40.60
CA GLY C 365 19.48 3.55 41.64
C GLY C 365 18.18 2.83 41.36
N CYS C 366 17.19 3.02 42.22
CA CYS C 366 15.86 2.44 42.03
C CYS C 366 14.84 3.46 41.54
N GLN C 367 15.30 4.64 41.11
CA GLN C 367 14.44 5.69 40.62
C GLN C 367 14.19 5.57 39.12
N ARG C 368 13.05 6.08 38.66
CA ARG C 368 12.66 6.05 37.26
C ARG C 368 11.98 7.36 36.91
N LEU C 369 12.01 7.71 35.62
CA LEU C 369 11.45 8.95 35.12
C LEU C 369 10.27 8.69 34.19
N CYS C 370 9.25 9.53 34.26
CA CYS C 370 8.06 9.39 33.43
C CYS C 370 7.71 10.71 32.75
N LYS C 371 7.28 10.62 31.49
CA LYS C 371 6.91 11.80 30.71
C LYS C 371 5.63 11.56 29.93
N VAL C 372 4.78 12.59 29.85
CA VAL C 372 3.53 12.55 29.11
C VAL C 372 3.82 12.90 27.66
N VAL C 373 3.51 12.00 26.74
CA VAL C 373 3.80 12.20 25.33
C VAL C 373 2.59 12.67 24.55
N ASP C 374 1.42 12.08 24.80
CA ASP C 374 0.19 12.44 24.10
C ASP C 374 -0.99 12.42 25.07
N SER C 375 -1.83 13.44 24.99
CA SER C 375 -3.05 13.51 25.79
C SER C 375 -3.92 14.67 25.34
N PRO C 376 -5.25 14.55 25.44
CA PRO C 376 -6.12 15.64 25.00
C PRO C 376 -6.36 16.74 26.02
N CYS C 377 -6.01 16.54 27.30
CA CYS C 377 -6.29 17.55 28.30
C CYS C 377 -5.17 17.77 29.32
N LEU C 378 -3.97 17.24 29.10
CA LEU C 378 -2.87 17.48 30.04
C LEU C 378 -1.67 18.04 29.29
N PRO C 379 -0.96 19.00 29.88
CA PRO C 379 0.25 19.52 29.25
C PRO C 379 1.40 18.52 29.27
N GLU C 380 2.56 18.90 28.76
CA GLU C 380 3.73 18.03 28.71
C GLU C 380 4.66 18.33 29.87
N ALA C 381 5.04 17.27 30.62
CA ALA C 381 5.81 17.43 31.84
C ALA C 381 6.48 16.09 32.16
N GLU C 382 7.29 16.08 33.21
CA GLU C 382 8.02 14.88 33.62
C GLU C 382 8.08 14.81 35.14
N CYS C 383 8.30 13.59 35.65
CA CYS C 383 8.37 13.37 37.09
C CYS C 383 9.21 12.13 37.40
N VAL C 384 9.46 11.93 38.69
CA VAL C 384 10.31 10.85 39.20
C VAL C 384 9.52 9.99 40.17
N PHE C 385 9.67 8.67 40.05
CA PHE C 385 9.08 7.74 41.01
C PHE C 385 10.11 6.65 41.35
N ALA C 386 9.72 5.70 42.21
CA ALA C 386 10.65 4.68 42.66
C ALA C 386 9.93 3.36 42.88
N ILE C 387 10.71 2.27 42.85
CA ILE C 387 10.19 0.91 43.00
C ILE C 387 10.74 0.33 44.31
N TYR C 388 9.85 -0.11 45.20
CA TYR C 388 10.25 -0.68 46.47
C TYR C 388 9.58 -2.02 46.66
N GLU C 389 9.92 -2.70 47.76
CA GLU C 389 9.46 -4.06 47.98
C GLU C 389 7.95 -4.20 48.01
N ASP C 390 7.22 -3.12 48.30
CA ASP C 390 5.77 -3.17 48.36
C ASP C 390 5.11 -2.38 47.24
N GLY C 391 5.85 -2.03 46.19
CA GLY C 391 5.20 -1.48 45.02
C GLY C 391 5.81 -0.16 44.60
N VAL C 392 5.04 0.61 43.86
CA VAL C 392 5.49 1.91 43.35
C VAL C 392 5.30 2.96 44.43
N GLY C 393 6.28 3.86 44.56
CA GLY C 393 6.18 4.93 45.53
C GLY C 393 6.98 6.16 45.17
N ASP C 394 7.06 7.10 46.10
CA ASP C 394 7.80 8.34 45.94
C ASP C 394 9.26 8.14 46.29
N PRO C 395 10.14 9.01 45.80
CA PRO C 395 11.57 8.89 46.15
C PRO C 395 11.80 9.22 47.62
N ARG C 396 12.60 8.39 48.28
CA ARG C 396 12.94 8.61 49.68
C ARG C 396 14.30 9.25 49.80
N SER D 79 2.96 -34.75 32.42
CA SER D 79 3.67 -33.51 32.17
C SER D 79 3.16 -32.82 30.92
N PHE D 80 3.00 -33.59 29.84
CA PHE D 80 2.43 -33.08 28.61
C PHE D 80 1.53 -34.14 27.99
N VAL D 81 0.62 -33.70 27.14
CA VAL D 81 -0.38 -34.56 26.52
C VAL D 81 0.19 -35.09 25.20
N PRO D 82 0.35 -36.40 25.04
CA PRO D 82 0.86 -36.92 23.76
C PRO D 82 0.04 -36.44 22.58
N ILE D 83 0.61 -36.63 21.38
CA ILE D 83 -0.03 -36.15 20.16
C ILE D 83 -0.90 -37.19 19.48
N GLU D 84 -0.84 -38.45 19.92
CA GLU D 84 -1.67 -39.48 19.33
C GLU D 84 -3.11 -39.45 19.83
N LYS D 85 -3.42 -38.59 20.78
CA LYS D 85 -4.77 -38.47 21.29
C LYS D 85 -5.64 -37.56 20.43
N LEU D 86 -5.10 -36.98 19.37
CA LEU D 86 -5.85 -36.13 18.45
C LEU D 86 -6.33 -36.90 17.22
N GLN D 87 -6.61 -38.18 17.37
CA GLN D 87 -6.97 -39.06 16.28
C GLN D 87 -8.41 -39.53 16.38
N VAL D 88 -9.33 -38.62 16.70
CA VAL D 88 -10.74 -38.92 16.81
C VAL D 88 -11.50 -38.19 15.71
N ASN D 89 -12.78 -38.52 15.59
CA ASN D 89 -13.66 -37.88 14.59
C ASN D 89 -13.09 -38.03 13.18
N GLY D 90 -12.59 -39.22 12.86
CA GLY D 90 -12.13 -39.51 11.52
C GLY D 90 -10.89 -38.75 11.07
N ILE D 91 -9.88 -38.68 11.92
CA ILE D 91 -8.60 -38.05 11.58
C ILE D 91 -7.59 -39.17 11.39
N THR D 92 -7.04 -39.27 10.19
CA THR D 92 -6.19 -40.39 9.81
C THR D 92 -4.76 -40.21 10.30
N MET D 93 -4.05 -41.33 10.45
CA MET D 93 -2.67 -41.29 10.90
C MET D 93 -1.76 -40.60 9.89
N ALA D 94 -2.17 -40.50 8.63
CA ALA D 94 -1.38 -39.75 7.66
C ALA D 94 -1.31 -38.28 8.04
N ASP D 95 -2.43 -37.71 8.49
CA ASP D 95 -2.41 -36.32 8.93
C ASP D 95 -1.52 -36.12 10.15
N VAL D 96 -1.57 -37.06 11.10
CA VAL D 96 -0.70 -36.96 12.27
C VAL D 96 0.76 -37.04 11.86
N LYS D 97 1.09 -37.96 10.95
CA LYS D 97 2.47 -38.08 10.49
C LYS D 97 2.93 -36.82 9.77
N LYS D 98 2.04 -36.21 8.97
CA LYS D 98 2.39 -34.97 8.30
C LYS D 98 2.65 -33.86 9.31
N LEU D 99 1.80 -33.75 10.34
CA LEU D 99 2.02 -32.75 11.37
C LEU D 99 3.35 -32.97 12.08
N ARG D 100 3.67 -34.21 12.42
CA ARG D 100 4.95 -34.50 13.07
C ARG D 100 6.12 -34.11 12.17
N GLU D 101 6.01 -34.41 10.87
CA GLU D 101 7.08 -34.04 9.94
C GLU D 101 7.19 -32.53 9.81
N SER D 102 6.09 -31.79 10.01
CA SER D 102 6.18 -30.34 10.02
C SER D 102 6.98 -29.83 11.21
N GLY D 103 6.89 -30.50 12.35
CA GLY D 103 7.67 -30.11 13.52
C GLY D 103 6.97 -30.25 14.85
N LEU D 104 5.65 -30.51 14.83
CA LEU D 104 4.86 -30.57 16.05
C LEU D 104 4.85 -32.00 16.60
N HIS D 105 5.08 -32.14 17.90
CA HIS D 105 5.17 -33.45 18.54
C HIS D 105 4.34 -33.58 19.81
N THR D 106 3.60 -32.54 20.21
CA THR D 106 2.70 -32.62 21.35
C THR D 106 1.36 -31.99 20.96
N ALA D 107 0.32 -32.34 21.72
CA ALA D 107 -0.97 -31.68 21.54
C ALA D 107 -0.86 -30.20 21.86
N GLU D 108 -0.08 -29.85 22.88
CA GLU D 108 0.14 -28.45 23.21
C GLU D 108 0.69 -27.68 22.04
N ALA D 109 1.61 -28.30 21.27
CA ALA D 109 2.20 -27.61 20.12
C ALA D 109 1.15 -27.23 19.09
N VAL D 110 0.22 -28.15 18.81
CA VAL D 110 -0.85 -27.85 17.87
C VAL D 110 -1.79 -26.81 18.45
N ALA D 111 -2.05 -26.88 19.76
CA ALA D 111 -2.93 -25.91 20.39
C ALA D 111 -2.34 -24.49 20.36
N TYR D 112 -1.02 -24.37 20.29
CA TYR D 112 -0.36 -23.07 20.33
C TYR D 112 -0.18 -22.42 18.97
N ALA D 113 -0.52 -23.11 17.88
CA ALA D 113 -0.20 -22.55 16.57
C ALA D 113 -1.42 -21.90 15.91
N PRO D 114 -1.22 -20.78 15.23
CA PRO D 114 -2.32 -20.17 14.47
C PRO D 114 -2.63 -20.97 13.21
N ARG D 115 -3.85 -20.75 12.70
CA ARG D 115 -4.34 -21.57 11.59
C ARG D 115 -3.53 -21.37 10.32
N LYS D 116 -2.92 -20.19 10.13
CA LYS D 116 -2.12 -19.96 8.94
C LYS D 116 -0.97 -20.95 8.84
N ASP D 117 -0.29 -21.20 9.97
CA ASP D 117 0.84 -22.13 9.95
C ASP D 117 0.40 -23.52 9.54
N LEU D 118 -0.74 -23.99 10.05
CA LEU D 118 -1.25 -25.29 9.63
C LEU D 118 -1.62 -25.28 8.15
N LEU D 119 -2.23 -24.20 7.68
CA LEU D 119 -2.65 -24.12 6.28
C LEU D 119 -1.46 -24.20 5.34
N GLU D 120 -0.34 -23.57 5.71
CA GLU D 120 0.83 -23.60 4.84
C GLU D 120 1.31 -25.03 4.60
N ILE D 121 1.00 -25.96 5.50
CA ILE D 121 1.41 -27.34 5.32
C ILE D 121 0.59 -27.97 4.20
N LYS D 122 1.28 -28.65 3.28
CA LYS D 122 0.60 -29.31 2.17
C LYS D 122 -0.19 -30.51 2.68
N GLY D 123 -1.45 -30.61 2.23
CA GLY D 123 -2.30 -31.72 2.60
C GLY D 123 -3.25 -31.46 3.75
N ILE D 124 -3.32 -30.22 4.25
CA ILE D 124 -4.22 -29.85 5.33
C ILE D 124 -5.20 -28.81 4.79
N SER D 125 -6.49 -29.11 4.90
CA SER D 125 -7.54 -28.24 4.39
C SER D 125 -8.19 -27.48 5.55
N GLU D 126 -9.28 -26.78 5.26
CA GLU D 126 -9.96 -26.01 6.30
C GLU D 126 -10.63 -26.91 7.32
N ALA D 127 -11.32 -27.97 6.86
CA ALA D 127 -12.01 -28.86 7.78
C ALA D 127 -11.03 -29.57 8.70
N LYS D 128 -9.93 -30.08 8.14
CA LYS D 128 -8.92 -30.75 8.96
C LYS D 128 -8.39 -29.80 10.03
N ALA D 129 -8.08 -28.57 9.64
CA ALA D 129 -7.52 -27.61 10.59
C ALA D 129 -8.51 -27.28 11.69
N ASP D 130 -9.79 -27.06 11.33
CA ASP D 130 -10.79 -26.75 12.34
C ASP D 130 -10.95 -27.90 13.32
N LYS D 131 -11.00 -29.13 12.81
CA LYS D 131 -11.16 -30.28 13.70
C LYS D 131 -9.96 -30.42 14.63
N LEU D 132 -8.75 -30.24 14.09
CA LEU D 132 -7.54 -30.32 14.90
C LEU D 132 -7.56 -29.29 16.01
N LEU D 133 -7.88 -28.04 15.67
CA LEU D 133 -7.90 -26.99 16.66
C LEU D 133 -8.93 -27.27 17.76
N ASN D 134 -10.12 -27.71 17.38
CA ASN D 134 -11.16 -27.98 18.37
C ASN D 134 -10.75 -29.10 19.30
N GLU D 135 -10.22 -30.19 18.76
CA GLU D 135 -9.81 -31.31 19.60
C GLU D 135 -8.71 -30.89 20.56
N ALA D 136 -7.70 -30.16 20.06
CA ALA D 136 -6.61 -29.74 20.92
C ALA D 136 -7.10 -28.80 22.02
N ALA D 137 -7.95 -27.83 21.66
CA ALA D 137 -8.46 -26.89 22.66
C ALA D 137 -9.27 -27.61 23.73
N ARG D 138 -10.03 -28.63 23.34
CA ARG D 138 -10.74 -29.42 24.34
C ARG D 138 -9.77 -30.18 25.25
N LEU D 139 -8.64 -30.64 24.69
CA LEU D 139 -7.69 -31.41 25.49
C LEU D 139 -6.90 -30.54 26.45
N VAL D 140 -6.43 -29.38 26.01
CA VAL D 140 -5.52 -28.53 26.77
C VAL D 140 -6.29 -27.29 27.21
N PRO D 141 -6.16 -26.86 28.48
CA PRO D 141 -7.01 -25.78 28.99
C PRO D 141 -6.48 -24.40 28.63
N MET D 142 -7.35 -23.53 28.13
CA MET D 142 -7.01 -22.18 27.70
C MET D 142 -8.17 -21.26 28.10
N GLY D 143 -8.09 -20.68 29.28
CA GLY D 143 -9.16 -19.84 29.79
C GLY D 143 -8.73 -18.98 30.94
N PHE D 144 -9.68 -18.69 31.83
CA PHE D 144 -9.47 -17.82 32.98
C PHE D 144 -9.50 -18.64 34.25
N VAL D 145 -8.46 -18.52 35.07
CA VAL D 145 -8.44 -19.13 36.39
C VAL D 145 -8.31 -18.02 37.42
N THR D 146 -8.26 -18.39 38.70
CA THR D 146 -8.07 -17.41 39.76
C THR D 146 -6.58 -17.32 40.12
N ALA D 147 -6.20 -16.20 40.74
CA ALA D 147 -4.81 -15.98 41.08
C ALA D 147 -4.34 -16.89 42.22
N ALA D 148 -5.24 -17.29 43.11
CA ALA D 148 -4.87 -18.25 44.15
C ALA D 148 -4.47 -19.58 43.54
N ASP D 149 -5.22 -20.04 42.54
CA ASP D 149 -4.89 -21.29 41.86
C ASP D 149 -3.52 -21.20 41.19
N PHE D 150 -3.25 -20.09 40.50
CA PHE D 150 -1.96 -19.96 39.82
C PHE D 150 -0.82 -19.88 40.84
N HIS D 151 -1.04 -19.21 41.97
CA HIS D 151 -0.03 -19.19 43.02
C HIS D 151 0.25 -20.59 43.56
N MET D 152 -0.81 -21.36 43.79
CA MET D 152 -0.65 -22.72 44.29
C MET D 152 0.10 -23.59 43.28
N ARG D 153 -0.15 -23.38 41.99
CA ARG D 153 0.60 -24.11 40.97
C ARG D 153 2.06 -23.69 40.95
N ARG D 154 2.33 -22.38 40.93
CA ARG D 154 3.69 -21.88 40.86
C ARG D 154 4.52 -22.28 42.07
N SER D 155 3.88 -22.56 43.20
CA SER D 155 4.65 -22.99 44.36
C SER D 155 5.35 -24.33 44.16
N GLU D 156 5.05 -25.07 43.09
CA GLU D 156 5.62 -26.38 42.85
C GLU D 156 6.77 -26.38 41.85
N LEU D 157 7.14 -25.22 41.29
CA LEU D 157 8.25 -25.16 40.36
C LEU D 157 9.58 -25.36 41.08
N ILE D 158 10.48 -26.12 40.46
CA ILE D 158 11.76 -26.43 41.07
C ILE D 158 12.85 -25.55 40.49
N CYS D 159 13.91 -25.37 41.26
CA CYS D 159 15.06 -24.56 40.87
C CYS D 159 16.33 -25.38 41.03
N LEU D 160 17.32 -25.08 40.20
CA LEU D 160 18.58 -25.80 40.19
C LEU D 160 19.67 -25.01 40.89
N THR D 161 20.47 -25.70 41.70
CA THR D 161 21.59 -25.07 42.40
C THR D 161 22.75 -24.79 41.44
N THR D 162 23.42 -23.66 41.66
CA THR D 162 24.55 -23.28 40.83
C THR D 162 25.88 -23.82 41.34
N GLY D 163 25.95 -24.31 42.57
CA GLY D 163 27.18 -24.73 43.18
C GLY D 163 27.75 -23.74 44.18
N SER D 164 27.22 -22.53 44.24
CA SER D 164 27.70 -21.50 45.15
C SER D 164 26.55 -21.02 46.02
N LYS D 165 26.83 -20.84 47.32
CA LYS D 165 25.79 -20.44 48.25
C LYS D 165 25.38 -18.98 48.06
N ASN D 166 26.36 -18.09 47.88
CA ASN D 166 26.03 -16.69 47.64
C ASN D 166 25.22 -16.54 46.36
N LEU D 167 25.57 -17.29 45.31
CA LEU D 167 24.82 -17.23 44.06
C LEU D 167 23.39 -17.72 44.26
N ASP D 168 23.22 -18.84 44.95
CA ASP D 168 21.87 -19.37 45.17
C ASP D 168 21.02 -18.41 45.97
N THR D 169 21.61 -17.80 47.00
CA THR D 169 20.88 -16.79 47.76
C THR D 169 20.51 -15.59 46.89
N LEU D 170 21.43 -15.17 46.02
CA LEU D 170 21.15 -14.03 45.15
C LEU D 170 20.03 -14.34 44.16
N LEU D 171 19.89 -15.59 43.73
CA LEU D 171 18.91 -15.99 42.74
C LEU D 171 17.59 -16.43 43.34
N GLY D 172 17.43 -16.37 44.67
CA GLY D 172 16.22 -16.86 45.27
C GLY D 172 16.13 -18.37 45.36
N GLY D 173 17.23 -19.09 45.10
CA GLY D 173 17.22 -20.53 45.18
C GLY D 173 17.99 -21.24 44.09
N GLY D 174 18.15 -20.59 42.95
CA GLY D 174 18.88 -21.17 41.83
C GLY D 174 18.22 -20.80 40.52
N VAL D 175 18.57 -21.55 39.48
CA VAL D 175 17.98 -21.33 38.16
C VAL D 175 16.58 -21.91 38.13
N GLU D 176 15.63 -21.15 37.62
CA GLU D 176 14.22 -21.50 37.69
C GLU D 176 13.71 -21.99 36.34
N THR D 177 12.90 -23.04 36.37
CA THR D 177 12.36 -23.64 35.16
C THR D 177 11.16 -22.84 34.64
N GLY D 178 11.00 -22.84 33.32
CA GLY D 178 9.90 -22.15 32.68
C GLY D 178 10.22 -20.80 32.08
N SER D 179 11.46 -20.30 32.21
CA SER D 179 11.84 -19.00 31.69
C SER D 179 13.25 -19.08 31.10
N ILE D 180 13.78 -17.93 30.67
CA ILE D 180 15.07 -17.84 30.00
C ILE D 180 16.00 -16.90 30.78
N THR D 181 17.23 -17.36 30.99
CA THR D 181 18.28 -16.62 31.67
C THR D 181 19.42 -16.33 30.70
N GLU D 182 19.93 -15.10 30.73
CA GLU D 182 21.03 -14.68 29.86
C GLU D 182 22.20 -14.20 30.71
N LEU D 183 23.41 -14.68 30.38
CA LEU D 183 24.64 -14.28 31.04
C LEU D 183 25.50 -13.50 30.06
N PHE D 184 26.04 -12.37 30.48
CA PHE D 184 26.93 -11.63 29.58
C PHE D 184 28.13 -11.06 30.32
N GLY D 185 29.21 -10.87 29.58
CA GLY D 185 30.44 -10.32 30.10
C GLY D 185 31.50 -10.29 29.03
N GLU D 186 32.69 -9.84 29.42
CA GLU D 186 33.84 -9.77 28.53
C GLU D 186 34.57 -11.12 28.53
N PHE D 187 35.74 -11.17 27.89
CA PHE D 187 36.44 -12.44 27.73
C PHE D 187 36.96 -12.95 29.06
N ARG D 188 36.91 -14.28 29.24
CA ARG D 188 37.32 -14.99 30.45
C ARG D 188 36.70 -14.38 31.72
N THR D 189 35.37 -14.44 31.80
CA THR D 189 34.67 -14.01 33.01
C THR D 189 33.86 -15.10 33.68
N GLY D 190 33.80 -16.30 33.10
CA GLY D 190 33.25 -17.46 33.78
C GLY D 190 31.95 -18.02 33.23
N LYS D 191 31.45 -17.51 32.11
CA LYS D 191 30.15 -17.95 31.59
C LYS D 191 30.18 -19.43 31.21
N SER D 192 31.21 -19.84 30.45
CA SER D 192 31.26 -21.20 29.94
C SER D 192 31.41 -22.21 31.07
N GLN D 193 32.19 -21.86 32.10
CA GLN D 193 32.39 -22.75 33.24
C GLN D 193 31.11 -22.92 34.06
N LEU D 194 30.34 -21.83 34.23
CA LEU D 194 29.05 -21.94 34.90
C LEU D 194 28.10 -22.83 34.12
N CYS D 195 28.09 -22.70 32.80
CA CYS D 195 27.26 -23.59 31.99
C CYS D 195 27.68 -25.05 32.17
N HIS D 196 28.98 -25.32 32.24
CA HIS D 196 29.45 -26.69 32.48
C HIS D 196 28.95 -27.23 33.83
N THR D 197 29.11 -26.43 34.88
CA THR D 197 28.67 -26.88 36.20
C THR D 197 27.16 -27.10 36.27
N LEU D 198 26.39 -26.26 35.58
CA LEU D 198 24.95 -26.49 35.50
C LEU D 198 24.65 -27.79 34.75
N ALA D 199 25.35 -28.04 33.65
CA ALA D 199 25.12 -29.27 32.90
C ALA D 199 25.39 -30.51 33.74
N VAL D 200 26.28 -30.40 34.72
CA VAL D 200 26.46 -31.55 35.61
C VAL D 200 25.40 -31.57 36.71
N THR D 201 25.09 -30.42 37.30
CA THR D 201 24.22 -30.38 38.47
C THR D 201 22.75 -30.61 38.14
N CYS D 202 22.36 -30.53 36.88
CA CYS D 202 20.92 -30.74 36.61
C CYS D 202 20.48 -32.21 36.69
N GLN D 203 21.30 -33.13 37.21
CA GLN D 203 20.95 -34.55 37.19
C GLN D 203 20.85 -35.19 38.57
N ILE D 204 21.31 -34.52 39.62
CA ILE D 204 21.44 -35.12 40.95
C ILE D 204 20.06 -35.23 41.59
N PRO D 205 19.91 -36.02 42.65
CA PRO D 205 18.58 -36.21 43.25
C PRO D 205 17.97 -34.89 43.69
N LEU D 206 16.66 -34.76 43.49
CA LEU D 206 15.94 -33.52 43.71
C LEU D 206 15.95 -33.10 45.18
N ASP D 207 16.28 -34.01 46.10
CA ASP D 207 16.33 -33.65 47.51
C ASP D 207 17.38 -32.59 47.79
N ILE D 208 18.56 -32.69 47.15
CA ILE D 208 19.63 -31.74 47.40
C ILE D 208 19.65 -30.56 46.44
N GLY D 209 18.81 -30.57 45.41
CA GLY D 209 18.69 -29.40 44.55
C GLY D 209 18.79 -29.66 43.06
N GLY D 210 18.76 -30.93 42.65
CA GLY D 210 18.90 -31.29 41.26
C GLY D 210 17.58 -31.26 40.51
N GLY D 211 17.60 -31.83 39.31
CA GLY D 211 16.42 -31.87 38.46
C GLY D 211 16.13 -33.25 37.89
N GLU D 212 17.07 -34.17 38.01
CA GLU D 212 16.88 -35.56 37.62
C GLU D 212 16.48 -35.69 36.15
N GLY D 213 17.41 -35.35 35.27
CA GLY D 213 17.17 -35.42 33.84
C GLY D 213 18.41 -35.49 32.98
N LYS D 214 18.31 -34.94 31.78
CA LYS D 214 19.39 -34.87 30.81
C LYS D 214 19.60 -33.41 30.38
N CYS D 215 20.70 -33.17 29.67
CA CYS D 215 21.03 -31.82 29.21
C CYS D 215 21.32 -31.82 27.72
N LEU D 216 20.94 -30.72 27.07
CA LEU D 216 21.11 -30.54 25.64
C LEU D 216 21.98 -29.30 25.39
N TYR D 217 23.17 -29.51 24.81
CA TYR D 217 24.20 -28.47 24.68
C TYR D 217 24.39 -28.10 23.21
N ILE D 218 24.28 -26.80 22.90
CA ILE D 218 24.45 -26.30 21.54
C ILE D 218 25.59 -25.29 21.53
N ASP D 219 26.68 -25.65 20.86
CA ASP D 219 27.92 -24.88 20.85
C ASP D 219 28.18 -24.31 19.46
N THR D 220 28.57 -23.03 19.42
CA THR D 220 28.81 -22.36 18.15
C THR D 220 30.18 -21.69 18.07
N GLU D 221 31.10 -22.00 18.98
CA GLU D 221 32.44 -21.40 18.94
C GLU D 221 33.52 -22.46 19.07
N GLY D 222 33.21 -23.59 19.70
CA GLY D 222 34.18 -24.64 19.87
C GLY D 222 34.93 -24.57 21.19
N THR D 223 34.21 -24.43 22.30
CA THR D 223 34.80 -24.32 23.62
C THR D 223 34.27 -25.36 24.60
N PHE D 224 33.57 -26.38 24.12
CA PHE D 224 33.05 -27.45 24.96
C PHE D 224 34.17 -28.42 25.33
N ARG D 225 34.31 -28.74 26.61
CA ARG D 225 35.39 -29.59 27.09
C ARG D 225 34.88 -30.59 28.14
N PRO D 226 34.69 -31.86 27.78
CA PRO D 226 34.23 -32.85 28.76
C PRO D 226 35.20 -33.06 29.93
N VAL D 227 36.48 -32.71 29.79
CA VAL D 227 37.43 -32.95 30.86
C VAL D 227 37.06 -32.17 32.11
N ARG D 228 36.37 -31.04 31.95
CA ARG D 228 35.89 -30.31 33.11
C ARG D 228 34.71 -31.03 33.76
N LEU D 229 33.77 -31.51 32.95
CA LEU D 229 32.62 -32.24 33.47
C LEU D 229 33.06 -33.45 34.28
N VAL D 230 34.16 -34.09 33.88
CA VAL D 230 34.62 -35.26 34.63
C VAL D 230 34.90 -34.89 36.09
N SER D 231 35.67 -33.82 36.30
CA SER D 231 36.01 -33.42 37.65
C SER D 231 34.78 -32.91 38.41
N ILE D 232 33.92 -32.12 37.73
CA ILE D 232 32.76 -31.59 38.41
C ILE D 232 31.83 -32.72 38.86
N ALA D 233 31.66 -33.74 38.01
CA ALA D 233 30.87 -34.91 38.40
C ALA D 233 31.52 -35.64 39.56
N GLN D 234 32.85 -35.75 39.55
CA GLN D 234 33.52 -36.37 40.69
C GLN D 234 33.22 -35.62 41.98
N ARG D 235 33.05 -34.30 41.91
CA ARG D 235 32.81 -33.51 43.12
C ARG D 235 31.50 -33.93 43.81
N PHE D 236 30.43 -34.12 43.04
CA PHE D 236 29.11 -34.38 43.59
C PHE D 236 28.84 -35.86 43.83
N GLY D 237 29.78 -36.74 43.50
CA GLY D 237 29.64 -38.16 43.78
C GLY D 237 28.87 -38.95 42.74
N LEU D 238 29.17 -38.72 41.46
CA LEU D 238 28.53 -39.43 40.37
C LEU D 238 29.55 -40.28 39.64
N ASP D 239 29.06 -41.33 38.98
CA ASP D 239 29.93 -42.15 38.15
C ASP D 239 30.19 -41.44 36.83
N PRO D 240 31.44 -41.24 36.42
CA PRO D 240 31.72 -40.39 35.25
C PRO D 240 30.99 -40.83 33.99
N ASP D 241 30.82 -42.14 33.78
CA ASP D 241 30.17 -42.60 32.56
C ASP D 241 28.69 -42.23 32.53
N ASP D 242 28.00 -42.36 33.66
CA ASP D 242 26.59 -41.94 33.71
C ASP D 242 26.46 -40.44 33.46
N ALA D 243 27.34 -39.65 34.08
CA ALA D 243 27.28 -38.21 33.89
C ALA D 243 27.58 -37.81 32.44
N LEU D 244 28.52 -38.50 31.80
CA LEU D 244 28.91 -38.15 30.43
C LEU D 244 27.89 -38.62 29.41
N ASN D 245 27.26 -39.77 29.64
CA ASN D 245 26.30 -40.30 28.67
C ASN D 245 25.01 -39.49 28.62
N ASN D 246 24.69 -38.73 29.67
CA ASN D 246 23.41 -38.05 29.77
C ASN D 246 23.47 -36.61 29.30
N VAL D 247 24.38 -36.27 28.39
CA VAL D 247 24.46 -34.96 27.78
C VAL D 247 24.51 -35.15 26.26
N ALA D 248 23.67 -34.41 25.53
CA ALA D 248 23.59 -34.51 24.09
C ALA D 248 24.17 -33.23 23.47
N TYR D 249 25.20 -33.38 22.65
CA TYR D 249 26.02 -32.26 22.21
C TYR D 249 25.82 -32.02 20.72
N ALA D 250 25.81 -30.74 20.32
CA ALA D 250 25.66 -30.41 18.91
C ALA D 250 26.39 -29.12 18.57
N ARG D 251 27.09 -29.13 17.44
CA ARG D 251 27.86 -27.99 16.95
C ARG D 251 27.17 -27.37 15.74
N ALA D 252 27.23 -26.05 15.64
CA ALA D 252 26.60 -25.31 14.56
C ALA D 252 27.66 -24.61 13.73
N TYR D 253 27.34 -24.36 12.45
CA TYR D 253 28.27 -23.74 11.54
C TYR D 253 27.74 -22.49 10.82
N ASN D 254 26.43 -22.26 10.82
CA ASN D 254 25.88 -20.97 10.40
C ASN D 254 24.51 -20.82 11.04
N ALA D 255 23.88 -19.67 10.80
CA ALA D 255 22.62 -19.36 11.48
C ALA D 255 21.50 -20.33 11.11
N ASP D 256 21.41 -20.69 9.82
CA ASP D 256 20.34 -21.59 9.38
C ASP D 256 20.43 -22.95 10.05
N HIS D 257 21.63 -23.50 10.17
CA HIS D 257 21.80 -24.76 10.90
C HIS D 257 21.39 -24.59 12.35
N GLN D 258 21.71 -23.44 12.94
CA GLN D 258 21.30 -23.13 14.31
C GLN D 258 19.79 -23.24 14.47
N LEU D 259 19.05 -22.55 13.61
CA LEU D 259 17.59 -22.59 13.69
C LEU D 259 17.06 -24.00 13.40
N ARG D 260 17.73 -24.73 12.50
CA ARG D 260 17.25 -26.06 12.12
C ARG D 260 17.37 -27.07 13.26
N LEU D 261 18.43 -26.98 14.06
CA LEU D 261 18.66 -27.97 15.10
C LEU D 261 17.54 -28.02 16.14
N LEU D 262 16.74 -26.95 16.26
CA LEU D 262 15.74 -26.89 17.31
C LEU D 262 14.63 -27.92 17.10
N ASP D 263 14.27 -28.20 15.84
CA ASP D 263 13.25 -29.20 15.57
C ASP D 263 13.71 -30.59 16.00
N ALA D 264 14.96 -30.93 15.73
CA ALA D 264 15.50 -32.20 16.21
C ALA D 264 15.52 -32.23 17.74
N ALA D 265 15.84 -31.10 18.37
CA ALA D 265 15.78 -31.04 19.83
C ALA D 265 14.38 -31.36 20.34
N ALA D 266 13.37 -30.74 19.73
CA ALA D 266 11.98 -30.97 20.16
C ALA D 266 11.58 -32.43 19.95
N GLN D 267 11.97 -33.02 18.83
CA GLN D 267 11.67 -34.42 18.59
C GLN D 267 12.32 -35.32 19.64
N MET D 268 13.58 -35.04 19.98
CA MET D 268 14.27 -35.81 21.02
C MET D 268 13.62 -35.65 22.37
N MET D 269 13.09 -34.46 22.67
CA MET D 269 12.60 -34.17 24.02
C MET D 269 11.41 -35.05 24.38
N SER D 270 10.47 -35.23 23.45
CA SER D 270 9.20 -35.89 23.76
C SER D 270 9.35 -37.38 24.05
N GLU D 271 10.56 -37.93 24.00
CA GLU D 271 10.79 -39.34 24.24
C GLU D 271 11.51 -39.64 25.53
N SER D 272 12.17 -38.65 26.14
CA SER D 272 12.90 -38.84 27.40
C SER D 272 12.64 -37.63 28.28
N ARG D 273 13.15 -37.69 29.52
CA ARG D 273 12.94 -36.64 30.51
C ARG D 273 14.17 -35.74 30.55
N PHE D 274 14.06 -34.57 29.90
CA PHE D 274 15.11 -33.56 29.86
C PHE D 274 14.81 -32.47 30.88
N SER D 275 15.85 -31.76 31.29
CA SER D 275 15.64 -30.63 32.19
C SER D 275 16.45 -29.38 31.88
N LEU D 276 17.31 -29.35 30.87
CA LEU D 276 18.10 -28.15 30.63
C LEU D 276 18.55 -28.06 29.17
N ILE D 277 18.47 -26.85 28.61
CA ILE D 277 19.00 -26.53 27.28
C ILE D 277 20.00 -25.39 27.42
N VAL D 278 21.16 -25.53 26.78
CA VAL D 278 22.23 -24.53 26.79
C VAL D 278 22.51 -24.10 25.37
N VAL D 279 22.62 -22.78 25.15
CA VAL D 279 23.00 -22.20 23.86
C VAL D 279 24.15 -21.22 24.10
N ASP D 280 25.35 -21.59 23.68
CA ASP D 280 26.55 -20.82 24.01
C ASP D 280 26.86 -19.82 22.90
N SER D 281 26.69 -18.53 23.23
CA SER D 281 26.88 -17.43 22.28
C SER D 281 25.88 -17.51 21.12
N VAL D 282 24.62 -17.23 21.43
CA VAL D 282 23.57 -17.19 20.42
C VAL D 282 23.95 -16.25 19.27
N MET D 283 24.76 -15.23 19.54
CA MET D 283 24.99 -14.20 18.53
C MET D 283 26.35 -14.27 17.84
N ALA D 284 27.14 -15.32 18.07
CA ALA D 284 28.47 -15.37 17.46
C ALA D 284 28.39 -15.49 15.94
N LEU D 285 27.49 -16.33 15.42
CA LEU D 285 27.39 -16.54 13.99
C LEU D 285 26.69 -15.40 13.26
N TYR D 286 25.73 -14.74 13.92
CA TYR D 286 24.99 -13.66 13.28
C TYR D 286 25.88 -12.48 12.91
N ARG D 287 27.04 -12.35 13.57
CA ARG D 287 27.89 -11.19 13.35
C ARG D 287 28.40 -11.11 11.91
N THR D 288 28.81 -12.25 11.35
CA THR D 288 29.44 -12.25 10.04
C THR D 288 28.56 -12.79 8.92
N ASP D 289 27.43 -13.43 9.23
CA ASP D 289 26.51 -13.85 8.18
C ASP D 289 25.80 -12.65 7.56
N PHE D 290 25.50 -11.62 8.34
CA PHE D 290 24.95 -10.38 7.85
C PHE D 290 25.95 -9.28 8.14
N SER D 291 26.25 -8.45 7.14
CA SER D 291 27.36 -7.51 7.23
C SER D 291 26.88 -6.09 6.93
N GLY D 292 26.97 -5.21 7.93
CA GLY D 292 26.77 -3.79 7.74
C GLY D 292 25.31 -3.41 7.56
N ARG D 293 25.08 -2.10 7.61
CA ARG D 293 23.76 -1.56 7.32
C ARG D 293 23.37 -1.89 5.89
N GLY D 294 22.09 -2.22 5.70
CA GLY D 294 21.63 -2.85 4.48
C GLY D 294 21.36 -4.33 4.62
N GLU D 295 21.73 -4.93 5.75
CA GLU D 295 21.38 -6.30 6.08
C GLU D 295 20.90 -6.45 7.52
N LEU D 296 20.59 -5.34 8.19
CA LEU D 296 20.29 -5.38 9.62
C LEU D 296 18.90 -5.96 9.88
N SER D 297 17.90 -5.58 9.09
CA SER D 297 16.53 -5.99 9.33
C SER D 297 16.36 -7.50 9.25
N ALA D 298 16.96 -8.12 8.23
CA ALA D 298 16.85 -9.57 8.08
C ALA D 298 17.52 -10.29 9.25
N ARG D 299 18.67 -9.78 9.71
CA ARG D 299 19.34 -10.33 10.87
C ARG D 299 18.44 -10.30 12.09
N GLN D 300 17.82 -9.15 12.36
CA GLN D 300 16.97 -9.03 13.54
C GLN D 300 15.74 -9.92 13.45
N MET D 301 15.14 -10.04 12.26
CA MET D 301 13.98 -10.91 12.09
C MET D 301 14.33 -12.37 12.36
N HIS D 302 15.45 -12.84 11.80
CA HIS D 302 15.89 -14.21 12.05
C HIS D 302 16.10 -14.46 13.54
N LEU D 303 16.75 -13.52 14.23
CA LEU D 303 16.98 -13.67 15.67
C LEU D 303 15.66 -13.74 16.44
N ALA D 304 14.69 -12.90 16.06
CA ALA D 304 13.40 -12.92 16.75
C ALA D 304 12.72 -14.28 16.61
N LYS D 305 12.76 -14.86 15.42
CA LYS D 305 12.17 -16.19 15.25
C LYS D 305 12.85 -17.23 16.13
N PHE D 306 14.19 -17.18 16.20
CA PHE D 306 14.93 -18.10 17.07
C PHE D 306 14.49 -17.98 18.53
N MET D 307 14.38 -16.75 19.04
CA MET D 307 14.00 -16.55 20.43
C MET D 307 12.58 -17.07 20.71
N ARG D 308 11.65 -16.82 19.78
CA ARG D 308 10.29 -17.30 19.99
C ARG D 308 10.24 -18.82 20.06
N ALA D 309 11.00 -19.49 19.18
CA ALA D 309 11.03 -20.95 19.23
C ALA D 309 11.56 -21.47 20.56
N LEU D 310 12.61 -20.83 21.09
CA LEU D 310 13.13 -21.22 22.40
C LEU D 310 12.07 -21.11 23.49
N GLN D 311 11.35 -19.98 23.52
CA GLN D 311 10.33 -19.80 24.55
C GLN D 311 9.22 -20.84 24.43
N ARG D 312 8.80 -21.14 23.20
CA ARG D 312 7.76 -22.14 23.03
C ARG D 312 8.21 -23.51 23.53
N LEU D 313 9.47 -23.88 23.28
CA LEU D 313 9.99 -25.13 23.83
C LEU D 313 9.88 -25.14 25.36
N ALA D 314 10.28 -24.03 25.99
CA ALA D 314 10.20 -23.95 27.45
C ALA D 314 8.77 -24.13 27.93
N ASP D 315 7.80 -23.51 27.25
CA ASP D 315 6.40 -23.68 27.63
C ASP D 315 5.97 -25.13 27.49
N GLN D 316 6.30 -25.76 26.37
CA GLN D 316 5.85 -27.12 26.10
C GLN D 316 6.34 -28.08 27.18
N PHE D 317 7.65 -28.08 27.45
CA PHE D 317 8.24 -29.16 28.24
C PHE D 317 8.62 -28.78 29.66
N GLY D 318 8.50 -27.51 30.04
CA GLY D 318 8.82 -27.11 31.40
C GLY D 318 10.27 -27.31 31.78
N VAL D 319 11.18 -26.89 30.90
CA VAL D 319 12.61 -27.04 31.13
C VAL D 319 13.21 -25.65 31.38
N ALA D 320 14.49 -25.64 31.75
CA ALA D 320 15.25 -24.41 31.91
C ALA D 320 16.12 -24.17 30.67
N VAL D 321 16.28 -22.89 30.32
CA VAL D 321 17.01 -22.48 29.13
C VAL D 321 18.06 -21.45 29.51
N VAL D 322 19.32 -21.66 29.11
CA VAL D 322 20.42 -20.76 29.40
C VAL D 322 21.12 -20.39 28.10
N VAL D 323 21.43 -19.11 27.92
CA VAL D 323 22.10 -18.61 26.72
C VAL D 323 23.18 -17.62 27.11
N THR D 324 24.28 -17.60 26.36
CA THR D 324 25.36 -16.65 26.64
C THR D 324 25.48 -15.58 25.54
N ASN D 325 26.26 -14.54 25.83
CA ASN D 325 26.35 -13.37 24.94
C ASN D 325 27.70 -12.66 25.08
N GLN D 326 28.01 -11.82 24.10
CA GLN D 326 29.26 -11.09 23.97
C GLN D 326 29.04 -9.59 24.16
N VAL D 327 30.14 -8.84 24.29
CA VAL D 327 30.10 -7.41 24.54
C VAL D 327 30.82 -6.65 23.44
N VAL D 328 30.56 -5.35 23.38
CA VAL D 328 31.19 -4.43 22.44
C VAL D 328 31.42 -3.10 23.15
N ALA D 329 32.32 -2.30 22.58
CA ALA D 329 32.71 -1.03 23.18
C ALA D 329 31.82 0.11 22.68
N GLN D 330 31.66 1.12 23.54
CA GLN D 330 30.88 2.30 23.20
C GLN D 330 31.84 3.43 22.84
N VAL D 331 31.75 3.89 21.59
CA VAL D 331 32.65 4.93 21.11
C VAL D 331 31.88 6.21 20.85
N PRO D 341 31.59 1.13 30.05
CA PRO D 341 32.05 1.42 28.68
C PRO D 341 31.81 0.28 27.70
N LYS D 342 31.23 -0.82 28.18
CA LYS D 342 30.98 -2.00 27.36
C LYS D 342 29.53 -2.42 27.52
N LYS D 343 28.90 -2.81 26.42
CA LYS D 343 27.50 -3.20 26.43
C LYS D 343 27.30 -4.46 25.59
N PRO D 344 26.29 -5.26 25.90
CA PRO D 344 26.03 -6.47 25.13
C PRO D 344 25.42 -6.19 23.76
N ILE D 345 25.54 -7.17 22.87
CA ILE D 345 25.13 -7.01 21.47
C ILE D 345 23.83 -7.76 21.23
N GLY D 346 23.07 -7.30 20.25
CA GLY D 346 21.81 -7.91 19.91
C GLY D 346 20.65 -6.93 19.83
N GLY D 347 20.80 -5.78 20.45
CA GLY D 347 19.77 -4.76 20.39
C GLY D 347 18.54 -5.03 21.24
N ASN D 348 17.48 -4.32 20.88
CA ASN D 348 16.23 -4.37 21.65
C ASN D 348 15.54 -5.72 21.52
N ILE D 349 15.68 -6.39 20.38
CA ILE D 349 15.10 -7.71 20.22
C ILE D 349 15.61 -8.65 21.30
N MET D 350 16.90 -8.60 21.58
CA MET D 350 17.48 -9.43 22.63
C MET D 350 17.17 -8.89 24.02
N ALA D 351 17.15 -7.57 24.18
CA ALA D 351 16.88 -7.00 25.50
C ALA D 351 15.48 -7.34 26.00
N HIS D 352 14.48 -7.32 25.12
CA HIS D 352 13.09 -7.45 25.54
C HIS D 352 12.61 -8.88 25.72
N SER D 353 13.34 -9.88 25.23
CA SER D 353 12.82 -11.24 25.21
C SER D 353 13.43 -12.15 26.27
N SER D 354 14.39 -11.68 27.05
CA SER D 354 14.97 -12.46 28.13
C SER D 354 14.23 -12.20 29.42
N THR D 355 14.09 -13.24 30.25
CA THR D 355 13.43 -13.09 31.54
C THR D 355 14.40 -12.62 32.63
N THR D 356 15.58 -13.22 32.71
CA THR D 356 16.58 -12.81 33.68
C THR D 356 17.89 -12.46 32.97
N ARG D 357 18.59 -11.44 33.46
CA ARG D 357 19.86 -10.99 32.88
C ARG D 357 20.91 -10.83 33.98
N LEU D 358 22.07 -11.45 33.77
CA LEU D 358 23.18 -11.39 34.73
C LEU D 358 24.44 -10.91 34.04
N GLY D 359 25.20 -10.07 34.75
CA GLY D 359 26.45 -9.54 34.26
C GLY D 359 27.62 -10.02 35.11
N PHE D 360 28.67 -10.49 34.42
CA PHE D 360 29.86 -11.02 35.07
C PHE D 360 31.04 -10.08 34.91
N LYS D 361 31.89 -10.02 35.93
CA LYS D 361 33.08 -9.17 35.90
C LYS D 361 34.27 -9.90 36.52
N LYS D 362 35.46 -9.48 36.11
CA LYS D 362 36.71 -10.08 36.57
C LYS D 362 37.15 -9.46 37.90
N GLY D 363 37.55 -10.30 38.84
CA GLY D 363 38.00 -9.85 40.13
C GLY D 363 39.48 -10.11 40.37
N LYS D 364 39.88 -10.26 41.62
CA LYS D 364 41.28 -10.44 41.99
C LYS D 364 41.58 -11.92 42.09
N GLY D 365 42.54 -12.39 41.30
CA GLY D 365 42.91 -13.79 41.29
C GLY D 365 41.92 -14.65 40.54
N CYS D 366 41.33 -15.63 41.24
CA CYS D 366 40.35 -16.53 40.64
C CYS D 366 38.93 -16.18 41.05
N GLN D 367 38.68 -14.94 41.43
CA GLN D 367 37.38 -14.51 41.94
C GLN D 367 36.67 -13.62 40.93
N ARG D 368 35.38 -13.88 40.72
CA ARG D 368 34.56 -13.14 39.79
C ARG D 368 33.38 -12.51 40.52
N LEU D 369 32.85 -11.43 39.95
CA LEU D 369 31.73 -10.69 40.51
C LEU D 369 30.49 -10.86 39.64
N CYS D 370 29.34 -11.05 40.27
CA CYS D 370 28.07 -11.26 39.57
C CYS D 370 27.06 -10.21 39.98
N LYS D 371 26.29 -9.70 39.02
CA LYS D 371 25.30 -8.67 39.26
C LYS D 371 24.00 -8.99 38.53
N VAL D 372 22.87 -8.71 39.19
CA VAL D 372 21.54 -8.92 38.63
C VAL D 372 21.13 -7.64 37.91
N VAL D 373 20.94 -7.73 36.59
CA VAL D 373 20.60 -6.55 35.80
C VAL D 373 19.11 -6.47 35.45
N ASP D 374 18.40 -7.60 35.44
CA ASP D 374 16.99 -7.61 35.10
C ASP D 374 16.33 -8.85 35.72
N SER D 375 15.11 -8.67 36.22
CA SER D 375 14.32 -9.77 36.76
C SER D 375 12.93 -9.29 37.14
N PRO D 376 11.91 -10.15 37.08
CA PRO D 376 10.55 -9.71 37.45
C PRO D 376 10.24 -9.73 38.94
N CYS D 377 10.99 -10.47 39.77
CA CYS D 377 10.65 -10.54 41.18
C CYS D 377 11.85 -10.43 42.12
N LEU D 378 13.00 -9.95 41.64
CA LEU D 378 14.18 -9.80 42.47
C LEU D 378 14.71 -8.37 42.39
N PRO D 379 15.33 -7.90 43.47
CA PRO D 379 16.00 -6.59 43.43
C PRO D 379 17.46 -6.68 42.98
N GLU D 380 18.05 -5.51 42.77
CA GLU D 380 19.42 -5.40 42.29
C GLU D 380 20.41 -5.68 43.41
N ALA D 381 21.30 -6.63 43.20
CA ALA D 381 22.29 -6.99 44.21
C ALA D 381 23.49 -7.62 43.54
N GLU D 382 24.61 -7.67 44.27
CA GLU D 382 25.88 -8.17 43.77
C GLU D 382 26.41 -9.29 44.67
N CYS D 383 27.25 -10.14 44.09
CA CYS D 383 27.83 -11.25 44.84
C CYS D 383 29.19 -11.60 44.26
N VAL D 384 29.92 -12.44 45.01
CA VAL D 384 31.28 -12.84 44.67
C VAL D 384 31.35 -14.36 44.64
N PHE D 385 31.85 -14.93 43.54
CA PHE D 385 32.05 -16.37 43.45
C PHE D 385 33.46 -16.65 42.93
N ALA D 386 33.83 -17.93 42.87
CA ALA D 386 35.18 -18.31 42.50
C ALA D 386 35.16 -19.54 41.58
N ILE D 387 36.19 -19.65 40.75
CA ILE D 387 36.37 -20.76 39.83
C ILE D 387 37.50 -21.64 40.36
N TYR D 388 37.25 -22.94 40.45
CA TYR D 388 38.25 -23.89 40.92
C TYR D 388 38.28 -25.09 39.99
N GLU D 389 39.24 -25.98 40.24
CA GLU D 389 39.42 -27.16 39.40
C GLU D 389 38.17 -28.01 39.35
N ASP D 390 37.32 -27.95 40.37
CA ASP D 390 36.09 -28.75 40.40
C ASP D 390 34.84 -27.92 40.17
N GLY D 391 34.96 -26.66 39.74
CA GLY D 391 33.81 -25.92 39.27
C GLY D 391 33.63 -24.61 39.99
N VAL D 392 32.39 -24.13 40.00
CA VAL D 392 32.05 -22.87 40.62
C VAL D 392 31.82 -23.07 42.11
N GLY D 393 32.30 -22.14 42.92
CA GLY D 393 32.15 -22.27 44.36
C GLY D 393 32.22 -20.94 45.07
N ASP D 394 32.19 -21.02 46.40
CA ASP D 394 32.34 -19.86 47.26
C ASP D 394 33.81 -19.54 47.48
N PRO D 395 34.16 -18.26 47.63
CA PRO D 395 35.56 -17.91 47.89
C PRO D 395 36.07 -18.56 49.17
N ARG D 396 37.33 -18.97 49.15
CA ARG D 396 37.97 -19.59 50.30
C ARG D 396 38.66 -18.55 51.17
N SER E 79 40.06 -37.83 6.34
CA SER E 79 40.13 -36.36 6.37
C SER E 79 39.19 -35.75 5.34
N PHE E 80 39.57 -34.58 4.82
CA PHE E 80 38.70 -33.85 3.91
C PHE E 80 38.33 -34.72 2.72
N VAL E 81 37.03 -34.81 2.44
CA VAL E 81 36.53 -35.56 1.29
C VAL E 81 36.59 -34.66 0.08
N PRO E 82 36.95 -35.17 -1.10
CA PRO E 82 37.07 -34.31 -2.27
C PRO E 82 35.72 -33.76 -2.72
N ILE E 83 35.77 -32.59 -3.36
CA ILE E 83 34.55 -31.92 -3.81
C ILE E 83 34.01 -32.50 -5.10
N GLU E 84 34.62 -33.56 -5.63
CA GLU E 84 34.13 -34.19 -6.85
C GLU E 84 33.05 -35.22 -6.58
N LYS E 85 32.73 -35.51 -5.32
CA LYS E 85 31.67 -36.45 -5.00
C LYS E 85 30.27 -35.85 -5.12
N LEU E 86 30.17 -34.54 -5.37
CA LEU E 86 28.88 -33.90 -5.60
C LEU E 86 28.50 -33.93 -7.08
N GLN E 87 28.52 -35.13 -7.67
CA GLN E 87 28.22 -35.33 -9.08
C GLN E 87 27.43 -36.61 -9.29
N VAL E 88 26.42 -36.84 -8.46
CA VAL E 88 25.64 -38.08 -8.56
C VAL E 88 24.39 -37.89 -9.42
N ASN E 89 23.58 -36.88 -9.13
CA ASN E 89 22.37 -36.61 -9.89
C ASN E 89 22.32 -35.14 -10.28
N GLY E 90 22.16 -34.88 -11.58
CA GLY E 90 21.94 -33.52 -12.05
C GLY E 90 23.06 -32.55 -11.77
N ILE E 91 24.30 -33.03 -11.70
CA ILE E 91 25.46 -32.19 -11.46
C ILE E 91 26.54 -32.54 -12.49
N THR E 92 27.12 -31.53 -13.12
CA THR E 92 28.12 -31.70 -14.16
C THR E 92 29.48 -31.19 -13.67
N MET E 93 30.46 -31.23 -14.56
CA MET E 93 31.80 -30.75 -14.22
C MET E 93 31.86 -29.22 -14.21
N ALA E 94 31.01 -28.57 -15.01
CA ALA E 94 30.97 -27.11 -15.00
C ALA E 94 30.55 -26.57 -13.64
N ASP E 95 29.66 -27.28 -12.94
CA ASP E 95 29.25 -26.83 -11.62
C ASP E 95 30.44 -26.79 -10.66
N VAL E 96 31.20 -27.88 -10.61
CA VAL E 96 32.41 -27.91 -9.78
C VAL E 96 33.40 -26.87 -10.27
N LYS E 97 33.42 -26.59 -11.57
CA LYS E 97 34.34 -25.59 -12.09
C LYS E 97 34.03 -24.21 -11.54
N LYS E 98 32.77 -23.79 -11.61
CA LYS E 98 32.44 -22.48 -11.06
C LYS E 98 32.57 -22.45 -9.54
N LEU E 99 32.33 -23.59 -8.88
CA LEU E 99 32.59 -23.64 -7.45
C LEU E 99 34.06 -23.37 -7.14
N ARG E 100 34.96 -24.12 -7.78
CA ARG E 100 36.39 -23.94 -7.52
C ARG E 100 36.86 -22.56 -7.95
N GLU E 101 36.22 -21.96 -8.95
CA GLU E 101 36.49 -20.56 -9.27
C GLU E 101 36.07 -19.65 -8.12
N SER E 102 34.93 -19.96 -7.49
CA SER E 102 34.48 -19.16 -6.35
C SER E 102 35.43 -19.28 -5.17
N GLY E 103 35.92 -20.49 -4.89
CA GLY E 103 36.87 -20.68 -3.81
C GLY E 103 36.71 -21.98 -3.05
N LEU E 104 35.54 -22.59 -3.10
CA LEU E 104 35.32 -23.85 -2.40
C LEU E 104 36.19 -24.94 -3.00
N HIS E 105 36.74 -25.80 -2.13
CA HIS E 105 37.64 -26.86 -2.59
C HIS E 105 37.41 -28.17 -1.84
N THR E 106 36.19 -28.42 -1.37
CA THR E 106 35.90 -29.65 -0.65
C THR E 106 34.41 -29.64 -0.31
N ALA E 107 33.89 -30.83 0.01
CA ALA E 107 32.47 -30.96 0.34
C ALA E 107 32.12 -30.17 1.60
N GLU E 108 33.01 -30.20 2.60
CA GLU E 108 32.76 -29.46 3.83
C GLU E 108 32.65 -27.97 3.57
N ALA E 109 33.48 -27.45 2.67
CA ALA E 109 33.41 -26.02 2.35
C ALA E 109 32.05 -25.62 1.80
N VAL E 110 31.27 -26.58 1.29
CA VAL E 110 29.96 -26.29 0.72
C VAL E 110 28.87 -26.60 1.73
N ALA E 111 29.12 -27.58 2.60
CA ALA E 111 28.14 -27.90 3.64
C ALA E 111 28.11 -26.85 4.74
N TYR E 112 29.24 -26.20 5.02
CA TYR E 112 29.30 -25.17 6.04
C TYR E 112 28.93 -23.79 5.53
N ALA E 113 28.53 -23.67 4.26
CA ALA E 113 28.24 -22.36 3.70
C ALA E 113 26.73 -22.11 3.64
N PRO E 114 26.30 -20.86 3.85
CA PRO E 114 24.88 -20.55 3.75
C PRO E 114 24.40 -20.49 2.32
N ARG E 115 23.08 -20.63 2.17
CA ARG E 115 22.47 -20.66 0.84
C ARG E 115 22.56 -19.31 0.14
N LYS E 116 22.49 -18.21 0.89
CA LYS E 116 22.63 -16.90 0.29
C LYS E 116 24.00 -16.74 -0.37
N ASP E 117 25.04 -17.30 0.25
CA ASP E 117 26.36 -17.30 -0.37
C ASP E 117 26.36 -18.11 -1.67
N LEU E 118 25.68 -19.25 -1.67
CA LEU E 118 25.60 -20.06 -2.88
C LEU E 118 24.92 -19.31 -4.01
N LEU E 119 23.83 -18.60 -3.71
CA LEU E 119 23.12 -17.88 -4.76
C LEU E 119 23.82 -16.57 -5.08
N GLU E 120 25.13 -16.62 -5.28
CA GLU E 120 25.89 -15.43 -5.64
C GLU E 120 26.95 -15.70 -6.69
N ILE E 121 27.05 -16.91 -7.22
CA ILE E 121 28.00 -17.26 -8.27
C ILE E 121 27.25 -17.34 -9.59
N LYS E 122 27.74 -16.62 -10.59
CA LYS E 122 27.06 -16.54 -11.88
C LYS E 122 26.90 -17.93 -12.47
N GLY E 123 25.64 -18.33 -12.72
CA GLY E 123 25.35 -19.65 -13.21
C GLY E 123 24.49 -20.43 -12.24
N ILE E 124 24.79 -20.30 -10.94
CA ILE E 124 23.97 -20.90 -9.90
C ILE E 124 22.94 -19.85 -9.49
N SER E 125 21.72 -20.00 -10.00
CA SER E 125 20.66 -19.03 -9.78
C SER E 125 19.67 -19.46 -8.71
N GLU E 126 19.07 -20.64 -8.85
CA GLU E 126 18.16 -21.20 -7.85
C GLU E 126 17.72 -22.57 -8.36
N ALA E 127 17.14 -23.36 -7.47
CA ALA E 127 16.65 -24.68 -7.80
C ALA E 127 17.80 -25.67 -7.93
N LYS E 128 19.03 -25.18 -7.83
CA LYS E 128 20.22 -26.03 -7.80
C LYS E 128 21.01 -25.93 -6.51
N ALA E 129 20.92 -24.80 -5.80
CA ALA E 129 21.58 -24.71 -4.51
C ALA E 129 21.03 -25.72 -3.52
N ASP E 130 19.70 -25.90 -3.50
CA ASP E 130 19.10 -26.90 -2.64
C ASP E 130 19.61 -28.29 -2.98
N LYS E 131 19.86 -28.55 -4.26
CA LYS E 131 20.35 -29.87 -4.67
C LYS E 131 21.73 -30.15 -4.10
N LEU E 132 22.60 -29.14 -4.10
CA LEU E 132 23.92 -29.30 -3.50
C LEU E 132 23.84 -29.40 -1.99
N LEU E 133 22.95 -28.62 -1.36
CA LEU E 133 22.83 -28.64 0.09
C LEU E 133 22.34 -29.99 0.58
N ASN E 134 21.36 -30.58 -0.11
CA ASN E 134 20.91 -31.92 0.26
C ASN E 134 22.03 -32.93 0.10
N GLU E 135 22.82 -32.80 -0.95
CA GLU E 135 24.05 -33.55 -1.07
C GLU E 135 25.10 -33.00 -0.10
N ALA E 136 26.08 -33.84 0.22
CA ALA E 136 27.13 -33.49 1.17
C ALA E 136 26.59 -33.50 2.59
N ALA E 137 25.26 -33.61 2.73
CA ALA E 137 24.65 -33.76 4.04
C ALA E 137 24.75 -35.20 4.54
N ARG E 138 24.77 -36.16 3.62
CA ARG E 138 25.07 -37.54 3.94
C ARG E 138 26.56 -37.84 3.84
N LEU E 139 27.35 -36.90 3.31
CA LEU E 139 28.80 -37.03 3.27
C LEU E 139 29.45 -36.42 4.51
N VAL E 140 29.10 -35.19 4.85
CA VAL E 140 29.60 -34.53 6.05
C VAL E 140 28.61 -34.79 7.19
N PRO E 141 29.03 -35.39 8.30
CA PRO E 141 28.09 -35.66 9.38
C PRO E 141 27.74 -34.41 10.16
N MET E 142 26.44 -34.22 10.38
CA MET E 142 25.93 -33.05 11.10
C MET E 142 24.70 -33.49 11.88
N GLY E 143 24.76 -33.38 13.19
CA GLY E 143 23.64 -33.76 14.03
C GLY E 143 23.97 -33.64 15.50
N PHE E 144 23.26 -34.41 16.30
CA PHE E 144 23.48 -34.49 17.74
C PHE E 144 24.20 -35.79 18.07
N VAL E 145 25.17 -35.72 18.98
CA VAL E 145 25.88 -36.89 19.47
C VAL E 145 25.99 -36.82 20.99
N THR E 146 26.44 -37.93 21.58
CA THR E 146 26.72 -37.98 23.00
C THR E 146 28.08 -37.38 23.31
N ALA E 147 28.25 -36.88 24.53
CA ALA E 147 29.49 -36.22 24.91
C ALA E 147 30.63 -37.22 25.14
N ALA E 148 30.31 -38.46 25.50
CA ALA E 148 31.36 -39.47 25.69
C ALA E 148 32.09 -39.77 24.38
N ASP E 149 31.33 -39.87 23.28
CA ASP E 149 31.95 -40.06 21.98
C ASP E 149 32.81 -38.86 21.58
N PHE E 150 32.36 -37.65 21.95
CA PHE E 150 33.18 -36.48 21.70
C PHE E 150 34.49 -36.54 22.49
N HIS E 151 34.44 -37.02 23.72
CA HIS E 151 35.65 -37.23 24.49
C HIS E 151 36.59 -38.19 23.77
N MET E 152 36.04 -39.31 23.29
CA MET E 152 36.85 -40.27 22.56
C MET E 152 37.51 -39.62 21.33
N ARG E 153 36.73 -38.83 20.58
CA ARG E 153 37.27 -38.18 19.39
C ARG E 153 38.40 -37.21 19.75
N ARG E 154 38.15 -36.33 20.72
CA ARG E 154 39.13 -35.31 21.08
C ARG E 154 40.36 -35.89 21.77
N SER E 155 40.30 -37.14 22.24
CA SER E 155 41.45 -37.75 22.88
C SER E 155 42.50 -38.24 21.89
N GLU E 156 42.45 -37.78 20.64
CA GLU E 156 43.42 -38.20 19.62
C GLU E 156 43.93 -37.03 18.79
N LEU E 157 44.09 -35.85 19.39
CA LEU E 157 44.60 -34.70 18.67
C LEU E 157 46.13 -34.64 18.77
N ILE E 158 46.73 -33.76 17.97
CA ILE E 158 48.17 -33.66 17.84
C ILE E 158 48.64 -32.33 18.41
N CYS E 159 49.70 -32.37 19.23
CA CYS E 159 50.32 -31.18 19.78
C CYS E 159 51.78 -31.13 19.37
N LEU E 160 52.21 -29.99 18.84
CA LEU E 160 53.57 -29.79 18.34
C LEU E 160 54.42 -29.10 19.40
N THR E 161 55.63 -29.62 19.61
CA THR E 161 56.50 -29.10 20.64
C THR E 161 56.95 -27.68 20.32
N THR E 162 57.27 -26.92 21.36
CA THR E 162 57.70 -25.54 21.24
C THR E 162 59.20 -25.36 21.41
N GLY E 163 59.94 -26.44 21.64
CA GLY E 163 61.37 -26.38 21.84
C GLY E 163 61.80 -26.15 23.28
N SER E 164 60.86 -25.87 24.18
CA SER E 164 61.14 -25.66 25.59
C SER E 164 60.31 -26.64 26.42
N LYS E 165 60.94 -27.21 27.45
CA LYS E 165 60.22 -28.15 28.31
C LYS E 165 59.25 -27.43 29.23
N ASN E 166 59.67 -26.29 29.80
CA ASN E 166 58.78 -25.53 30.66
C ASN E 166 57.54 -25.10 29.91
N LEU E 167 57.69 -24.63 28.67
CA LEU E 167 56.56 -24.19 27.87
C LEU E 167 55.61 -25.34 27.56
N ASP E 168 56.17 -26.52 27.24
CA ASP E 168 55.33 -27.67 26.98
C ASP E 168 54.55 -28.09 28.21
N THR E 169 55.18 -28.07 29.37
CA THR E 169 54.48 -28.39 30.60
C THR E 169 53.38 -27.37 30.91
N LEU E 170 53.67 -26.08 30.69
CA LEU E 170 52.68 -25.05 30.96
C LEU E 170 51.50 -25.10 29.99
N LEU E 171 51.73 -25.55 28.76
CA LEU E 171 50.67 -25.60 27.76
C LEU E 171 49.86 -26.89 27.81
N GLY E 172 50.22 -27.83 28.67
CA GLY E 172 49.51 -29.09 28.72
C GLY E 172 49.78 -30.01 27.57
N GLY E 173 50.97 -29.91 26.95
CA GLY E 173 51.34 -30.81 25.88
C GLY E 173 51.98 -30.14 24.68
N GLY E 174 51.56 -28.92 24.37
CA GLY E 174 52.05 -28.21 23.21
C GLY E 174 50.90 -27.63 22.40
N VAL E 175 51.28 -26.83 21.40
CA VAL E 175 50.29 -26.13 20.59
C VAL E 175 49.35 -27.15 19.96
N GLU E 176 48.05 -26.87 20.05
CA GLU E 176 47.00 -27.81 19.69
C GLU E 176 46.34 -27.40 18.38
N THR E 177 46.10 -28.39 17.52
CA THR E 177 45.52 -28.14 16.20
C THR E 177 44.00 -28.12 16.25
N GLY E 178 43.41 -27.32 15.37
CA GLY E 178 41.99 -27.14 15.32
C GLY E 178 41.51 -25.84 15.93
N SER E 179 42.34 -25.14 16.70
CA SER E 179 41.94 -23.89 17.32
C SER E 179 42.91 -22.77 16.96
N ILE E 180 42.79 -21.62 17.62
CA ILE E 180 43.61 -20.45 17.34
C ILE E 180 44.35 -20.05 18.61
N THR E 181 45.66 -19.91 18.49
CA THR E 181 46.54 -19.51 19.59
C THR E 181 47.17 -18.17 19.25
N GLU E 182 47.12 -17.22 20.18
CA GLU E 182 47.66 -15.89 20.00
C GLU E 182 48.85 -15.68 20.92
N LEU E 183 49.88 -15.02 20.41
CA LEU E 183 51.05 -14.61 21.18
C LEU E 183 51.18 -13.10 21.09
N PHE E 184 51.30 -12.43 22.23
CA PHE E 184 51.49 -10.98 22.20
C PHE E 184 52.59 -10.56 23.18
N GLY E 185 53.19 -9.42 22.89
CA GLY E 185 54.32 -8.91 23.66
C GLY E 185 54.91 -7.71 22.96
N GLU E 186 55.82 -7.05 23.67
CA GLU E 186 56.47 -5.88 23.10
C GLU E 186 57.66 -6.29 22.24
N PHE E 187 58.34 -5.30 21.67
CA PHE E 187 59.35 -5.58 20.66
C PHE E 187 60.55 -6.33 21.23
N ARG E 188 61.11 -7.22 20.41
CA ARG E 188 62.24 -8.07 20.74
C ARG E 188 61.99 -8.96 21.95
N THR E 189 60.73 -9.40 22.15
CA THR E 189 60.42 -10.31 23.24
C THR E 189 60.51 -11.77 22.86
N GLY E 190 60.42 -12.11 21.57
CA GLY E 190 60.66 -13.46 21.13
C GLY E 190 59.49 -14.16 20.46
N LYS E 191 58.58 -13.38 19.88
CA LYS E 191 57.43 -13.96 19.20
C LYS E 191 57.84 -14.57 17.86
N SER E 192 58.62 -13.82 17.08
CA SER E 192 58.97 -14.25 15.74
C SER E 192 59.98 -15.40 15.77
N GLN E 193 60.84 -15.45 16.78
CA GLN E 193 61.72 -16.61 16.94
C GLN E 193 60.92 -17.88 17.22
N LEU E 194 59.87 -17.77 18.03
CA LEU E 194 59.00 -18.92 18.27
C LEU E 194 58.32 -19.35 16.97
N CYS E 195 57.89 -18.38 16.16
CA CYS E 195 57.32 -18.74 14.86
C CYS E 195 58.33 -19.48 13.99
N HIS E 196 59.58 -19.00 13.96
CA HIS E 196 60.61 -19.67 13.16
C HIS E 196 60.89 -21.09 13.68
N THR E 197 60.92 -21.27 14.99
CA THR E 197 61.14 -22.60 15.54
C THR E 197 59.98 -23.54 15.19
N LEU E 198 58.75 -23.04 15.29
CA LEU E 198 57.59 -23.87 14.98
C LEU E 198 57.60 -24.27 13.51
N ALA E 199 58.03 -23.36 12.64
CA ALA E 199 58.04 -23.64 11.21
C ALA E 199 58.96 -24.79 10.84
N VAL E 200 59.86 -25.20 11.73
CA VAL E 200 60.69 -26.38 11.51
C VAL E 200 60.21 -27.57 12.35
N THR E 201 59.81 -27.33 13.60
CA THR E 201 59.33 -28.42 14.44
C THR E 201 58.06 -29.05 13.89
N CYS E 202 57.35 -28.38 12.98
CA CYS E 202 56.14 -28.93 12.41
C CYS E 202 56.39 -29.93 11.28
N GLN E 203 57.59 -30.51 11.18
CA GLN E 203 57.90 -31.50 10.14
C GLN E 203 58.41 -32.83 10.65
N ILE E 204 58.93 -32.91 11.87
CA ILE E 204 59.54 -34.15 12.37
C ILE E 204 58.44 -35.17 12.66
N PRO E 205 58.80 -36.44 12.88
CA PRO E 205 57.77 -37.48 13.05
C PRO E 205 56.99 -37.31 14.34
N LEU E 206 55.78 -37.88 14.36
CA LEU E 206 54.86 -37.65 15.48
C LEU E 206 55.43 -38.13 16.81
N ASP E 207 56.28 -39.15 16.79
CA ASP E 207 56.75 -39.76 18.03
C ASP E 207 57.71 -38.86 18.81
N ILE E 208 58.17 -37.76 18.23
CA ILE E 208 59.03 -36.81 18.93
C ILE E 208 58.36 -35.46 19.12
N GLY E 209 57.07 -35.35 18.84
CA GLY E 209 56.35 -34.11 18.99
C GLY E 209 56.17 -33.31 17.72
N GLY E 210 56.61 -33.83 16.57
CA GLY E 210 56.49 -33.11 15.32
C GLY E 210 55.17 -33.38 14.61
N GLY E 211 54.88 -32.53 13.63
CA GLY E 211 53.63 -32.60 12.90
C GLY E 211 53.69 -33.36 11.60
N GLU E 212 54.90 -33.65 11.12
CA GLU E 212 55.13 -34.38 9.88
C GLU E 212 54.16 -33.94 8.78
N GLY E 213 54.30 -32.68 8.41
CA GLY E 213 53.52 -32.11 7.31
C GLY E 213 54.31 -31.01 6.65
N LYS E 214 53.62 -29.93 6.30
CA LYS E 214 54.27 -28.75 5.73
C LYS E 214 53.84 -27.53 6.53
N CYS E 215 54.42 -26.38 6.19
CA CYS E 215 54.11 -25.13 6.86
C CYS E 215 53.83 -24.05 5.83
N LEU E 216 52.85 -23.21 6.14
CA LEU E 216 52.56 -22.01 5.37
C LEU E 216 52.88 -20.80 6.24
N TYR E 217 53.60 -19.83 5.67
CA TYR E 217 54.07 -18.67 6.41
C TYR E 217 53.69 -17.41 5.67
N ILE E 218 53.02 -16.49 6.35
CA ILE E 218 52.63 -15.21 5.78
C ILE E 218 53.29 -14.10 6.57
N ASP E 219 53.99 -13.21 5.86
CA ASP E 219 54.76 -12.12 6.45
C ASP E 219 54.13 -10.79 6.09
N THR E 220 54.12 -9.87 7.04
CA THR E 220 53.55 -8.54 6.83
C THR E 220 54.49 -7.43 7.28
N GLU E 221 55.74 -7.76 7.61
CA GLU E 221 56.70 -6.77 8.09
C GLU E 221 58.06 -6.86 7.39
N GLY E 222 58.26 -7.83 6.50
CA GLY E 222 59.55 -8.03 5.89
C GLY E 222 60.64 -8.51 6.83
N THR E 223 60.34 -9.47 7.69
CA THR E 223 61.28 -9.93 8.71
C THR E 223 61.54 -11.44 8.65
N PHE E 224 61.18 -12.10 7.55
CA PHE E 224 61.46 -13.52 7.41
C PHE E 224 62.92 -13.73 7.01
N ARG E 225 63.67 -14.47 7.84
CA ARG E 225 65.10 -14.69 7.63
C ARG E 225 65.38 -16.17 7.49
N PRO E 226 65.73 -16.66 6.29
CA PRO E 226 65.86 -18.11 6.08
C PRO E 226 67.13 -18.74 6.64
N VAL E 227 68.11 -17.96 7.08
CA VAL E 227 69.30 -18.56 7.69
C VAL E 227 68.95 -19.18 9.04
N ARG E 228 68.04 -18.53 9.78
CA ARG E 228 67.57 -19.09 11.04
C ARG E 228 66.95 -20.46 10.82
N LEU E 229 66.18 -20.62 9.75
CA LEU E 229 65.59 -21.91 9.44
C LEU E 229 66.67 -22.97 9.26
N VAL E 230 67.74 -22.64 8.52
CA VAL E 230 68.81 -23.61 8.29
C VAL E 230 69.45 -24.01 9.61
N SER E 231 69.79 -23.02 10.44
CA SER E 231 70.46 -23.34 11.70
C SER E 231 69.58 -24.19 12.59
N ILE E 232 68.30 -23.83 12.74
CA ILE E 232 67.40 -24.59 13.60
C ILE E 232 67.23 -26.01 13.05
N ALA E 233 67.00 -26.13 11.73
CA ALA E 233 66.82 -27.45 11.14
C ALA E 233 68.05 -28.32 11.37
N GLN E 234 69.24 -27.74 11.35
CA GLN E 234 70.43 -28.50 11.70
C GLN E 234 70.38 -28.92 13.16
N ARG E 235 69.91 -28.04 14.05
CA ARG E 235 69.81 -28.41 15.46
C ARG E 235 68.94 -29.65 15.64
N PHE E 236 67.88 -29.79 14.85
CA PHE E 236 66.94 -30.90 14.97
C PHE E 236 67.31 -32.09 14.08
N GLY E 237 68.45 -32.05 13.42
CA GLY E 237 68.89 -33.18 12.60
C GLY E 237 68.09 -33.42 11.34
N LEU E 238 67.75 -32.35 10.62
CA LEU E 238 67.03 -32.44 9.35
C LEU E 238 68.02 -32.27 8.19
N ASP E 239 67.48 -32.14 6.99
CA ASP E 239 68.28 -31.82 5.81
C ASP E 239 67.98 -30.41 5.36
N PRO E 240 68.95 -29.49 5.38
CA PRO E 240 68.64 -28.09 5.01
C PRO E 240 68.00 -27.95 3.64
N ASP E 241 68.45 -28.71 2.65
CA ASP E 241 67.81 -28.67 1.34
C ASP E 241 66.40 -29.23 1.40
N ASP E 242 66.21 -30.35 2.10
CA ASP E 242 64.86 -30.88 2.28
C ASP E 242 63.99 -29.92 3.06
N ALA E 243 64.55 -29.31 4.11
CA ALA E 243 63.79 -28.39 4.94
C ALA E 243 63.32 -27.17 4.16
N LEU E 244 64.25 -26.50 3.48
CA LEU E 244 63.93 -25.21 2.88
C LEU E 244 62.83 -25.31 1.83
N ASN E 245 62.62 -26.48 1.24
CA ASN E 245 61.63 -26.65 0.18
C ASN E 245 60.27 -27.10 0.72
N ASN E 246 60.14 -27.34 2.02
CA ASN E 246 58.88 -27.77 2.63
C ASN E 246 58.12 -26.64 3.31
N VAL E 247 58.58 -25.40 3.16
CA VAL E 247 57.91 -24.24 3.74
C VAL E 247 57.46 -23.35 2.58
N ALA E 248 56.19 -22.96 2.59
CA ALA E 248 55.68 -22.01 1.61
C ALA E 248 55.70 -20.62 2.23
N TYR E 249 56.20 -19.64 1.48
CA TYR E 249 56.46 -18.31 2.00
C TYR E 249 55.72 -17.27 1.16
N ALA E 250 55.01 -16.37 1.82
CA ALA E 250 54.33 -15.30 1.11
C ALA E 250 54.49 -13.98 1.85
N ARG E 251 54.44 -12.89 1.10
CA ARG E 251 54.54 -11.53 1.62
C ARG E 251 53.38 -10.70 1.09
N ALA E 252 52.77 -9.91 1.97
CA ALA E 252 51.59 -9.14 1.63
C ALA E 252 51.86 -7.65 1.78
N TYR E 253 51.12 -6.84 1.01
CA TYR E 253 51.34 -5.40 0.93
C TYR E 253 50.15 -4.57 1.38
N ASN E 254 48.96 -5.15 1.49
CA ASN E 254 47.80 -4.40 1.98
C ASN E 254 46.79 -5.41 2.51
N ALA E 255 45.70 -4.89 3.08
CA ALA E 255 44.70 -5.75 3.71
C ALA E 255 44.01 -6.65 2.70
N ASP E 256 43.63 -6.10 1.54
CA ASP E 256 42.93 -6.90 0.54
C ASP E 256 43.82 -8.00 -0.02
N HIS E 257 45.09 -7.69 -0.28
CA HIS E 257 46.05 -8.71 -0.70
C HIS E 257 46.21 -9.80 0.35
N GLN E 258 46.31 -9.39 1.62
CA GLN E 258 46.37 -10.32 2.74
C GLN E 258 45.20 -11.28 2.74
N LEU E 259 43.98 -10.74 2.62
CA LEU E 259 42.79 -11.59 2.62
C LEU E 259 42.75 -12.48 1.38
N ARG E 260 43.20 -11.97 0.24
CA ARG E 260 43.13 -12.72 -1.00
C ARG E 260 44.09 -13.91 -1.00
N LEU E 261 45.22 -13.82 -0.30
CA LEU E 261 46.14 -14.95 -0.26
C LEU E 261 45.52 -16.21 0.34
N LEU E 262 44.41 -16.07 1.06
CA LEU E 262 43.80 -17.22 1.71
C LEU E 262 43.19 -18.20 0.72
N ASP E 263 42.71 -17.71 -0.43
CA ASP E 263 42.17 -18.61 -1.44
C ASP E 263 43.26 -19.47 -2.05
N ALA E 264 44.41 -18.88 -2.37
CA ALA E 264 45.53 -19.67 -2.83
C ALA E 264 46.00 -20.64 -1.76
N ALA E 265 45.96 -20.21 -0.49
CA ALA E 265 46.27 -21.13 0.60
C ALA E 265 45.38 -22.37 0.56
N ALA E 266 44.07 -22.15 0.44
CA ALA E 266 43.13 -23.27 0.40
C ALA E 266 43.40 -24.16 -0.81
N GLN E 267 43.67 -23.55 -1.97
CA GLN E 267 43.97 -24.33 -3.16
C GLN E 267 45.19 -25.21 -2.95
N MET E 268 46.26 -24.66 -2.39
CA MET E 268 47.46 -25.45 -2.14
C MET E 268 47.20 -26.57 -1.16
N MET E 269 46.44 -26.29 -0.09
CA MET E 269 46.08 -27.33 0.86
C MET E 269 45.22 -28.42 0.24
N SER E 270 44.53 -28.12 -0.86
CA SER E 270 43.62 -29.08 -1.47
C SER E 270 44.33 -30.30 -2.04
N GLU E 271 45.62 -30.20 -2.39
CA GLU E 271 46.32 -31.29 -3.06
C GLU E 271 47.39 -31.96 -2.20
N SER E 272 48.23 -31.19 -1.54
CA SER E 272 49.28 -31.73 -0.68
C SER E 272 48.99 -31.43 0.79
N ARG E 273 49.36 -32.36 1.65
CA ARG E 273 49.10 -32.23 3.07
C ARG E 273 49.94 -31.10 3.67
N PHE E 274 49.37 -30.39 4.64
CA PHE E 274 50.06 -29.36 5.40
C PHE E 274 49.76 -29.58 6.88
N SER E 275 50.47 -28.87 7.74
CA SER E 275 50.34 -29.09 9.18
C SER E 275 50.33 -27.83 10.04
N LEU E 276 50.50 -26.64 9.47
CA LEU E 276 50.61 -25.45 10.30
C LEU E 276 50.51 -24.20 9.43
N ILE E 277 49.79 -23.21 9.94
CA ILE E 277 49.72 -21.89 9.33
C ILE E 277 50.26 -20.88 10.33
N VAL E 278 51.08 -19.94 9.84
CA VAL E 278 51.64 -18.88 10.66
C VAL E 278 51.34 -17.54 10.01
N VAL E 279 50.80 -16.61 10.80
CA VAL E 279 50.56 -15.24 10.35
C VAL E 279 51.34 -14.30 11.26
N ASP E 280 52.26 -13.52 10.65
CA ASP E 280 53.16 -12.67 11.43
C ASP E 280 53.41 -11.37 10.67
N SER E 281 52.70 -10.31 11.04
CA SER E 281 51.71 -10.24 12.11
C SER E 281 50.31 -10.02 11.52
N VAL E 282 49.30 -10.00 12.38
CA VAL E 282 47.92 -9.98 11.90
C VAL E 282 47.30 -8.59 11.85
N MET E 283 47.86 -7.61 12.56
CA MET E 283 47.25 -6.28 12.63
C MET E 283 48.19 -5.18 12.12
N ALA E 284 49.26 -5.55 11.41
CA ALA E 284 50.27 -4.57 11.02
C ALA E 284 49.74 -3.58 9.98
N LEU E 285 49.10 -4.07 8.94
CA LEU E 285 48.63 -3.18 7.87
C LEU E 285 47.30 -2.53 8.19
N TYR E 286 46.47 -3.16 9.02
CA TYR E 286 45.24 -2.51 9.46
C TYR E 286 45.52 -1.18 10.14
N ARG E 287 46.65 -1.08 10.84
CA ARG E 287 46.96 0.13 11.58
C ARG E 287 47.06 1.35 10.68
N THR E 288 47.36 1.15 9.39
CA THR E 288 47.61 2.25 8.47
C THR E 288 46.57 2.39 7.37
N ASP E 289 46.11 1.28 6.78
CA ASP E 289 45.12 1.37 5.71
C ASP E 289 43.82 2.02 6.18
N PHE E 290 43.54 1.97 7.47
CA PHE E 290 42.38 2.61 8.07
C PHE E 290 42.87 3.64 9.08
N SER E 291 42.37 4.86 8.99
CA SER E 291 42.85 5.94 9.82
C SER E 291 41.68 6.74 10.37
N GLY E 292 41.78 7.14 11.63
CA GLY E 292 40.78 7.99 12.25
C GLY E 292 39.57 7.22 12.74
N ARG E 293 38.76 7.91 13.55
CA ARG E 293 37.56 7.30 14.09
C ARG E 293 36.52 7.04 13.01
N GLY E 294 36.63 7.67 11.85
CA GLY E 294 35.62 7.54 10.82
C GLY E 294 35.62 6.23 10.09
N GLU E 295 36.63 5.37 10.31
CA GLU E 295 36.72 4.10 9.61
C GLU E 295 36.84 2.91 10.55
N LEU E 296 36.88 3.13 11.86
CA LEU E 296 36.98 2.01 12.80
C LEU E 296 35.92 0.96 12.50
N SER E 297 34.67 1.39 12.32
CA SER E 297 33.58 0.46 12.05
C SER E 297 33.92 -0.47 10.90
N ALA E 298 34.51 0.07 9.82
CA ALA E 298 34.87 -0.78 8.69
C ALA E 298 36.06 -1.67 9.04
N ARG E 299 37.06 -1.12 9.71
CA ARG E 299 38.23 -1.91 10.07
C ARG E 299 37.83 -3.17 10.80
N GLN E 300 37.17 -3.01 11.94
CA GLN E 300 36.76 -4.15 12.75
C GLN E 300 35.88 -5.12 11.97
N MET E 301 35.19 -4.63 10.95
CA MET E 301 34.39 -5.53 10.12
C MET E 301 35.30 -6.37 9.22
N HIS E 302 36.21 -5.71 8.49
CA HIS E 302 37.15 -6.45 7.65
C HIS E 302 37.88 -7.50 8.46
N LEU E 303 38.49 -7.08 9.57
CA LEU E 303 39.18 -8.01 10.45
C LEU E 303 38.30 -9.19 10.80
N ALA E 304 37.04 -8.92 11.15
CA ALA E 304 36.14 -10.00 11.54
C ALA E 304 36.13 -11.09 10.50
N LYS E 305 35.90 -10.71 9.23
CA LYS E 305 35.83 -11.70 8.18
C LYS E 305 37.12 -12.52 8.13
N PHE E 306 38.26 -11.82 8.16
CA PHE E 306 39.53 -12.52 8.13
C PHE E 306 39.56 -13.61 9.20
N MET E 307 39.22 -13.24 10.43
CA MET E 307 39.31 -14.20 11.52
C MET E 307 38.42 -15.40 11.24
N ARG E 308 37.19 -15.15 10.79
CA ARG E 308 36.28 -16.25 10.53
C ARG E 308 36.89 -17.20 9.50
N ALA E 309 37.46 -16.63 8.42
CA ALA E 309 38.04 -17.48 7.39
C ALA E 309 39.09 -18.40 7.99
N LEU E 310 39.95 -17.88 8.87
CA LEU E 310 40.98 -18.71 9.44
C LEU E 310 40.37 -19.93 10.13
N GLN E 311 39.36 -19.70 10.96
CA GLN E 311 38.75 -20.80 11.69
C GLN E 311 38.30 -21.88 10.70
N ARG E 312 37.73 -21.46 9.58
CA ARG E 312 37.18 -22.43 8.63
C ARG E 312 38.28 -23.39 8.15
N LEU E 313 39.47 -22.87 7.86
CA LEU E 313 40.54 -23.77 7.43
C LEU E 313 40.82 -24.81 8.49
N ALA E 314 40.93 -24.37 9.75
CA ALA E 314 41.20 -25.31 10.84
C ALA E 314 40.11 -26.37 10.92
N ASP E 315 38.89 -26.03 10.50
CA ASP E 315 37.79 -26.98 10.54
C ASP E 315 37.92 -28.04 9.46
N GLN E 316 38.45 -27.66 8.29
CA GLN E 316 38.50 -28.59 7.16
C GLN E 316 39.68 -29.55 7.26
N PHE E 317 40.90 -29.00 7.26
CA PHE E 317 42.11 -29.79 7.10
C PHE E 317 42.82 -30.07 8.42
N GLY E 318 42.28 -29.61 9.54
CA GLY E 318 42.87 -29.91 10.84
C GLY E 318 44.27 -29.37 11.06
N VAL E 319 44.49 -28.11 10.71
CA VAL E 319 45.80 -27.49 10.83
C VAL E 319 45.83 -26.62 12.07
N ALA E 320 47.03 -26.44 12.62
CA ALA E 320 47.23 -25.55 13.76
C ALA E 320 47.52 -24.14 13.26
N VAL E 321 46.76 -23.17 13.76
CA VAL E 321 46.91 -21.77 13.38
C VAL E 321 47.70 -21.07 14.48
N VAL E 322 48.68 -20.25 14.09
CA VAL E 322 49.43 -19.43 15.05
C VAL E 322 49.50 -18.01 14.50
N VAL E 323 49.06 -17.04 15.30
CA VAL E 323 48.99 -15.65 14.90
C VAL E 323 49.82 -14.82 15.87
N THR E 324 50.36 -13.70 15.37
CA THR E 324 51.13 -12.80 16.22
C THR E 324 50.47 -11.42 16.26
N ASN E 325 50.73 -10.67 17.35
CA ASN E 325 50.12 -9.37 17.55
C ASN E 325 51.05 -8.45 18.32
N GLN E 326 50.81 -7.15 18.19
CA GLN E 326 51.59 -6.11 18.86
C GLN E 326 50.80 -5.54 20.04
N VAL E 327 51.46 -4.65 20.80
CA VAL E 327 50.88 -4.07 22.00
C VAL E 327 50.83 -2.56 21.86
N VAL E 328 50.15 -1.92 22.81
CA VAL E 328 50.05 -0.47 22.92
C VAL E 328 50.02 -0.11 24.40
N ALA E 329 50.21 1.17 24.69
CA ALA E 329 50.24 1.67 26.05
C ALA E 329 48.84 2.10 26.50
N GLN E 330 48.51 1.78 27.75
CA GLN E 330 47.17 2.07 28.27
C GLN E 330 46.90 3.56 28.30
N VAL E 331 47.82 4.33 28.88
CA VAL E 331 47.62 5.77 29.00
C VAL E 331 46.48 6.05 29.97
N PRO E 341 50.72 -2.15 32.06
CA PRO E 341 50.83 -0.85 31.39
C PRO E 341 50.64 -0.95 29.88
N LYS E 342 50.62 -2.17 29.35
CA LYS E 342 50.49 -2.41 27.92
C LYS E 342 49.43 -3.47 27.67
N LYS E 343 48.68 -3.30 26.59
CA LYS E 343 47.66 -4.25 26.20
C LYS E 343 47.69 -4.47 24.70
N PRO E 344 47.34 -5.66 24.23
CA PRO E 344 47.32 -5.93 22.78
C PRO E 344 46.37 -5.00 22.05
N ILE E 345 46.41 -5.06 20.72
CA ILE E 345 45.53 -4.28 19.87
C ILE E 345 44.57 -5.22 19.16
N GLY E 346 43.51 -4.64 18.59
CA GLY E 346 42.46 -5.38 17.91
C GLY E 346 41.09 -5.21 18.52
N GLY E 347 41.02 -5.08 19.84
CA GLY E 347 39.75 -4.84 20.50
C GLY E 347 38.99 -6.10 20.89
N ASN E 348 37.67 -5.96 20.95
CA ASN E 348 36.82 -7.05 21.41
C ASN E 348 36.67 -8.13 20.36
N ILE E 349 36.73 -7.77 19.08
CA ILE E 349 36.71 -8.78 18.01
C ILE E 349 37.86 -9.75 18.20
N MET E 350 39.07 -9.22 18.37
CA MET E 350 40.24 -10.05 18.60
C MET E 350 40.16 -10.80 19.92
N ALA E 351 39.74 -10.11 20.99
CA ALA E 351 39.71 -10.75 22.31
C ALA E 351 38.76 -11.95 22.34
N HIS E 352 37.59 -11.82 21.71
CA HIS E 352 36.63 -12.92 21.70
C HIS E 352 36.96 -13.99 20.67
N SER E 353 37.58 -13.63 19.55
CA SER E 353 37.76 -14.60 18.48
C SER E 353 38.90 -15.59 18.71
N SER E 354 39.85 -15.28 19.59
CA SER E 354 40.96 -16.18 19.85
C SER E 354 40.57 -17.22 20.89
N THR E 355 41.13 -18.43 20.75
CA THR E 355 40.86 -19.49 21.71
C THR E 355 41.85 -19.49 22.86
N THR E 356 43.14 -19.38 22.59
CA THR E 356 44.14 -19.29 23.64
C THR E 356 44.99 -18.05 23.48
N ARG E 357 45.41 -17.45 24.60
CA ARG E 357 46.22 -16.24 24.60
C ARG E 357 47.42 -16.38 25.51
N LEU E 358 48.61 -16.06 24.99
CA LEU E 358 49.86 -16.07 25.74
C LEU E 358 50.55 -14.72 25.65
N GLY E 359 51.13 -14.30 26.77
CA GLY E 359 51.81 -13.02 26.86
C GLY E 359 53.28 -13.18 27.19
N PHE E 360 54.11 -12.33 26.56
CA PHE E 360 55.56 -12.42 26.68
C PHE E 360 56.14 -11.20 27.37
N LYS E 361 57.23 -11.41 28.11
CA LYS E 361 57.95 -10.31 28.75
C LYS E 361 59.43 -10.66 28.78
N LYS E 362 60.26 -9.62 28.93
CA LYS E 362 61.70 -9.76 28.82
C LYS E 362 62.33 -10.10 30.17
N GLY E 363 63.22 -11.08 30.18
CA GLY E 363 63.93 -11.47 31.38
C GLY E 363 65.28 -10.79 31.53
N LYS E 364 66.30 -11.55 31.90
CA LYS E 364 67.66 -11.04 32.01
C LYS E 364 68.54 -11.75 30.99
N GLY E 365 69.21 -10.98 30.15
CA GLY E 365 69.99 -11.56 29.08
C GLY E 365 69.13 -12.16 27.98
N CYS E 366 69.31 -13.45 27.70
CA CYS E 366 68.56 -14.13 26.66
C CYS E 366 67.26 -14.75 27.17
N GLN E 367 66.99 -14.70 28.47
CA GLN E 367 65.83 -15.36 29.05
C GLN E 367 64.58 -14.49 28.90
N ARG E 368 63.43 -15.16 28.86
CA ARG E 368 62.14 -14.53 28.64
C ARG E 368 61.07 -15.23 29.48
N LEU E 369 60.00 -14.50 29.80
CA LEU E 369 58.93 -14.98 30.66
C LEU E 369 57.62 -15.07 29.88
N CYS E 370 56.88 -16.15 30.09
CA CYS E 370 55.64 -16.42 29.37
C CYS E 370 54.49 -16.65 30.35
N LYS E 371 53.32 -16.13 30.01
CA LYS E 371 52.15 -16.18 30.87
C LYS E 371 50.91 -16.59 30.09
N VAL E 372 49.99 -17.29 30.76
CA VAL E 372 48.73 -17.75 30.19
C VAL E 372 47.65 -16.73 30.58
N VAL E 373 47.08 -16.03 29.60
CA VAL E 373 46.13 -14.98 29.90
C VAL E 373 44.68 -15.40 29.67
N ASP E 374 44.45 -16.46 28.91
CA ASP E 374 43.09 -16.96 28.70
C ASP E 374 43.19 -18.40 28.21
N SER E 375 42.17 -19.18 28.53
CA SER E 375 42.13 -20.56 28.10
C SER E 375 40.78 -21.19 28.48
N PRO E 376 40.34 -22.20 27.76
CA PRO E 376 39.08 -22.86 28.12
C PRO E 376 39.24 -23.99 29.14
N CYS E 377 40.46 -24.50 29.32
CA CYS E 377 40.65 -25.62 30.23
C CYS E 377 41.94 -25.56 31.04
N LEU E 378 42.57 -24.39 31.14
CA LEU E 378 43.84 -24.30 31.86
C LEU E 378 43.82 -23.15 32.86
N PRO E 379 44.43 -23.34 34.03
CA PRO E 379 44.57 -22.24 34.99
C PRO E 379 45.70 -21.30 34.59
N GLU E 380 45.84 -20.21 35.36
CA GLU E 380 46.88 -19.24 35.10
C GLU E 380 48.19 -19.66 35.74
N ALA E 381 49.28 -19.59 34.98
CA ALA E 381 50.61 -19.92 35.49
C ALA E 381 51.65 -19.24 34.61
N GLU E 382 52.89 -19.23 35.10
CA GLU E 382 53.99 -18.53 34.47
C GLU E 382 55.15 -19.48 34.23
N CYS E 383 56.00 -19.14 33.26
CA CYS E 383 57.18 -19.97 32.98
C CYS E 383 58.28 -19.11 32.36
N VAL E 384 59.43 -19.73 32.15
CA VAL E 384 60.64 -19.08 31.65
C VAL E 384 61.25 -19.92 30.53
N PHE E 385 61.72 -19.25 29.47
CA PHE E 385 62.43 -19.92 28.37
C PHE E 385 63.57 -19.00 27.93
N ALA E 386 64.26 -19.37 26.85
CA ALA E 386 65.41 -18.59 26.40
C ALA E 386 65.62 -18.74 24.90
N ILE E 387 66.34 -17.76 24.34
CA ILE E 387 66.61 -17.65 22.90
C ILE E 387 68.09 -17.94 22.67
N TYR E 388 68.37 -18.82 21.70
CA TYR E 388 69.75 -19.17 21.39
C TYR E 388 70.08 -18.97 19.92
N GLU E 389 71.26 -19.42 19.50
CA GLU E 389 71.60 -19.42 18.08
C GLU E 389 70.71 -20.36 17.29
N ASP E 390 70.18 -21.41 17.92
CA ASP E 390 69.41 -22.42 17.23
C ASP E 390 67.97 -22.49 17.73
N GLY E 391 67.39 -21.35 18.10
CA GLY E 391 65.97 -21.31 18.38
C GLY E 391 65.56 -21.03 19.80
N VAL E 392 64.59 -21.81 20.29
CA VAL E 392 63.98 -21.60 21.59
C VAL E 392 64.27 -22.80 22.47
N GLY E 393 64.71 -22.55 23.71
CA GLY E 393 65.06 -23.63 24.59
C GLY E 393 64.94 -23.27 26.06
N ASP E 394 65.43 -24.14 26.93
CA ASP E 394 65.36 -23.90 28.36
C ASP E 394 66.53 -23.03 28.83
N PRO E 395 66.32 -22.22 29.86
CA PRO E 395 67.42 -21.41 30.39
C PRO E 395 68.56 -22.30 30.88
N ARG E 396 69.79 -21.83 30.66
CA ARG E 396 70.97 -22.60 31.02
C ARG E 396 71.46 -22.26 32.43
N SER G 79 -23.16 34.60 -38.48
CA SER G 79 -22.59 33.59 -39.38
C SER G 79 -23.50 32.38 -39.48
N PHE G 80 -24.79 32.59 -39.21
CA PHE G 80 -25.81 31.56 -39.32
C PHE G 80 -27.08 32.16 -39.87
N VAL G 81 -27.93 31.31 -40.43
CA VAL G 81 -29.18 31.73 -41.06
C VAL G 81 -30.26 31.77 -39.98
N PRO G 82 -30.89 32.91 -39.74
CA PRO G 82 -31.95 32.96 -38.74
C PRO G 82 -33.17 32.16 -39.15
N ILE G 83 -33.85 31.60 -38.15
CA ILE G 83 -34.97 30.70 -38.39
C ILE G 83 -36.17 31.39 -39.00
N GLU G 84 -36.24 32.72 -38.91
CA GLU G 84 -37.38 33.45 -39.47
C GLU G 84 -37.49 33.27 -40.97
N LYS G 85 -36.44 32.79 -41.63
CA LYS G 85 -36.49 32.51 -43.06
C LYS G 85 -37.27 31.25 -43.41
N LEU G 86 -37.56 30.39 -42.43
CA LEU G 86 -38.28 29.16 -42.73
C LEU G 86 -39.78 29.36 -42.94
N GLN G 87 -40.31 30.52 -42.60
CA GLN G 87 -41.74 30.80 -42.74
C GLN G 87 -41.95 31.59 -44.04
N VAL G 88 -42.29 30.86 -45.10
CA VAL G 88 -42.39 31.47 -46.43
C VAL G 88 -43.80 31.29 -46.98
N ASN G 89 -44.22 30.05 -47.19
CA ASN G 89 -45.53 29.77 -47.79
C ASN G 89 -46.08 28.50 -47.13
N GLY G 90 -47.19 28.65 -46.42
CA GLY G 90 -47.81 27.55 -45.72
C GLY G 90 -47.34 27.36 -44.30
N ILE G 91 -46.29 28.04 -43.88
CA ILE G 91 -45.80 28.01 -42.50
C ILE G 91 -46.09 29.37 -41.89
N THR G 92 -46.70 29.37 -40.71
CA THR G 92 -47.12 30.58 -40.04
C THR G 92 -46.22 30.87 -38.84
N MET G 93 -46.49 31.98 -38.18
CA MET G 93 -45.66 32.38 -37.03
C MET G 93 -45.81 31.42 -35.87
N ALA G 94 -47.00 30.87 -35.66
CA ALA G 94 -47.21 29.97 -34.52
C ALA G 94 -46.34 28.72 -34.64
N ASP G 95 -46.13 28.23 -35.87
CA ASP G 95 -45.24 27.09 -36.05
C ASP G 95 -43.82 27.42 -35.62
N VAL G 96 -43.33 28.60 -35.98
CA VAL G 96 -42.00 29.03 -35.56
C VAL G 96 -41.94 29.16 -34.04
N LYS G 97 -42.99 29.72 -33.44
CA LYS G 97 -43.01 29.87 -31.99
C LYS G 97 -42.95 28.52 -31.29
N LYS G 98 -43.73 27.54 -31.78
CA LYS G 98 -43.68 26.20 -31.20
C LYS G 98 -42.31 25.57 -31.38
N LEU G 99 -41.71 25.76 -32.57
CA LEU G 99 -40.37 25.21 -32.80
C LEU G 99 -39.37 25.79 -31.82
N ARG G 100 -39.43 27.09 -31.57
CA ARG G 100 -38.54 27.71 -30.60
C ARG G 100 -38.78 27.18 -29.19
N GLU G 101 -40.05 27.04 -28.81
CA GLU G 101 -40.35 26.45 -27.50
C GLU G 101 -39.79 25.04 -27.38
N SER G 102 -39.74 24.30 -28.49
CA SER G 102 -39.15 22.96 -28.47
C SER G 102 -37.65 23.00 -28.18
N GLY G 103 -36.96 24.04 -28.65
CA GLY G 103 -35.54 24.18 -28.37
C GLY G 103 -34.66 24.47 -29.57
N LEU G 104 -35.27 24.83 -30.70
CA LEU G 104 -34.56 25.12 -31.94
C LEU G 104 -34.60 26.62 -32.21
N HIS G 105 -33.44 27.20 -32.54
CA HIS G 105 -33.33 28.63 -32.76
C HIS G 105 -32.59 29.01 -34.04
N THR G 106 -32.43 28.08 -34.98
CA THR G 106 -31.68 28.37 -36.20
C THR G 106 -32.11 27.40 -37.30
N ALA G 107 -31.95 27.83 -38.55
CA ALA G 107 -32.30 26.97 -39.68
C ALA G 107 -31.45 25.70 -39.69
N GLU G 108 -30.15 25.83 -39.41
CA GLU G 108 -29.29 24.66 -39.35
C GLU G 108 -29.81 23.66 -38.31
N ALA G 109 -30.39 24.15 -37.22
CA ALA G 109 -30.91 23.26 -36.19
C ALA G 109 -32.03 22.37 -36.75
N VAL G 110 -32.95 22.96 -37.52
CA VAL G 110 -34.01 22.17 -38.13
C VAL G 110 -33.44 21.26 -39.21
N ALA G 111 -32.42 21.73 -39.93
CA ALA G 111 -31.83 20.91 -40.98
C ALA G 111 -31.20 19.64 -40.42
N TYR G 112 -30.48 19.75 -39.30
CA TYR G 112 -29.76 18.60 -38.75
C TYR G 112 -30.67 17.64 -37.97
N ALA G 113 -31.92 18.00 -37.72
CA ALA G 113 -32.81 17.20 -36.89
C ALA G 113 -33.56 16.17 -37.73
N PRO G 114 -33.70 14.94 -37.24
CA PRO G 114 -34.50 13.93 -37.95
C PRO G 114 -35.98 14.24 -37.89
N ARG G 115 -36.72 13.55 -38.76
CA ARG G 115 -38.17 13.79 -38.87
C ARG G 115 -38.92 13.28 -37.66
N LYS G 116 -38.48 12.15 -37.10
CA LYS G 116 -39.24 11.50 -36.03
C LYS G 116 -39.37 12.39 -34.80
N ASP G 117 -38.30 13.08 -34.41
CA ASP G 117 -38.39 13.99 -33.27
C ASP G 117 -39.01 15.33 -33.62
N LEU G 118 -39.10 15.65 -34.92
CA LEU G 118 -39.94 16.77 -35.33
C LEU G 118 -41.41 16.45 -35.14
N LEU G 119 -41.81 15.22 -35.42
CA LEU G 119 -43.19 14.79 -35.19
C LEU G 119 -43.38 14.39 -33.73
N GLU G 120 -42.89 15.22 -32.82
CA GLU G 120 -43.05 14.97 -31.39
C GLU G 120 -43.47 16.22 -30.63
N ILE G 121 -43.61 17.35 -31.30
CA ILE G 121 -44.07 18.59 -30.67
C ILE G 121 -45.57 18.72 -30.91
N LYS G 122 -46.33 18.95 -29.85
CA LYS G 122 -47.76 19.11 -29.99
C LYS G 122 -48.08 20.26 -30.95
N GLY G 123 -49.05 20.03 -31.83
CA GLY G 123 -49.43 21.01 -32.82
C GLY G 123 -48.69 20.91 -34.13
N ILE G 124 -47.70 20.05 -34.25
CA ILE G 124 -46.95 19.85 -35.49
C ILE G 124 -47.48 18.60 -36.15
N SER G 125 -48.22 18.78 -37.25
CA SER G 125 -48.87 17.70 -37.96
C SER G 125 -48.12 17.40 -39.25
N GLU G 126 -48.33 16.19 -39.76
CA GLU G 126 -47.67 15.76 -40.99
C GLU G 126 -48.01 16.71 -42.12
N ALA G 127 -47.28 16.57 -43.23
CA ALA G 127 -47.36 17.41 -44.42
C ALA G 127 -46.68 18.76 -44.18
N LYS G 128 -46.27 19.05 -42.95
CA LYS G 128 -45.51 20.25 -42.62
C LYS G 128 -44.05 19.97 -42.33
N ALA G 129 -43.76 18.82 -41.71
CA ALA G 129 -42.37 18.44 -41.49
C ALA G 129 -41.63 18.25 -42.82
N ASP G 130 -42.31 17.64 -43.80
CA ASP G 130 -41.70 17.49 -45.12
C ASP G 130 -41.42 18.86 -45.74
N LYS G 131 -42.34 19.81 -45.58
CA LYS G 131 -42.10 21.15 -46.10
C LYS G 131 -40.91 21.82 -45.43
N LEU G 132 -40.80 21.68 -44.10
CA LEU G 132 -39.67 22.28 -43.39
C LEU G 132 -38.35 21.67 -43.84
N LEU G 133 -38.30 20.34 -43.97
CA LEU G 133 -37.08 19.69 -44.42
C LEU G 133 -36.72 20.12 -45.84
N ASN G 134 -37.71 20.21 -46.73
CA ASN G 134 -37.44 20.67 -48.08
C ASN G 134 -36.99 22.12 -48.09
N GLU G 135 -37.64 22.97 -47.30
CA GLU G 135 -37.33 24.40 -47.33
C GLU G 135 -35.92 24.68 -46.86
N ALA G 136 -35.47 24.00 -45.80
CA ALA G 136 -34.17 24.30 -45.20
C ALA G 136 -33.01 23.75 -46.03
N ALA G 137 -33.21 22.64 -46.73
CA ALA G 137 -32.11 22.05 -47.49
C ALA G 137 -31.57 23.00 -48.55
N ARG G 138 -32.40 23.91 -49.04
CA ARG G 138 -31.95 24.86 -50.06
C ARG G 138 -31.18 26.03 -49.46
N LEU G 139 -31.28 26.25 -48.15
CA LEU G 139 -30.55 27.33 -47.49
C LEU G 139 -29.23 26.86 -46.90
N VAL G 140 -29.19 25.65 -46.34
CA VAL G 140 -27.99 25.09 -45.75
C VAL G 140 -27.42 24.04 -46.72
N PRO G 141 -26.27 24.27 -47.31
CA PRO G 141 -25.75 23.35 -48.34
C PRO G 141 -25.36 22.00 -47.73
N MET G 142 -26.10 20.96 -48.09
CA MET G 142 -25.81 19.59 -47.67
C MET G 142 -25.60 18.74 -48.93
N GLY G 143 -24.37 18.69 -49.41
CA GLY G 143 -24.08 17.94 -50.62
C GLY G 143 -22.63 17.49 -50.70
N PHE G 144 -22.23 16.94 -51.84
CA PHE G 144 -20.87 16.46 -52.05
C PHE G 144 -20.01 17.62 -52.54
N VAL G 145 -18.80 17.73 -52.01
CA VAL G 145 -17.90 18.82 -52.36
C VAL G 145 -16.50 18.26 -52.65
N THR G 146 -15.66 19.06 -53.29
CA THR G 146 -14.27 18.69 -53.56
C THR G 146 -13.40 18.94 -52.33
N ALA G 147 -12.36 18.11 -52.18
CA ALA G 147 -11.45 18.26 -51.05
C ALA G 147 -10.56 19.49 -51.16
N ALA G 148 -10.38 20.06 -52.35
CA ALA G 148 -9.61 21.30 -52.46
C ALA G 148 -10.39 22.48 -51.91
N ASP G 149 -11.69 22.57 -52.22
CA ASP G 149 -12.54 23.59 -51.64
C ASP G 149 -12.54 23.49 -50.12
N PHE G 150 -12.68 22.26 -49.60
CA PHE G 150 -12.64 22.07 -48.16
C PHE G 150 -11.30 22.48 -47.59
N HIS G 151 -10.21 22.12 -48.27
CA HIS G 151 -8.89 22.55 -47.82
C HIS G 151 -8.82 24.06 -47.69
N MET G 152 -9.37 24.77 -48.68
CA MET G 152 -9.40 26.23 -48.59
C MET G 152 -10.23 26.70 -47.40
N ARG G 153 -11.37 26.06 -47.16
CA ARG G 153 -12.22 26.44 -46.04
C ARG G 153 -11.50 26.25 -44.70
N ARG G 154 -10.82 25.12 -44.53
CA ARG G 154 -10.13 24.79 -43.29
C ARG G 154 -8.86 25.60 -43.08
N SER G 155 -8.63 26.64 -43.87
CA SER G 155 -7.47 27.49 -43.71
C SER G 155 -7.77 28.81 -43.01
N GLU G 156 -8.99 29.32 -43.13
CA GLU G 156 -9.39 30.52 -42.41
C GLU G 156 -10.06 30.16 -41.08
N LEU G 157 -9.37 29.33 -40.30
CA LEU G 157 -9.86 28.86 -39.01
C LEU G 157 -9.17 29.61 -37.89
N ILE G 158 -9.93 29.91 -36.85
CA ILE G 158 -9.44 30.64 -35.70
C ILE G 158 -8.75 29.67 -34.75
N CYS G 159 -7.79 30.21 -33.98
CA CYS G 159 -7.16 29.49 -32.89
C CYS G 159 -6.78 30.50 -31.82
N LEU G 160 -6.92 30.10 -30.57
CA LEU G 160 -6.74 31.00 -29.44
C LEU G 160 -5.53 30.58 -28.62
N THR G 161 -4.73 31.56 -28.22
CA THR G 161 -3.51 31.29 -27.48
C THR G 161 -3.83 30.89 -26.05
N THR G 162 -3.03 29.96 -25.51
CA THR G 162 -3.19 29.51 -24.15
C THR G 162 -2.37 30.33 -23.16
N GLY G 163 -1.69 31.38 -23.61
CA GLY G 163 -0.86 32.21 -22.77
C GLY G 163 0.57 31.77 -22.63
N SER G 164 0.92 30.61 -23.16
CA SER G 164 2.27 30.07 -23.10
C SER G 164 2.76 29.78 -24.52
N LYS G 165 4.02 30.13 -24.80
CA LYS G 165 4.58 29.87 -26.12
C LYS G 165 4.95 28.40 -26.33
N ASN G 166 5.36 27.71 -25.27
CA ASN G 166 5.63 26.28 -25.38
C ASN G 166 4.38 25.50 -25.73
N LEU G 167 3.24 25.89 -25.15
CA LEU G 167 1.99 25.16 -25.38
C LEU G 167 1.42 25.43 -26.77
N ASP G 168 1.47 26.68 -27.22
CA ASP G 168 0.92 27.02 -28.53
C ASP G 168 1.67 26.31 -29.64
N THR G 169 2.98 26.15 -29.50
CA THR G 169 3.75 25.39 -30.48
C THR G 169 3.33 23.92 -30.50
N LEU G 170 3.14 23.33 -29.32
CA LEU G 170 2.71 21.94 -29.25
C LEU G 170 1.30 21.74 -29.78
N LEU G 171 0.44 22.75 -29.67
CA LEU G 171 -0.92 22.69 -30.18
C LEU G 171 -1.04 23.15 -31.63
N GLY G 172 0.02 23.70 -32.21
CA GLY G 172 -0.05 24.20 -33.56
C GLY G 172 -0.79 25.52 -33.69
N GLY G 173 -0.90 26.27 -32.59
CA GLY G 173 -1.49 27.59 -32.67
C GLY G 173 -2.42 27.98 -31.54
N GLY G 174 -3.09 27.01 -30.93
CA GLY G 174 -4.02 27.28 -29.86
C GLY G 174 -5.08 26.19 -29.79
N VAL G 175 -6.24 26.57 -29.28
CA VAL G 175 -7.40 25.68 -29.26
C VAL G 175 -8.30 26.02 -30.44
N GLU G 176 -8.59 25.03 -31.27
CA GLU G 176 -9.26 25.25 -32.55
C GLU G 176 -10.77 25.26 -32.38
N THR G 177 -11.42 26.19 -33.07
CA THR G 177 -12.87 26.29 -33.04
C THR G 177 -13.50 25.23 -33.94
N GLY G 178 -14.66 24.71 -33.50
CA GLY G 178 -15.35 23.65 -34.20
C GLY G 178 -15.10 22.26 -33.66
N SER G 179 -14.39 22.12 -32.54
CA SER G 179 -13.96 20.82 -32.05
C SER G 179 -14.15 20.78 -30.53
N ILE G 180 -13.87 19.61 -29.95
CA ILE G 180 -13.98 19.38 -28.52
C ILE G 180 -12.62 18.95 -27.97
N THR G 181 -12.15 19.67 -26.96
CA THR G 181 -10.86 19.42 -26.33
C THR G 181 -11.07 19.05 -24.86
N GLU G 182 -10.40 18.00 -24.40
CA GLU G 182 -10.54 17.48 -23.05
C GLU G 182 -9.22 17.63 -22.32
N LEU G 183 -9.27 18.12 -21.08
CA LEU G 183 -8.10 18.24 -20.21
C LEU G 183 -8.32 17.43 -18.94
N PHE G 184 -7.44 16.50 -18.65
CA PHE G 184 -7.61 15.66 -17.46
C PHE G 184 -6.31 15.57 -16.65
N GLY G 185 -6.48 15.22 -15.38
CA GLY G 185 -5.38 15.09 -14.44
C GLY G 185 -5.89 15.04 -13.02
N GLU G 186 -4.98 14.76 -12.08
CA GLU G 186 -5.32 14.61 -10.68
C GLU G 186 -5.49 15.99 -10.04
N PHE G 187 -5.55 16.04 -8.70
CA PHE G 187 -5.92 17.26 -8.01
C PHE G 187 -4.77 18.27 -8.00
N ARG G 188 -5.14 19.55 -8.17
CA ARG G 188 -4.22 20.70 -8.27
C ARG G 188 -3.16 20.54 -9.36
N THR G 189 -3.57 20.18 -10.57
CA THR G 189 -2.65 20.08 -11.70
C THR G 189 -2.82 21.21 -12.72
N GLY G 190 -3.73 22.15 -12.50
CA GLY G 190 -3.84 23.31 -13.36
C GLY G 190 -4.99 23.33 -14.36
N LYS G 191 -5.97 22.42 -14.23
CA LYS G 191 -7.09 22.40 -15.18
C LYS G 191 -7.94 23.66 -15.06
N SER G 192 -8.38 23.99 -13.84
CA SER G 192 -9.25 25.14 -13.66
C SER G 192 -8.51 26.45 -13.92
N GLN G 193 -7.20 26.48 -13.68
CA GLN G 193 -6.42 27.67 -13.97
C GLN G 193 -6.31 27.94 -15.46
N LEU G 194 -6.07 26.89 -16.26
CA LEU G 194 -6.07 27.05 -17.72
C LEU G 194 -7.44 27.48 -18.21
N CYS G 195 -8.50 26.89 -17.66
CA CYS G 195 -9.84 27.32 -18.04
C CYS G 195 -10.10 28.78 -17.67
N HIS G 196 -9.52 29.27 -16.57
CA HIS G 196 -9.67 30.67 -16.20
C HIS G 196 -8.87 31.59 -17.13
N THR G 197 -7.71 31.14 -17.61
CA THR G 197 -6.94 31.95 -18.55
C THR G 197 -7.62 32.02 -19.91
N LEU G 198 -8.11 30.88 -20.40
CA LEU G 198 -8.79 30.87 -21.69
C LEU G 198 -10.00 31.79 -21.70
N ALA G 199 -10.62 32.04 -20.55
CA ALA G 199 -11.84 32.84 -20.52
C ALA G 199 -11.58 34.31 -20.79
N VAL G 200 -10.34 34.74 -20.81
CA VAL G 200 -9.98 36.15 -21.08
C VAL G 200 -9.48 36.33 -22.51
N THR G 201 -8.59 35.45 -22.96
CA THR G 201 -7.98 35.60 -24.28
C THR G 201 -8.99 35.48 -25.41
N CYS G 202 -10.17 34.92 -25.15
CA CYS G 202 -11.20 34.80 -26.16
C CYS G 202 -11.92 36.12 -26.44
N GLN G 203 -11.41 37.25 -25.93
CA GLN G 203 -11.96 38.56 -26.25
C GLN G 203 -10.95 39.52 -26.84
N ILE G 204 -9.66 39.22 -26.79
CA ILE G 204 -8.61 40.08 -27.32
C ILE G 204 -8.63 39.99 -28.84
N PRO G 205 -8.05 40.96 -29.56
CA PRO G 205 -8.20 41.01 -31.02
C PRO G 205 -7.51 39.84 -31.70
N LEU G 206 -7.74 39.75 -33.02
CA LEU G 206 -7.27 38.61 -33.80
C LEU G 206 -5.77 38.67 -34.08
N ASP G 207 -5.18 39.87 -34.14
CA ASP G 207 -3.78 39.99 -34.51
C ASP G 207 -2.83 39.37 -33.50
N ILE G 208 -3.29 39.06 -32.29
CA ILE G 208 -2.43 38.51 -31.25
C ILE G 208 -2.95 37.19 -30.71
N GLY G 209 -3.86 36.54 -31.44
CA GLY G 209 -4.40 35.26 -31.03
C GLY G 209 -5.76 35.30 -30.37
N GLY G 210 -6.41 36.46 -30.34
CA GLY G 210 -7.68 36.59 -29.66
C GLY G 210 -8.84 36.08 -30.49
N GLY G 211 -10.04 36.19 -29.91
CA GLY G 211 -11.25 35.71 -30.55
C GLY G 211 -12.33 36.75 -30.72
N GLU G 212 -12.32 37.78 -29.87
CA GLU G 212 -13.24 38.92 -29.98
C GLU G 212 -14.70 38.51 -29.72
N GLY G 213 -14.92 37.76 -28.64
CA GLY G 213 -16.24 37.28 -28.33
C GLY G 213 -16.59 37.21 -26.85
N LYS G 214 -17.22 36.12 -26.44
CA LYS G 214 -17.71 35.96 -25.07
C LYS G 214 -17.62 34.49 -24.68
N CYS G 215 -17.61 34.24 -23.37
CA CYS G 215 -17.44 32.90 -22.83
C CYS G 215 -18.69 32.47 -22.08
N LEU G 216 -18.95 31.17 -22.07
CA LEU G 216 -20.04 30.56 -21.32
C LEU G 216 -19.47 29.52 -20.39
N TYR G 217 -19.62 29.74 -19.08
CA TYR G 217 -18.95 28.96 -18.05
C TYR G 217 -19.98 28.18 -17.24
N ILE G 218 -19.78 26.87 -17.12
CA ILE G 218 -20.68 26.00 -16.36
C ILE G 218 -19.88 25.27 -15.29
N ASP G 219 -20.17 25.56 -14.02
CA ASP G 219 -19.44 25.03 -12.88
C ASP G 219 -20.31 24.06 -12.09
N THR G 220 -19.80 22.86 -11.84
CA THR G 220 -20.54 21.85 -11.08
C THR G 220 -19.80 21.43 -9.81
N GLU G 221 -18.86 22.24 -9.34
CA GLU G 221 -18.10 21.93 -8.13
C GLU G 221 -17.97 23.10 -7.17
N GLY G 222 -18.13 24.33 -7.62
CA GLY G 222 -18.02 25.48 -6.75
C GLY G 222 -16.66 26.14 -6.70
N THR G 223 -15.85 26.02 -7.76
CA THR G 223 -14.47 26.49 -7.74
C THR G 223 -14.21 27.65 -8.71
N PHE G 224 -15.25 28.36 -9.14
CA PHE G 224 -15.09 29.50 -10.04
C PHE G 224 -14.85 30.77 -9.24
N ARG G 225 -13.74 31.44 -9.51
CA ARG G 225 -13.31 32.61 -8.73
C ARG G 225 -13.10 33.82 -9.64
N PRO G 226 -13.93 34.87 -9.53
CA PRO G 226 -13.76 36.04 -10.39
C PRO G 226 -12.54 36.91 -10.07
N VAL G 227 -11.68 36.54 -9.12
CA VAL G 227 -10.53 37.38 -8.82
C VAL G 227 -9.33 36.99 -9.67
N ARG G 228 -9.20 35.70 -10.00
CA ARG G 228 -8.18 35.30 -10.96
C ARG G 228 -8.38 35.98 -12.31
N LEU G 229 -9.64 36.15 -12.71
CA LEU G 229 -9.92 36.86 -13.95
C LEU G 229 -9.46 38.31 -13.87
N VAL G 230 -9.64 38.94 -12.72
CA VAL G 230 -9.17 40.32 -12.53
C VAL G 230 -7.66 40.38 -12.65
N SER G 231 -6.96 39.43 -12.03
CA SER G 231 -5.50 39.43 -12.13
C SER G 231 -5.04 39.24 -13.57
N ILE G 232 -5.63 38.28 -14.28
CA ILE G 232 -5.16 37.93 -15.62
C ILE G 232 -5.52 38.99 -16.65
N ALA G 233 -6.67 39.66 -16.49
CA ALA G 233 -7.11 40.62 -17.50
C ALA G 233 -6.12 41.76 -17.67
N GLN G 234 -5.58 42.28 -16.56
CA GLN G 234 -4.64 43.39 -16.64
C GLN G 234 -3.32 42.99 -17.28
N ARG G 235 -2.97 41.70 -17.25
CA ARG G 235 -1.79 41.22 -17.94
C ARG G 235 -1.89 41.46 -19.44
N PHE G 236 -3.07 41.21 -20.03
CA PHE G 236 -3.29 41.36 -21.45
C PHE G 236 -3.81 42.74 -21.84
N GLY G 237 -4.03 43.63 -20.88
CA GLY G 237 -4.42 44.99 -21.20
C GLY G 237 -5.90 45.20 -21.40
N LEU G 238 -6.71 44.85 -20.40
CA LEU G 238 -8.14 44.98 -20.47
C LEU G 238 -8.64 45.73 -19.23
N ASP G 239 -9.79 46.37 -19.37
CA ASP G 239 -10.48 46.92 -18.21
C ASP G 239 -11.26 45.80 -17.53
N PRO G 240 -10.98 45.49 -16.26
CA PRO G 240 -11.56 44.27 -15.66
C PRO G 240 -13.09 44.27 -15.64
N ASP G 241 -13.73 45.43 -15.65
CA ASP G 241 -15.19 45.46 -15.67
C ASP G 241 -15.74 44.85 -16.95
N ASP G 242 -15.18 45.25 -18.10
CA ASP G 242 -15.61 44.64 -19.36
C ASP G 242 -15.31 43.14 -19.36
N ALA G 243 -14.13 42.75 -18.90
CA ALA G 243 -13.77 41.34 -18.89
C ALA G 243 -14.68 40.55 -17.97
N LEU G 244 -15.30 41.20 -16.97
CA LEU G 244 -16.20 40.50 -16.06
C LEU G 244 -17.62 40.44 -16.61
N ASN G 245 -18.07 41.51 -17.27
CA ASN G 245 -19.42 41.53 -17.82
C ASN G 245 -19.60 40.65 -19.04
N ASN G 246 -18.51 40.12 -19.60
CA ASN G 246 -18.56 39.34 -20.83
C ASN G 246 -18.50 37.84 -20.58
N VAL G 247 -18.88 37.39 -19.38
CA VAL G 247 -18.89 35.96 -19.06
C VAL G 247 -20.23 35.63 -18.44
N ALA G 248 -20.85 34.55 -18.91
CA ALA G 248 -22.10 34.05 -18.35
C ALA G 248 -21.81 32.83 -17.48
N TYR G 249 -22.28 32.86 -16.23
CA TYR G 249 -21.92 31.87 -15.23
C TYR G 249 -23.17 31.14 -14.75
N ALA G 250 -23.07 29.83 -14.54
CA ALA G 250 -24.19 29.08 -14.01
C ALA G 250 -23.70 27.88 -13.21
N ARG G 251 -24.41 27.59 -12.12
CA ARG G 251 -24.10 26.47 -11.24
C ARG G 251 -25.18 25.41 -11.37
N ALA G 252 -24.78 24.15 -11.40
CA ALA G 252 -25.70 23.03 -11.52
C ALA G 252 -25.63 22.16 -10.28
N TYR G 253 -26.75 21.50 -9.96
CA TYR G 253 -26.88 20.75 -8.72
C TYR G 253 -27.17 19.27 -8.91
N ASN G 254 -27.86 18.87 -9.97
CA ASN G 254 -27.98 17.46 -10.32
C ASN G 254 -27.82 17.33 -11.83
N ALA G 255 -27.83 16.09 -12.32
CA ALA G 255 -27.49 15.83 -13.72
C ALA G 255 -28.52 16.43 -14.67
N ASP G 256 -29.81 16.36 -14.33
CA ASP G 256 -30.85 16.85 -15.23
C ASP G 256 -30.78 18.36 -15.40
N HIS G 257 -30.42 19.09 -14.34
CA HIS G 257 -30.23 20.53 -14.44
C HIS G 257 -29.12 20.88 -15.43
N GLN G 258 -28.04 20.10 -15.40
CA GLN G 258 -26.91 20.30 -16.32
C GLN G 258 -27.37 20.22 -17.77
N LEU G 259 -28.17 19.21 -18.11
CA LEU G 259 -28.70 19.09 -19.46
C LEU G 259 -29.72 20.17 -19.77
N ARG G 260 -30.50 20.59 -18.78
CA ARG G 260 -31.50 21.64 -19.00
C ARG G 260 -30.88 22.97 -19.34
N LEU G 261 -29.70 23.28 -18.78
CA LEU G 261 -29.07 24.57 -19.03
C LEU G 261 -28.61 24.78 -20.47
N LEU G 262 -28.38 23.69 -21.22
CA LEU G 262 -27.86 23.82 -22.58
C LEU G 262 -28.85 24.51 -23.50
N ASP G 263 -30.15 24.34 -23.26
CA ASP G 263 -31.15 25.01 -24.10
C ASP G 263 -31.08 26.53 -23.94
N ALA G 264 -30.95 27.01 -22.70
CA ALA G 264 -30.78 28.44 -22.49
C ALA G 264 -29.48 28.94 -23.09
N ALA G 265 -28.41 28.14 -22.98
CA ALA G 265 -27.15 28.52 -23.62
C ALA G 265 -27.33 28.69 -25.12
N ALA G 266 -27.97 27.71 -25.77
CA ALA G 266 -28.20 27.78 -27.21
C ALA G 266 -29.05 28.99 -27.58
N GLN G 267 -30.06 29.30 -26.77
CA GLN G 267 -30.87 30.49 -27.03
C GLN G 267 -30.03 31.76 -26.91
N MET G 268 -29.12 31.81 -25.92
CA MET G 268 -28.29 32.99 -25.76
C MET G 268 -27.37 33.19 -26.95
N MET G 269 -26.75 32.11 -27.45
CA MET G 269 -25.74 32.24 -28.50
C MET G 269 -26.32 32.78 -29.80
N SER G 270 -27.62 32.71 -29.99
CA SER G 270 -28.23 33.13 -31.25
C SER G 270 -28.51 34.63 -31.32
N GLU G 271 -28.20 35.39 -30.26
CA GLU G 271 -28.43 36.83 -30.26
C GLU G 271 -27.16 37.66 -30.26
N SER G 272 -26.09 37.20 -29.62
CA SER G 272 -24.84 37.94 -29.56
C SER G 272 -23.69 36.98 -29.88
N ARG G 273 -22.52 37.56 -30.13
CA ARG G 273 -21.36 36.79 -30.56
C ARG G 273 -20.64 36.18 -29.36
N PHE G 274 -20.65 34.86 -29.26
CA PHE G 274 -19.86 34.11 -28.31
C PHE G 274 -18.76 33.37 -29.06
N SER G 275 -17.68 33.02 -28.36
CA SER G 275 -16.63 32.26 -29.03
C SER G 275 -15.98 31.18 -28.17
N LEU G 276 -16.62 30.74 -27.09
CA LEU G 276 -16.05 29.65 -26.30
C LEU G 276 -17.12 29.08 -25.38
N ILE G 277 -16.89 27.86 -24.91
CA ILE G 277 -17.78 27.18 -23.97
C ILE G 277 -16.95 26.25 -23.08
N VAL G 278 -17.06 26.45 -21.77
CA VAL G 278 -16.33 25.66 -20.78
C VAL G 278 -17.33 24.87 -19.93
N VAL G 279 -16.99 23.61 -19.65
CA VAL G 279 -17.78 22.76 -18.76
C VAL G 279 -16.85 22.13 -17.73
N ASP G 280 -16.96 22.58 -16.48
CA ASP G 280 -15.97 22.25 -15.44
C ASP G 280 -16.69 21.94 -14.13
N SER G 281 -16.79 20.67 -13.78
CA SER G 281 -16.35 19.44 -14.43
C SER G 281 -17.51 18.81 -15.18
N VAL G 282 -17.25 17.74 -15.92
CA VAL G 282 -18.29 17.12 -16.75
C VAL G 282 -18.84 15.83 -16.17
N MET G 283 -18.16 15.21 -15.19
CA MET G 283 -18.60 13.94 -14.64
C MET G 283 -18.80 13.97 -13.13
N ALA G 284 -18.80 15.16 -12.51
CA ALA G 284 -18.84 15.23 -11.05
C ALA G 284 -20.20 14.79 -10.49
N LEU G 285 -21.30 15.29 -11.07
CA LEU G 285 -22.62 14.97 -10.57
C LEU G 285 -23.11 13.60 -11.03
N TYR G 286 -22.60 13.08 -12.13
CA TYR G 286 -22.97 11.74 -12.57
C TYR G 286 -22.50 10.66 -11.59
N ARG G 287 -21.47 10.94 -10.80
CA ARG G 287 -20.91 9.95 -9.88
C ARG G 287 -21.94 9.48 -8.86
N THR G 288 -22.71 10.43 -8.29
CA THR G 288 -23.59 10.11 -7.17
C THR G 288 -25.07 10.03 -7.56
N ASP G 289 -25.48 10.67 -8.66
CA ASP G 289 -26.88 10.55 -9.07
C ASP G 289 -27.22 9.12 -9.48
N PHE G 290 -26.26 8.39 -10.03
CA PHE G 290 -26.41 6.98 -10.33
C PHE G 290 -25.39 6.21 -9.50
N SER G 291 -25.83 5.18 -8.81
CA SER G 291 -24.99 4.47 -7.84
C SER G 291 -25.11 2.97 -8.06
N GLY G 292 -23.97 2.32 -8.34
CA GLY G 292 -23.90 0.88 -8.40
C GLY G 292 -24.00 0.33 -9.81
N ARG G 293 -23.84 -0.99 -9.89
CA ARG G 293 -23.87 -1.70 -11.16
C ARG G 293 -25.25 -1.67 -11.79
N GLY G 294 -26.30 -1.54 -10.99
CA GLY G 294 -27.65 -1.59 -11.51
C GLY G 294 -28.12 -0.33 -12.22
N GLU G 295 -27.33 0.73 -12.20
CA GLU G 295 -27.69 1.98 -12.85
C GLU G 295 -26.65 2.45 -13.86
N LEU G 296 -25.72 1.58 -14.25
CA LEU G 296 -24.65 1.99 -15.17
C LEU G 296 -25.18 2.29 -16.56
N SER G 297 -26.10 1.46 -17.06
CA SER G 297 -26.62 1.65 -18.41
C SER G 297 -27.30 3.01 -18.56
N ALA G 298 -28.17 3.35 -17.61
CA ALA G 298 -28.88 4.62 -17.69
C ALA G 298 -27.91 5.79 -17.56
N ARG G 299 -26.90 5.65 -16.70
CA ARG G 299 -25.89 6.71 -16.57
C ARG G 299 -25.18 6.94 -17.90
N GLN G 300 -24.73 5.87 -18.56
CA GLN G 300 -23.96 6.03 -19.78
C GLN G 300 -24.83 6.53 -20.94
N MET G 301 -26.11 6.14 -20.97
CA MET G 301 -26.98 6.66 -22.02
C MET G 301 -27.37 8.12 -21.77
N HIS G 302 -27.41 8.55 -20.52
CA HIS G 302 -27.67 9.96 -20.23
C HIS G 302 -26.50 10.83 -20.66
N LEU G 303 -25.27 10.33 -20.53
CA LEU G 303 -24.09 11.11 -20.85
C LEU G 303 -23.92 11.32 -22.36
N ALA G 304 -24.35 10.37 -23.18
CA ALA G 304 -24.18 10.47 -24.62
C ALA G 304 -24.95 11.65 -25.20
N LYS G 305 -26.16 11.91 -24.70
CA LYS G 305 -26.97 13.01 -25.20
C LYS G 305 -26.30 14.36 -24.94
N PHE G 306 -25.68 14.51 -23.77
CA PHE G 306 -24.97 15.74 -23.43
C PHE G 306 -23.87 16.04 -24.44
N MET G 307 -23.03 15.04 -24.74
CA MET G 307 -21.93 15.23 -25.68
C MET G 307 -22.45 15.52 -27.08
N ARG G 308 -23.51 14.81 -27.51
CA ARG G 308 -24.07 15.07 -28.83
C ARG G 308 -24.59 16.51 -28.94
N ALA G 309 -25.25 17.01 -27.89
CA ALA G 309 -25.73 18.38 -27.93
C ALA G 309 -24.59 19.39 -27.97
N LEU G 310 -23.51 19.13 -27.23
CA LEU G 310 -22.35 20.00 -27.32
C LEU G 310 -21.79 20.06 -28.73
N GLN G 311 -21.65 18.89 -29.37
CA GLN G 311 -21.14 18.86 -30.73
C GLN G 311 -22.07 19.60 -31.70
N ARG G 312 -23.39 19.45 -31.52
CA ARG G 312 -24.31 20.21 -32.35
C ARG G 312 -24.11 21.71 -32.19
N LEU G 313 -23.92 22.18 -30.96
CA LEU G 313 -23.69 23.61 -30.77
C LEU G 313 -22.39 24.05 -31.45
N ALA G 314 -21.34 23.24 -31.35
CA ALA G 314 -20.08 23.58 -32.03
C ALA G 314 -20.27 23.67 -33.53
N ASP G 315 -21.02 22.73 -34.11
CA ASP G 315 -21.31 22.77 -35.55
C ASP G 315 -22.10 24.02 -35.93
N GLN G 316 -23.10 24.38 -35.12
CA GLN G 316 -24.03 25.43 -35.52
C GLN G 316 -23.37 26.81 -35.54
N PHE G 317 -22.61 27.13 -34.49
CA PHE G 317 -22.12 28.50 -34.30
C PHE G 317 -20.61 28.65 -34.47
N GLY G 318 -19.86 27.56 -34.57
CA GLY G 318 -18.42 27.67 -34.73
C GLY G 318 -17.69 28.23 -33.52
N VAL G 319 -17.68 27.48 -32.42
CA VAL G 319 -17.02 27.89 -31.19
C VAL G 319 -16.15 26.74 -30.70
N ALA G 320 -15.19 27.08 -29.85
CA ALA G 320 -14.38 26.06 -29.18
C ALA G 320 -15.11 25.51 -27.97
N VAL G 321 -14.93 24.22 -27.71
CA VAL G 321 -15.60 23.54 -26.60
C VAL G 321 -14.53 22.84 -25.76
N VAL G 322 -14.38 23.28 -24.51
CA VAL G 322 -13.35 22.76 -23.61
C VAL G 322 -14.03 22.16 -22.37
N VAL G 323 -13.67 20.93 -22.02
CA VAL G 323 -14.20 20.27 -20.84
C VAL G 323 -13.04 19.79 -19.96
N THR G 324 -13.39 19.36 -18.75
CA THR G 324 -12.44 18.91 -17.74
C THR G 324 -12.91 17.58 -17.18
N ASN G 325 -11.97 16.81 -16.61
CA ASN G 325 -12.30 15.48 -16.12
C ASN G 325 -11.45 15.15 -14.89
N GLN G 326 -11.96 14.19 -14.10
CA GLN G 326 -11.29 13.65 -12.93
C GLN G 326 -10.75 12.26 -13.22
N VAL G 327 -9.99 11.72 -12.26
CA VAL G 327 -9.27 10.46 -12.45
C VAL G 327 -9.59 9.52 -11.29
N VAL G 328 -9.30 8.24 -11.50
CA VAL G 328 -9.38 7.22 -10.46
C VAL G 328 -8.09 6.39 -10.50
N ALA G 329 -8.05 5.38 -9.64
CA ALA G 329 -6.89 4.51 -9.54
C ALA G 329 -7.18 3.16 -10.18
N GLN G 330 -6.20 2.62 -10.88
CA GLN G 330 -6.30 1.28 -11.46
C GLN G 330 -5.87 0.27 -10.41
N VAL G 331 -6.83 -0.49 -9.89
CA VAL G 331 -6.56 -1.42 -8.79
C VAL G 331 -6.42 -2.84 -9.32
N PRO G 341 -0.63 4.96 -13.65
CA PRO G 341 -1.36 4.31 -12.55
C PRO G 341 -2.76 4.88 -12.35
N LYS G 342 -3.09 5.95 -13.06
CA LYS G 342 -4.38 6.61 -12.96
C LYS G 342 -4.94 6.85 -14.34
N LYS G 343 -6.28 6.86 -14.43
CA LYS G 343 -6.97 7.06 -15.68
C LYS G 343 -8.18 7.96 -15.47
N PRO G 344 -8.64 8.63 -16.53
CA PRO G 344 -9.86 9.44 -16.41
C PRO G 344 -11.12 8.59 -16.37
N ILE G 345 -12.21 9.19 -15.90
CA ILE G 345 -13.48 8.50 -15.73
C ILE G 345 -14.39 8.85 -16.90
N GLY G 346 -15.39 7.98 -17.12
CA GLY G 346 -16.38 8.22 -18.16
C GLY G 346 -16.55 7.10 -19.16
N GLY G 347 -15.56 6.23 -19.29
CA GLY G 347 -15.68 5.07 -20.16
C GLY G 347 -15.46 5.35 -21.63
N ASN G 348 -15.91 4.38 -22.44
CA ASN G 348 -15.73 4.44 -23.88
C ASN G 348 -16.56 5.55 -24.51
N ILE G 349 -17.74 5.83 -23.94
CA ILE G 349 -18.56 6.94 -24.43
C ILE G 349 -17.78 8.23 -24.42
N MET G 350 -17.05 8.49 -23.32
CA MET G 350 -16.26 9.71 -23.22
C MET G 350 -14.99 9.63 -24.08
N ALA G 351 -14.36 8.46 -24.12
CA ALA G 351 -13.11 8.31 -24.86
C ALA G 351 -13.32 8.56 -26.35
N HIS G 352 -14.45 8.13 -26.91
CA HIS G 352 -14.69 8.23 -28.33
C HIS G 352 -15.24 9.57 -28.79
N SER G 353 -15.71 10.43 -27.89
CA SER G 353 -16.47 11.61 -28.29
C SER G 353 -15.63 12.88 -28.39
N SER G 354 -14.48 12.95 -27.75
CA SER G 354 -13.65 14.15 -27.80
C SER G 354 -12.69 14.11 -28.99
N THR G 355 -12.42 15.29 -29.54
CA THR G 355 -11.49 15.40 -30.66
C THR G 355 -10.05 15.38 -30.19
N THR G 356 -9.68 16.23 -29.24
CA THR G 356 -8.32 16.27 -28.71
C THR G 356 -8.32 15.99 -27.22
N ARG G 357 -7.30 15.28 -26.73
CA ARG G 357 -7.16 14.94 -25.32
C ARG G 357 -5.77 15.32 -24.82
N LEU G 358 -5.71 15.98 -23.66
CA LEU G 358 -4.44 16.36 -23.04
C LEU G 358 -4.44 15.99 -21.56
N GLY G 359 -3.32 15.43 -21.10
CA GLY G 359 -3.12 15.08 -19.70
C GLY G 359 -2.15 16.03 -19.03
N PHE G 360 -2.43 16.35 -17.77
CA PHE G 360 -1.61 17.26 -16.97
C PHE G 360 -0.90 16.49 -15.86
N LYS G 361 0.23 17.02 -15.40
CA LYS G 361 0.95 16.42 -14.29
C LYS G 361 1.72 17.48 -13.52
N LYS G 362 2.05 17.15 -12.28
CA LYS G 362 2.70 18.07 -11.34
C LYS G 362 4.21 18.00 -11.48
N GLY G 363 4.84 19.18 -11.59
CA GLY G 363 6.28 19.25 -11.79
C GLY G 363 7.07 19.54 -10.54
N LYS G 364 7.79 20.65 -10.51
CA LYS G 364 8.63 21.03 -9.39
C LYS G 364 8.41 22.51 -9.10
N GLY G 365 7.87 22.81 -7.93
CA GLY G 365 7.47 24.17 -7.61
C GLY G 365 6.19 24.52 -8.29
N CYS G 366 6.18 25.61 -9.07
CA CYS G 366 5.00 26.04 -9.81
C CYS G 366 4.99 25.53 -11.24
N GLN G 367 5.81 24.53 -11.56
CA GLN G 367 5.97 24.03 -12.92
C GLN G 367 5.11 22.78 -13.12
N ARG G 368 4.48 22.70 -14.30
CA ARG G 368 3.58 21.61 -14.64
C ARG G 368 3.97 21.02 -15.98
N LEU G 369 3.54 19.78 -16.21
CA LEU G 369 3.81 19.08 -17.46
C LEU G 369 2.50 18.82 -18.21
N CYS G 370 2.56 18.88 -19.55
CA CYS G 370 1.42 18.65 -20.41
C CYS G 370 1.79 17.71 -21.54
N LYS G 371 0.91 16.75 -21.85
CA LYS G 371 1.15 15.73 -22.84
C LYS G 371 0.01 15.69 -23.86
N VAL G 372 0.31 15.16 -25.04
CA VAL G 372 -0.68 14.95 -26.10
C VAL G 372 -1.00 13.46 -26.15
N VAL G 373 -2.23 13.10 -25.79
CA VAL G 373 -2.62 11.69 -25.69
C VAL G 373 -3.47 11.23 -26.86
N ASP G 374 -4.06 12.15 -27.63
CA ASP G 374 -4.93 11.78 -28.73
C ASP G 374 -5.16 13.01 -29.60
N SER G 375 -5.06 12.84 -30.91
CA SER G 375 -5.28 13.93 -31.85
C SER G 375 -5.59 13.33 -33.22
N PRO G 376 -6.27 14.09 -34.09
CA PRO G 376 -6.47 13.63 -35.46
C PRO G 376 -5.26 13.85 -36.38
N CYS G 377 -4.54 14.95 -36.19
CA CYS G 377 -3.43 15.32 -37.08
C CYS G 377 -2.24 15.87 -36.29
N LEU G 378 -1.93 15.26 -35.15
CA LEU G 378 -0.79 15.69 -34.35
C LEU G 378 -0.01 14.48 -33.85
N PRO G 379 1.29 14.61 -33.67
CA PRO G 379 2.07 13.55 -33.03
C PRO G 379 2.19 13.76 -31.52
N GLU G 380 2.59 12.70 -30.83
CA GLU G 380 2.84 12.80 -29.41
C GLU G 380 3.97 13.78 -29.12
N ALA G 381 3.83 14.53 -28.03
CA ALA G 381 4.87 15.47 -27.65
C ALA G 381 4.48 16.12 -26.33
N GLU G 382 5.49 16.65 -25.63
CA GLU G 382 5.31 17.18 -24.28
C GLU G 382 5.98 18.54 -24.17
N CYS G 383 5.56 19.32 -23.19
CA CYS G 383 6.11 20.64 -22.96
C CYS G 383 6.11 20.91 -21.46
N VAL G 384 6.24 22.18 -21.08
CA VAL G 384 6.30 22.59 -19.69
C VAL G 384 5.80 24.03 -19.59
N PHE G 385 4.85 24.28 -18.70
CA PHE G 385 4.33 25.62 -18.46
C PHE G 385 4.35 25.91 -16.95
N ALA G 386 3.84 27.07 -16.57
CA ALA G 386 3.88 27.48 -15.17
C ALA G 386 2.65 28.31 -14.82
N ILE G 387 2.28 28.26 -13.54
CA ILE G 387 1.16 29.00 -12.97
C ILE G 387 1.72 30.14 -12.15
N TYR G 388 1.25 31.35 -12.43
CA TYR G 388 1.63 32.55 -11.70
C TYR G 388 0.37 33.27 -11.23
N GLU G 389 0.56 34.29 -10.41
CA GLU G 389 -0.57 35.07 -9.95
C GLU G 389 -1.31 35.77 -11.09
N ASP G 390 -0.70 35.88 -12.27
CA ASP G 390 -1.36 36.48 -13.42
C ASP G 390 -1.68 35.44 -14.50
N GLY G 391 -1.72 34.16 -14.17
CA GLY G 391 -2.28 33.16 -15.05
C GLY G 391 -1.23 32.17 -15.53
N VAL G 392 -1.44 31.66 -16.74
CA VAL G 392 -0.59 30.65 -17.33
C VAL G 392 0.52 31.31 -18.13
N GLY G 393 1.75 30.81 -17.99
CA GLY G 393 2.88 31.37 -18.70
C GLY G 393 3.96 30.34 -18.92
N ASP G 394 5.08 30.80 -19.47
CA ASP G 394 6.23 29.93 -19.66
C ASP G 394 7.06 29.86 -18.38
N PRO G 395 7.82 28.79 -18.20
CA PRO G 395 8.67 28.69 -17.01
C PRO G 395 9.84 29.67 -17.05
N ARG G 396 9.72 30.75 -16.28
CA ARG G 396 10.74 31.80 -16.19
C ARG G 396 11.50 32.03 -17.49
#